data_2E56
# 
_entry.id   2E56 
# 
_audit_conform.dict_name       mmcif_pdbx.dic 
_audit_conform.dict_version    5.398 
_audit_conform.dict_location   http://mmcif.pdb.org/dictionaries/ascii/mmcif_pdbx.dic 
# 
loop_
_database_2.database_id 
_database_2.database_code 
_database_2.pdbx_database_accession 
_database_2.pdbx_DOI 
PDB   2E56         pdb_00002e56 10.2210/pdb2e56/pdb 
RCSB  RCSB026238   ?            ?                   
WWPDB D_1000026238 ?            ?                   
# 
loop_
_pdbx_audit_revision_history.ordinal 
_pdbx_audit_revision_history.data_content_type 
_pdbx_audit_revision_history.major_revision 
_pdbx_audit_revision_history.minor_revision 
_pdbx_audit_revision_history.revision_date 
1 'Structure model' 1 0 2007-06-26 
2 'Structure model' 1 1 2008-04-30 
3 'Structure model' 1 2 2011-07-13 
4 'Structure model' 1 3 2020-07-29 
5 'Structure model' 1 4 2024-11-06 
# 
loop_
_pdbx_audit_revision_details.ordinal 
_pdbx_audit_revision_details.revision_ordinal 
_pdbx_audit_revision_details.data_content_type 
_pdbx_audit_revision_details.provider 
_pdbx_audit_revision_details.type 
_pdbx_audit_revision_details.description 
_pdbx_audit_revision_details.details 
1 1 'Structure model' repository 'Initial release' ?                          ? 
2 4 'Structure model' repository Remediation       'Carbohydrate remediation' ? 
# 
loop_
_pdbx_audit_revision_group.ordinal 
_pdbx_audit_revision_group.revision_ordinal 
_pdbx_audit_revision_group.data_content_type 
_pdbx_audit_revision_group.group 
1 2 'Structure model' 'Version format compliance' 
2 3 'Structure model' 'Non-polymer description'   
3 3 'Structure model' 'Version format compliance' 
4 4 'Structure model' 'Data collection'           
5 4 'Structure model' 'Derived calculations'      
6 4 'Structure model' 'Structure summary'         
7 5 'Structure model' 'Data collection'           
8 5 'Structure model' 'Database references'       
9 5 'Structure model' 'Structure summary'         
# 
loop_
_pdbx_audit_revision_category.ordinal 
_pdbx_audit_revision_category.revision_ordinal 
_pdbx_audit_revision_category.data_content_type 
_pdbx_audit_revision_category.category 
1  4 'Structure model' chem_comp                 
2  4 'Structure model' entity                    
3  4 'Structure model' pdbx_chem_comp_identifier 
4  4 'Structure model' pdbx_entity_nonpoly       
5  4 'Structure model' struct_conn               
6  4 'Structure model' struct_site               
7  4 'Structure model' struct_site_gen           
8  5 'Structure model' chem_comp                 
9  5 'Structure model' chem_comp_atom            
10 5 'Structure model' chem_comp_bond            
11 5 'Structure model' database_2                
12 5 'Structure model' pdbx_entry_details        
13 5 'Structure model' pdbx_modification_feature 
# 
loop_
_pdbx_audit_revision_item.ordinal 
_pdbx_audit_revision_item.revision_ordinal 
_pdbx_audit_revision_item.data_content_type 
_pdbx_audit_revision_item.item 
1 4 'Structure model' '_chem_comp.name'                     
2 4 'Structure model' '_chem_comp.type'                     
3 4 'Structure model' '_entity.pdbx_description'            
4 4 'Structure model' '_pdbx_entity_nonpoly.name'           
5 4 'Structure model' '_struct_conn.pdbx_leaving_atom_flag' 
6 4 'Structure model' '_struct_conn.pdbx_role'              
7 5 'Structure model' '_chem_comp.pdbx_synonyms'            
8 5 'Structure model' '_database_2.pdbx_DOI'                
9 5 'Structure model' '_database_2.pdbx_database_accession' 
# 
_pdbx_database_status.status_code                     REL 
_pdbx_database_status.entry_id                        2E56 
_pdbx_database_status.recvd_initial_deposition_date   2006-12-19 
_pdbx_database_status.deposit_site                    PDBJ 
_pdbx_database_status.process_site                    PDBJ 
_pdbx_database_status.status_code_sf                  REL 
_pdbx_database_status.status_code_mr                  ? 
_pdbx_database_status.SG_entry                        ? 
_pdbx_database_status.pdb_format_compatible           Y 
_pdbx_database_status.status_code_cs                  ? 
_pdbx_database_status.status_code_nmr_data            ? 
_pdbx_database_status.methods_development_category    ? 
# 
_pdbx_database_related.db_name        PDB 
_pdbx_database_related.db_id          2E59 
_pdbx_database_related.details        'the same protein in complex with lipid IVa' 
_pdbx_database_related.content_type   unspecified 
# 
loop_
_audit_author.name 
_audit_author.pdbx_ordinal 
'Ohto, U.'  1 
'Satow, Y.' 2 
# 
_citation.id                        primary 
_citation.title                     'Crystal structures of human MD-2 and its complex with antiendotoxic lipid IVa.' 
_citation.journal_abbrev            Science 
_citation.journal_volume            316 
_citation.page_first                1632 
_citation.page_last                 1634 
_citation.year                      2007 
_citation.journal_id_ASTM           SCIEAS 
_citation.country                   US 
_citation.journal_id_ISSN           0036-8075 
_citation.journal_id_CSD            0038 
_citation.book_publisher            ? 
_citation.pdbx_database_id_PubMed   17569869 
_citation.pdbx_database_id_DOI      10.1126/science.1139111 
# 
loop_
_citation_author.citation_id 
_citation_author.name 
_citation_author.ordinal 
_citation_author.identifier_ORCID 
primary 'Ohto, U.'   1 ? 
primary 'Fukase, K.' 2 ? 
primary 'Miyake, K.' 3 ? 
primary 'Satow, Y.'  4 ? 
# 
loop_
_entity.id 
_entity.type 
_entity.src_method 
_entity.pdbx_description 
_entity.formula_weight 
_entity.pdbx_number_of_molecules 
_entity.pdbx_ec 
_entity.pdbx_mutation 
_entity.pdbx_fragment 
_entity.details 
1 polymer     man 'Lymphocyte antigen 96'                  16586.135 1   ? ? ? ? 
2 non-polymer man 2-acetamido-2-deoxy-beta-D-glucopyranose 221.208   2   ? ? ? ? 
3 non-polymer syn 'MYRISTIC ACID'                          228.371   3   ? ? ? ? 
4 water       nat water                                    18.015    143 ? ? ? ? 
# 
_entity_name_com.entity_id   1 
_entity_name_com.name        'MD-2 protein, ESOP-1' 
# 
_entity_poly.entity_id                      1 
_entity_poly.type                           'polypeptide(L)' 
_entity_poly.nstd_linkage                   no 
_entity_poly.nstd_monomer                   no 
_entity_poly.pdbx_seq_one_letter_code       
;EAQKQYWVCNSSDASISYTYCDKMQYPISINVNPCIELKGSKGLLHIFYIPRRDLKQLYFNLYITVNTMNLPKRKEVICR
GSDDDYSFCRALKGETVNTTISFSFKGIKFSKGKYKCVVEAISGSPEEMLFCLEFVILHQPNSN
;
_entity_poly.pdbx_seq_one_letter_code_can   
;EAQKQYWVCNSSDASISYTYCDKMQYPISINVNPCIELKGSKGLLHIFYIPRRDLKQLYFNLYITVNTMNLPKRKEVICR
GSDDDYSFCRALKGETVNTTISFSFKGIKFSKGKYKCVVEAISGSPEEMLFCLEFVILHQPNSN
;
_entity_poly.pdbx_strand_id                 A 
_entity_poly.pdbx_target_identifier         ? 
# 
loop_
_pdbx_entity_nonpoly.entity_id 
_pdbx_entity_nonpoly.name 
_pdbx_entity_nonpoly.comp_id 
2 2-acetamido-2-deoxy-beta-D-glucopyranose NAG 
3 'MYRISTIC ACID'                          MYR 
4 water                                    HOH 
# 
loop_
_entity_poly_seq.entity_id 
_entity_poly_seq.num 
_entity_poly_seq.mon_id 
_entity_poly_seq.hetero 
1 1   GLU n 
1 2   ALA n 
1 3   GLN n 
1 4   LYS n 
1 5   GLN n 
1 6   TYR n 
1 7   TRP n 
1 8   VAL n 
1 9   CYS n 
1 10  ASN n 
1 11  SER n 
1 12  SER n 
1 13  ASP n 
1 14  ALA n 
1 15  SER n 
1 16  ILE n 
1 17  SER n 
1 18  TYR n 
1 19  THR n 
1 20  TYR n 
1 21  CYS n 
1 22  ASP n 
1 23  LYS n 
1 24  MET n 
1 25  GLN n 
1 26  TYR n 
1 27  PRO n 
1 28  ILE n 
1 29  SER n 
1 30  ILE n 
1 31  ASN n 
1 32  VAL n 
1 33  ASN n 
1 34  PRO n 
1 35  CYS n 
1 36  ILE n 
1 37  GLU n 
1 38  LEU n 
1 39  LYS n 
1 40  GLY n 
1 41  SER n 
1 42  LYS n 
1 43  GLY n 
1 44  LEU n 
1 45  LEU n 
1 46  HIS n 
1 47  ILE n 
1 48  PHE n 
1 49  TYR n 
1 50  ILE n 
1 51  PRO n 
1 52  ARG n 
1 53  ARG n 
1 54  ASP n 
1 55  LEU n 
1 56  LYS n 
1 57  GLN n 
1 58  LEU n 
1 59  TYR n 
1 60  PHE n 
1 61  ASN n 
1 62  LEU n 
1 63  TYR n 
1 64  ILE n 
1 65  THR n 
1 66  VAL n 
1 67  ASN n 
1 68  THR n 
1 69  MET n 
1 70  ASN n 
1 71  LEU n 
1 72  PRO n 
1 73  LYS n 
1 74  ARG n 
1 75  LYS n 
1 76  GLU n 
1 77  VAL n 
1 78  ILE n 
1 79  CYS n 
1 80  ARG n 
1 81  GLY n 
1 82  SER n 
1 83  ASP n 
1 84  ASP n 
1 85  ASP n 
1 86  TYR n 
1 87  SER n 
1 88  PHE n 
1 89  CYS n 
1 90  ARG n 
1 91  ALA n 
1 92  LEU n 
1 93  LYS n 
1 94  GLY n 
1 95  GLU n 
1 96  THR n 
1 97  VAL n 
1 98  ASN n 
1 99  THR n 
1 100 THR n 
1 101 ILE n 
1 102 SER n 
1 103 PHE n 
1 104 SER n 
1 105 PHE n 
1 106 LYS n 
1 107 GLY n 
1 108 ILE n 
1 109 LYS n 
1 110 PHE n 
1 111 SER n 
1 112 LYS n 
1 113 GLY n 
1 114 LYS n 
1 115 TYR n 
1 116 LYS n 
1 117 CYS n 
1 118 VAL n 
1 119 VAL n 
1 120 GLU n 
1 121 ALA n 
1 122 ILE n 
1 123 SER n 
1 124 GLY n 
1 125 SER n 
1 126 PRO n 
1 127 GLU n 
1 128 GLU n 
1 129 MET n 
1 130 LEU n 
1 131 PHE n 
1 132 CYS n 
1 133 LEU n 
1 134 GLU n 
1 135 PHE n 
1 136 VAL n 
1 137 ILE n 
1 138 LEU n 
1 139 HIS n 
1 140 GLN n 
1 141 PRO n 
1 142 ASN n 
1 143 SER n 
1 144 ASN n 
# 
_entity_src_gen.entity_id                          1 
_entity_src_gen.pdbx_src_id                        1 
_entity_src_gen.pdbx_alt_source_flag               sample 
_entity_src_gen.pdbx_seq_type                      ? 
_entity_src_gen.pdbx_beg_seq_num                   ? 
_entity_src_gen.pdbx_end_seq_num                   ? 
_entity_src_gen.gene_src_common_name               human 
_entity_src_gen.gene_src_genus                     Homo 
_entity_src_gen.pdbx_gene_src_gene                 'LY96, ESOP1, MD2' 
_entity_src_gen.gene_src_species                   ? 
_entity_src_gen.gene_src_strain                    ? 
_entity_src_gen.gene_src_tissue                    ? 
_entity_src_gen.gene_src_tissue_fraction           ? 
_entity_src_gen.gene_src_details                   ? 
_entity_src_gen.pdbx_gene_src_fragment             ? 
_entity_src_gen.pdbx_gene_src_scientific_name      'Homo sapiens' 
_entity_src_gen.pdbx_gene_src_ncbi_taxonomy_id     9606 
_entity_src_gen.pdbx_gene_src_variant              ? 
_entity_src_gen.pdbx_gene_src_cell_line            ? 
_entity_src_gen.pdbx_gene_src_atcc                 ? 
_entity_src_gen.pdbx_gene_src_organ                ? 
_entity_src_gen.pdbx_gene_src_organelle            ? 
_entity_src_gen.pdbx_gene_src_cell                 ? 
_entity_src_gen.pdbx_gene_src_cellular_location    ? 
_entity_src_gen.host_org_common_name               ? 
_entity_src_gen.pdbx_host_org_scientific_name      'Pichia pastoris' 
_entity_src_gen.pdbx_host_org_ncbi_taxonomy_id     4922 
_entity_src_gen.host_org_genus                     Pichia 
_entity_src_gen.pdbx_host_org_gene                 ? 
_entity_src_gen.pdbx_host_org_organ                ? 
_entity_src_gen.host_org_species                   ? 
_entity_src_gen.pdbx_host_org_tissue               ? 
_entity_src_gen.pdbx_host_org_tissue_fraction      ? 
_entity_src_gen.pdbx_host_org_strain               ? 
_entity_src_gen.pdbx_host_org_variant              ? 
_entity_src_gen.pdbx_host_org_cell_line            ? 
_entity_src_gen.pdbx_host_org_atcc                 ? 
_entity_src_gen.pdbx_host_org_culture_collection   ? 
_entity_src_gen.pdbx_host_org_cell                 ? 
_entity_src_gen.pdbx_host_org_organelle            ? 
_entity_src_gen.pdbx_host_org_cellular_location    ? 
_entity_src_gen.pdbx_host_org_vector_type          plasmid 
_entity_src_gen.pdbx_host_org_vector               ? 
_entity_src_gen.host_org_details                   ? 
_entity_src_gen.expression_system_id               ? 
_entity_src_gen.plasmid_name                       'pPIC9, pPICZa, pPIC6a' 
_entity_src_gen.plasmid_details                    ? 
_entity_src_gen.pdbx_description                   ? 
# 
loop_
_chem_comp.id 
_chem_comp.type 
_chem_comp.mon_nstd_flag 
_chem_comp.name 
_chem_comp.pdbx_synonyms 
_chem_comp.formula 
_chem_comp.formula_weight 
ALA 'L-peptide linking'          y ALANINE                                  ? 'C3 H7 N O2'     89.093  
ARG 'L-peptide linking'          y ARGININE                                 ? 'C6 H15 N4 O2 1' 175.209 
ASN 'L-peptide linking'          y ASPARAGINE                               ? 'C4 H8 N2 O3'    132.118 
ASP 'L-peptide linking'          y 'ASPARTIC ACID'                          ? 'C4 H7 N O4'     133.103 
CYS 'L-peptide linking'          y CYSTEINE                                 ? 'C3 H7 N O2 S'   121.158 
GLN 'L-peptide linking'          y GLUTAMINE                                ? 'C5 H10 N2 O3'   146.144 
GLU 'L-peptide linking'          y 'GLUTAMIC ACID'                          ? 'C5 H9 N O4'     147.129 
GLY 'peptide linking'            y GLYCINE                                  ? 'C2 H5 N O2'     75.067  
HIS 'L-peptide linking'          y HISTIDINE                                ? 'C6 H10 N3 O2 1' 156.162 
HOH non-polymer                  . WATER                                    ? 'H2 O'           18.015  
ILE 'L-peptide linking'          y ISOLEUCINE                               ? 'C6 H13 N O2'    131.173 
LEU 'L-peptide linking'          y LEUCINE                                  ? 'C6 H13 N O2'    131.173 
LYS 'L-peptide linking'          y LYSINE                                   ? 'C6 H15 N2 O2 1' 147.195 
MET 'L-peptide linking'          y METHIONINE                               ? 'C5 H11 N O2 S'  149.211 
MYR non-polymer                  . 'MYRISTIC ACID'                          ? 'C14 H28 O2'     228.371 
NAG 'D-saccharide, beta linking' . 2-acetamido-2-deoxy-beta-D-glucopyranose 
;N-acetyl-beta-D-glucosamine; 2-acetamido-2-deoxy-beta-D-glucose; 2-acetamido-2-deoxy-D-glucose; 2-acetamido-2-deoxy-glucose; N-ACETYL-D-GLUCOSAMINE
;
'C8 H15 N O6'    221.208 
PHE 'L-peptide linking'          y PHENYLALANINE                            ? 'C9 H11 N O2'    165.189 
PRO 'L-peptide linking'          y PROLINE                                  ? 'C5 H9 N O2'     115.130 
SER 'L-peptide linking'          y SERINE                                   ? 'C3 H7 N O3'     105.093 
THR 'L-peptide linking'          y THREONINE                                ? 'C4 H9 N O3'     119.119 
TRP 'L-peptide linking'          y TRYPTOPHAN                               ? 'C11 H12 N2 O2'  204.225 
TYR 'L-peptide linking'          y TYROSINE                                 ? 'C9 H11 N O3'    181.189 
VAL 'L-peptide linking'          y VALINE                                   ? 'C5 H11 N O2'    117.146 
# 
loop_
_pdbx_chem_comp_identifier.comp_id 
_pdbx_chem_comp_identifier.type 
_pdbx_chem_comp_identifier.program 
_pdbx_chem_comp_identifier.program_version 
_pdbx_chem_comp_identifier.identifier 
NAG 'CONDENSED IUPAC CARBOHYDRATE SYMBOL' GMML     1.0 DGlcpNAcb                      
NAG 'COMMON NAME'                         GMML     1.0 N-acetyl-b-D-glucopyranosamine 
NAG 'IUPAC CARBOHYDRATE SYMBOL'           PDB-CARE 1.0 b-D-GlcpNAc                    
NAG 'SNFG CARBOHYDRATE SYMBOL'            GMML     1.0 GlcNAc                         
# 
loop_
_pdbx_poly_seq_scheme.asym_id 
_pdbx_poly_seq_scheme.entity_id 
_pdbx_poly_seq_scheme.seq_id 
_pdbx_poly_seq_scheme.mon_id 
_pdbx_poly_seq_scheme.ndb_seq_num 
_pdbx_poly_seq_scheme.pdb_seq_num 
_pdbx_poly_seq_scheme.auth_seq_num 
_pdbx_poly_seq_scheme.pdb_mon_id 
_pdbx_poly_seq_scheme.auth_mon_id 
_pdbx_poly_seq_scheme.pdb_strand_id 
_pdbx_poly_seq_scheme.pdb_ins_code 
_pdbx_poly_seq_scheme.hetero 
A 1 1   GLU 1   17  17  GLU GLU A . n 
A 1 2   ALA 2   18  18  ALA ALA A . n 
A 1 3   GLN 3   19  19  GLN GLN A . n 
A 1 4   LYS 4   20  20  LYS LYS A . n 
A 1 5   GLN 5   21  21  GLN GLN A . n 
A 1 6   TYR 6   22  22  TYR TYR A . n 
A 1 7   TRP 7   23  23  TRP TRP A . n 
A 1 8   VAL 8   24  24  VAL VAL A . n 
A 1 9   CYS 9   25  25  CYS CYS A . n 
A 1 10  ASN 10  26  26  ASN ASN A . n 
A 1 11  SER 11  27  27  SER SER A . n 
A 1 12  SER 12  28  28  SER SER A . n 
A 1 13  ASP 13  29  29  ASP ASP A . n 
A 1 14  ALA 14  30  30  ALA ALA A . n 
A 1 15  SER 15  31  31  SER SER A . n 
A 1 16  ILE 16  32  32  ILE ILE A . n 
A 1 17  SER 17  33  33  SER SER A . n 
A 1 18  TYR 18  34  34  TYR TYR A . n 
A 1 19  THR 19  35  35  THR THR A . n 
A 1 20  TYR 20  36  36  TYR TYR A . n 
A 1 21  CYS 21  37  37  CYS CYS A . n 
A 1 22  ASP 22  38  38  ASP ASP A . n 
A 1 23  LYS 23  39  39  LYS LYS A . n 
A 1 24  MET 24  40  40  MET MET A . n 
A 1 25  GLN 25  41  41  GLN GLN A . n 
A 1 26  TYR 26  42  42  TYR TYR A . n 
A 1 27  PRO 27  43  43  PRO PRO A . n 
A 1 28  ILE 28  44  44  ILE ILE A . n 
A 1 29  SER 29  45  45  SER SER A . n 
A 1 30  ILE 30  46  46  ILE ILE A . n 
A 1 31  ASN 31  47  47  ASN ASN A . n 
A 1 32  VAL 32  48  48  VAL VAL A . n 
A 1 33  ASN 33  49  49  ASN ASN A . n 
A 1 34  PRO 34  50  50  PRO PRO A . n 
A 1 35  CYS 35  51  51  CYS CYS A . n 
A 1 36  ILE 36  52  52  ILE ILE A . n 
A 1 37  GLU 37  53  53  GLU GLU A . n 
A 1 38  LEU 38  54  54  LEU LEU A . n 
A 1 39  LYS 39  55  55  LYS LYS A . n 
A 1 40  GLY 40  56  56  GLY GLY A . n 
A 1 41  SER 41  57  57  SER SER A . n 
A 1 42  LYS 42  58  58  LYS LYS A . n 
A 1 43  GLY 43  59  59  GLY GLY A . n 
A 1 44  LEU 44  60  60  LEU LEU A . n 
A 1 45  LEU 45  61  61  LEU LEU A . n 
A 1 46  HIS 46  62  62  HIS HIS A . n 
A 1 47  ILE 47  63  63  ILE ILE A . n 
A 1 48  PHE 48  64  64  PHE PHE A . n 
A 1 49  TYR 49  65  65  TYR TYR A . n 
A 1 50  ILE 50  66  66  ILE ILE A . n 
A 1 51  PRO 51  67  67  PRO PRO A . n 
A 1 52  ARG 52  68  68  ARG ARG A . n 
A 1 53  ARG 53  69  69  ARG ARG A . n 
A 1 54  ASP 54  70  70  ASP ASP A . n 
A 1 55  LEU 55  71  71  LEU LEU A . n 
A 1 56  LYS 56  72  72  LYS LYS A . n 
A 1 57  GLN 57  73  73  GLN GLN A . n 
A 1 58  LEU 58  74  74  LEU LEU A . n 
A 1 59  TYR 59  75  75  TYR TYR A . n 
A 1 60  PHE 60  76  76  PHE PHE A . n 
A 1 61  ASN 61  77  77  ASN ASN A . n 
A 1 62  LEU 62  78  78  LEU LEU A . n 
A 1 63  TYR 63  79  79  TYR TYR A . n 
A 1 64  ILE 64  80  80  ILE ILE A . n 
A 1 65  THR 65  81  81  THR THR A . n 
A 1 66  VAL 66  82  82  VAL VAL A . n 
A 1 67  ASN 67  83  83  ASN ASN A . n 
A 1 68  THR 68  84  84  THR THR A . n 
A 1 69  MET 69  85  85  MET MET A . n 
A 1 70  ASN 70  86  86  ASN ASN A . n 
A 1 71  LEU 71  87  87  LEU LEU A . n 
A 1 72  PRO 72  88  88  PRO PRO A . n 
A 1 73  LYS 73  89  89  LYS LYS A . n 
A 1 74  ARG 74  90  90  ARG ARG A . n 
A 1 75  LYS 75  91  91  LYS LYS A . n 
A 1 76  GLU 76  92  92  GLU GLU A . n 
A 1 77  VAL 77  93  93  VAL VAL A . n 
A 1 78  ILE 78  94  94  ILE ILE A . n 
A 1 79  CYS 79  95  95  CYS CYS A . n 
A 1 80  ARG 80  96  96  ARG ARG A . n 
A 1 81  GLY 81  97  97  GLY GLY A . n 
A 1 82  SER 82  98  98  SER SER A . n 
A 1 83  ASP 83  99  99  ASP ASP A . n 
A 1 84  ASP 84  100 100 ASP ASP A . n 
A 1 85  ASP 85  101 101 ASP ASP A . n 
A 1 86  TYR 86  102 102 TYR TYR A . n 
A 1 87  SER 87  103 103 SER SER A . n 
A 1 88  PHE 88  104 104 PHE PHE A . n 
A 1 89  CYS 89  105 105 CYS CYS A . n 
A 1 90  ARG 90  106 106 ARG ARG A . n 
A 1 91  ALA 91  107 107 ALA ALA A . n 
A 1 92  LEU 92  108 108 LEU LEU A . n 
A 1 93  LYS 93  109 109 LYS LYS A . n 
A 1 94  GLY 94  110 110 GLY GLY A . n 
A 1 95  GLU 95  111 111 GLU GLU A . n 
A 1 96  THR 96  112 112 THR THR A . n 
A 1 97  VAL 97  113 113 VAL VAL A . n 
A 1 98  ASN 98  114 114 ASN ASN A . n 
A 1 99  THR 99  115 115 THR THR A . n 
A 1 100 THR 100 116 116 THR THR A . n 
A 1 101 ILE 101 117 117 ILE ILE A . n 
A 1 102 SER 102 118 118 SER SER A . n 
A 1 103 PHE 103 119 119 PHE PHE A . n 
A 1 104 SER 104 120 120 SER SER A . n 
A 1 105 PHE 105 121 121 PHE PHE A . n 
A 1 106 LYS 106 122 122 LYS LYS A . n 
A 1 107 GLY 107 123 123 GLY GLY A . n 
A 1 108 ILE 108 124 124 ILE ILE A . n 
A 1 109 LYS 109 125 125 LYS LYS A . n 
A 1 110 PHE 110 126 126 PHE PHE A . n 
A 1 111 SER 111 127 127 SER SER A . n 
A 1 112 LYS 112 128 128 LYS LYS A . n 
A 1 113 GLY 113 129 129 GLY GLY A . n 
A 1 114 LYS 114 130 130 LYS LYS A . n 
A 1 115 TYR 115 131 131 TYR TYR A . n 
A 1 116 LYS 116 132 132 LYS LYS A . n 
A 1 117 CYS 117 133 133 CYS CYS A . n 
A 1 118 VAL 118 134 134 VAL VAL A . n 
A 1 119 VAL 119 135 135 VAL VAL A . n 
A 1 120 GLU 120 136 136 GLU GLU A . n 
A 1 121 ALA 121 137 137 ALA ALA A . n 
A 1 122 ILE 122 138 138 ILE ILE A . n 
A 1 123 SER 123 139 139 SER SER A . n 
A 1 124 GLY 124 140 140 GLY GLY A . n 
A 1 125 SER 125 141 141 SER SER A . n 
A 1 126 PRO 126 142 142 PRO PRO A . n 
A 1 127 GLU 127 143 143 GLU GLU A . n 
A 1 128 GLU 128 144 144 GLU GLU A . n 
A 1 129 MET 129 145 145 MET MET A . n 
A 1 130 LEU 130 146 146 LEU LEU A . n 
A 1 131 PHE 131 147 147 PHE PHE A . n 
A 1 132 CYS 132 148 148 CYS CYS A . n 
A 1 133 LEU 133 149 149 LEU LEU A . n 
A 1 134 GLU 134 150 150 GLU GLU A . n 
A 1 135 PHE 135 151 151 PHE PHE A . n 
A 1 136 VAL 136 152 152 VAL VAL A . n 
A 1 137 ILE 137 153 153 ILE ILE A . n 
A 1 138 LEU 138 154 154 LEU LEU A . n 
A 1 139 HIS 139 155 155 HIS HIS A . n 
A 1 140 GLN 140 156 156 GLN GLN A . n 
A 1 141 PRO 141 157 157 PRO PRO A . n 
A 1 142 ASN 142 158 158 ASN ASN A . n 
A 1 143 SER 143 159 159 SER SER A . n 
A 1 144 ASN 144 160 160 ASN ASN A . n 
# 
loop_
_pdbx_nonpoly_scheme.asym_id 
_pdbx_nonpoly_scheme.entity_id 
_pdbx_nonpoly_scheme.mon_id 
_pdbx_nonpoly_scheme.ndb_seq_num 
_pdbx_nonpoly_scheme.pdb_seq_num 
_pdbx_nonpoly_scheme.auth_seq_num 
_pdbx_nonpoly_scheme.pdb_mon_id 
_pdbx_nonpoly_scheme.auth_mon_id 
_pdbx_nonpoly_scheme.pdb_strand_id 
_pdbx_nonpoly_scheme.pdb_ins_code 
B 2 NAG 1   801  1   NAG NAG A . 
C 2 NAG 1   901  1   NAG NAG A . 
D 3 MYR 1   501  1   MYR MYR A . 
E 3 MYR 1   601  1   MYR MYR A . 
F 3 MYR 1   701  1   MYR MYR A . 
G 4 HOH 1   902  1   HOH HOH A . 
G 4 HOH 2   903  2   HOH HOH A . 
G 4 HOH 3   904  3   HOH HOH A . 
G 4 HOH 4   905  4   HOH HOH A . 
G 4 HOH 5   906  5   HOH HOH A . 
G 4 HOH 6   907  6   HOH HOH A . 
G 4 HOH 7   908  7   HOH HOH A . 
G 4 HOH 8   909  8   HOH HOH A . 
G 4 HOH 9   910  9   HOH HOH A . 
G 4 HOH 10  911  10  HOH HOH A . 
G 4 HOH 11  912  11  HOH HOH A . 
G 4 HOH 12  913  12  HOH HOH A . 
G 4 HOH 13  914  13  HOH HOH A . 
G 4 HOH 14  915  14  HOH HOH A . 
G 4 HOH 15  916  15  HOH HOH A . 
G 4 HOH 16  917  16  HOH HOH A . 
G 4 HOH 17  918  17  HOH HOH A . 
G 4 HOH 18  919  18  HOH HOH A . 
G 4 HOH 19  920  19  HOH HOH A . 
G 4 HOH 20  921  20  HOH HOH A . 
G 4 HOH 21  922  21  HOH HOH A . 
G 4 HOH 22  923  22  HOH HOH A . 
G 4 HOH 23  924  23  HOH HOH A . 
G 4 HOH 24  925  24  HOH HOH A . 
G 4 HOH 25  926  25  HOH HOH A . 
G 4 HOH 26  927  26  HOH HOH A . 
G 4 HOH 27  928  27  HOH HOH A . 
G 4 HOH 28  929  28  HOH HOH A . 
G 4 HOH 29  930  29  HOH HOH A . 
G 4 HOH 30  931  30  HOH HOH A . 
G 4 HOH 31  932  31  HOH HOH A . 
G 4 HOH 32  933  32  HOH HOH A . 
G 4 HOH 33  934  33  HOH HOH A . 
G 4 HOH 34  935  34  HOH HOH A . 
G 4 HOH 35  936  35  HOH HOH A . 
G 4 HOH 36  937  36  HOH HOH A . 
G 4 HOH 37  938  37  HOH HOH A . 
G 4 HOH 38  939  38  HOH HOH A . 
G 4 HOH 39  940  39  HOH HOH A . 
G 4 HOH 40  941  40  HOH HOH A . 
G 4 HOH 41  942  41  HOH HOH A . 
G 4 HOH 42  943  42  HOH HOH A . 
G 4 HOH 43  944  43  HOH HOH A . 
G 4 HOH 44  945  44  HOH HOH A . 
G 4 HOH 45  946  45  HOH HOH A . 
G 4 HOH 46  947  46  HOH HOH A . 
G 4 HOH 47  948  47  HOH HOH A . 
G 4 HOH 48  949  48  HOH HOH A . 
G 4 HOH 49  950  49  HOH HOH A . 
G 4 HOH 50  951  50  HOH HOH A . 
G 4 HOH 51  952  51  HOH HOH A . 
G 4 HOH 52  953  52  HOH HOH A . 
G 4 HOH 53  954  53  HOH HOH A . 
G 4 HOH 54  955  54  HOH HOH A . 
G 4 HOH 55  956  55  HOH HOH A . 
G 4 HOH 56  957  56  HOH HOH A . 
G 4 HOH 57  958  57  HOH HOH A . 
G 4 HOH 58  959  58  HOH HOH A . 
G 4 HOH 59  960  59  HOH HOH A . 
G 4 HOH 60  961  60  HOH HOH A . 
G 4 HOH 61  962  61  HOH HOH A . 
G 4 HOH 62  963  62  HOH HOH A . 
G 4 HOH 63  964  63  HOH HOH A . 
G 4 HOH 64  965  64  HOH HOH A . 
G 4 HOH 65  966  65  HOH HOH A . 
G 4 HOH 66  967  66  HOH HOH A . 
G 4 HOH 67  968  67  HOH HOH A . 
G 4 HOH 68  969  68  HOH HOH A . 
G 4 HOH 69  970  69  HOH HOH A . 
G 4 HOH 70  971  70  HOH HOH A . 
G 4 HOH 71  972  71  HOH HOH A . 
G 4 HOH 72  973  72  HOH HOH A . 
G 4 HOH 73  974  73  HOH HOH A . 
G 4 HOH 74  975  74  HOH HOH A . 
G 4 HOH 75  976  75  HOH HOH A . 
G 4 HOH 76  977  76  HOH HOH A . 
G 4 HOH 77  978  77  HOH HOH A . 
G 4 HOH 78  979  78  HOH HOH A . 
G 4 HOH 79  980  79  HOH HOH A . 
G 4 HOH 80  981  80  HOH HOH A . 
G 4 HOH 81  982  81  HOH HOH A . 
G 4 HOH 82  983  82  HOH HOH A . 
G 4 HOH 83  984  83  HOH HOH A . 
G 4 HOH 84  985  84  HOH HOH A . 
G 4 HOH 85  986  85  HOH HOH A . 
G 4 HOH 86  987  86  HOH HOH A . 
G 4 HOH 87  988  87  HOH HOH A . 
G 4 HOH 88  989  88  HOH HOH A . 
G 4 HOH 89  990  89  HOH HOH A . 
G 4 HOH 90  991  90  HOH HOH A . 
G 4 HOH 91  992  91  HOH HOH A . 
G 4 HOH 92  993  92  HOH HOH A . 
G 4 HOH 93  994  93  HOH HOH A . 
G 4 HOH 94  995  94  HOH HOH A . 
G 4 HOH 95  996  95  HOH HOH A . 
G 4 HOH 96  997  96  HOH HOH A . 
G 4 HOH 97  998  97  HOH HOH A . 
G 4 HOH 98  999  98  HOH HOH A . 
G 4 HOH 99  1000 99  HOH HOH A . 
G 4 HOH 100 1001 100 HOH HOH A . 
G 4 HOH 101 1002 101 HOH HOH A . 
G 4 HOH 102 1003 102 HOH HOH A . 
G 4 HOH 103 1004 103 HOH HOH A . 
G 4 HOH 104 1005 104 HOH HOH A . 
G 4 HOH 105 1006 105 HOH HOH A . 
G 4 HOH 106 1007 106 HOH HOH A . 
G 4 HOH 107 1008 107 HOH HOH A . 
G 4 HOH 108 1009 108 HOH HOH A . 
G 4 HOH 109 1010 109 HOH HOH A . 
G 4 HOH 110 1011 110 HOH HOH A . 
G 4 HOH 111 1012 111 HOH HOH A . 
G 4 HOH 112 1013 112 HOH HOH A . 
G 4 HOH 113 1014 113 HOH HOH A . 
G 4 HOH 114 1015 114 HOH HOH A . 
G 4 HOH 115 1016 115 HOH HOH A . 
G 4 HOH 116 1017 116 HOH HOH A . 
G 4 HOH 117 1018 117 HOH HOH A . 
G 4 HOH 118 1019 118 HOH HOH A . 
G 4 HOH 119 1020 119 HOH HOH A . 
G 4 HOH 120 1021 120 HOH HOH A . 
G 4 HOH 121 1022 121 HOH HOH A . 
G 4 HOH 122 1023 122 HOH HOH A . 
G 4 HOH 123 1024 123 HOH HOH A . 
G 4 HOH 124 1025 124 HOH HOH A . 
G 4 HOH 125 1026 125 HOH HOH A . 
G 4 HOH 126 1027 126 HOH HOH A . 
G 4 HOH 127 1028 127 HOH HOH A . 
G 4 HOH 128 1029 128 HOH HOH A . 
G 4 HOH 129 1030 129 HOH HOH A . 
G 4 HOH 130 1031 130 HOH HOH A . 
G 4 HOH 131 1032 131 HOH HOH A . 
G 4 HOH 132 1033 132 HOH HOH A . 
G 4 HOH 133 1034 133 HOH HOH A . 
G 4 HOH 134 1035 134 HOH HOH A . 
G 4 HOH 135 1036 135 HOH HOH A . 
G 4 HOH 136 1037 136 HOH HOH A . 
G 4 HOH 137 1038 137 HOH HOH A . 
G 4 HOH 138 1039 138 HOH HOH A . 
G 4 HOH 139 1040 139 HOH HOH A . 
G 4 HOH 140 1041 140 HOH HOH A . 
G 4 HOH 141 1042 141 HOH HOH A . 
G 4 HOH 142 1043 142 HOH HOH A . 
G 4 HOH 143 1044 143 HOH HOH A . 
# 
loop_
_software.name 
_software.classification 
_software.version 
_software.citation_id 
_software.pdbx_ordinal 
REFMAC   refinement        5.2.0019 ? 1 
HKL-2000 'data collection' .        ? 2 
HKL-2000 'data reduction'  .        ? 3 
HKL-2000 'data scaling'    .        ? 4 
SHARP    phasing           .        ? 5 
# 
_cell.entry_id           2E56 
_cell.length_a           53.113 
_cell.length_b           53.113 
_cell.length_c           111.447 
_cell.angle_alpha        90.00 
_cell.angle_beta         90.00 
_cell.angle_gamma        90.00 
_cell.Z_PDB              8 
_cell.pdbx_unique_axis   ? 
_cell.length_a_esd       ? 
_cell.length_b_esd       ? 
_cell.length_c_esd       ? 
_cell.angle_alpha_esd    ? 
_cell.angle_beta_esd     ? 
_cell.angle_gamma_esd    ? 
# 
_symmetry.entry_id                         2E56 
_symmetry.space_group_name_H-M             'P 41 21 2' 
_symmetry.pdbx_full_space_group_name_H-M   ? 
_symmetry.cell_setting                     ? 
_symmetry.Int_Tables_number                92 
_symmetry.space_group_name_Hall            ? 
# 
_exptl.entry_id          2E56 
_exptl.method            'X-RAY DIFFRACTION' 
_exptl.crystals_number   2 
# 
_exptl_crystal.id                    1 
_exptl_crystal.density_meas          ? 
_exptl_crystal.density_Matthews      2.37 
_exptl_crystal.density_percent_sol   48.07 
_exptl_crystal.description           ? 
_exptl_crystal.F_000                 ? 
_exptl_crystal.preparation           ? 
# 
_exptl_crystal_grow.crystal_id      1 
_exptl_crystal_grow.method          'VAPOR DIFFUSION, HANGING DROP' 
_exptl_crystal_grow.temp            277.0 
_exptl_crystal_grow.temp_details    ? 
_exptl_crystal_grow.pH              6.3 
_exptl_crystal_grow.pdbx_details    
'20% PEG8000, 120mM Na-acetate,70mM Na-cacodylate, pH 6.3, VAPOR DIFFUSION, HANGING DROP, temperature 277.0K' 
_exptl_crystal_grow.pdbx_pH_range   . 
# 
_diffrn.id                     1 
_diffrn.ambient_temp           100.0 
_diffrn.ambient_temp_details   ? 
_diffrn.crystal_id             1 
# 
_diffrn_detector.diffrn_id              1 
_diffrn_detector.detector               CCD 
_diffrn_detector.type                   'RIGAKU JUPITER 210' 
_diffrn_detector.pdbx_collection_date   2006-10-10 
_diffrn_detector.details                ? 
# 
_diffrn_radiation.diffrn_id                        1 
_diffrn_radiation.wavelength_id                    1 
_diffrn_radiation.pdbx_monochromatic_or_laue_m_l   M 
_diffrn_radiation.monochromator                    ? 
_diffrn_radiation.pdbx_diffrn_protocol             'SINGLE WAVELENGTH' 
_diffrn_radiation.pdbx_scattering_type             x-ray 
# 
_diffrn_radiation_wavelength.id           1 
_diffrn_radiation_wavelength.wavelength   1.0000 
_diffrn_radiation_wavelength.wt           1.0 
# 
_diffrn_source.diffrn_id                   1 
_diffrn_source.source                      SYNCHROTRON 
_diffrn_source.type                        'SPRING-8 BEAMLINE BL38B1' 
_diffrn_source.pdbx_synchrotron_site       SPring-8 
_diffrn_source.pdbx_synchrotron_beamline   BL38B1 
_diffrn_source.pdbx_wavelength             ? 
_diffrn_source.pdbx_wavelength_list        1.0000 
# 
_reflns.entry_id                     2E56 
_reflns.observed_criterion_sigma_F   ? 
_reflns.observed_criterion_sigma_I   ? 
_reflns.d_resolution_high            2.0 
_reflns.d_resolution_low             48.4 
_reflns.number_all                   ? 
_reflns.number_obs                   11389 
_reflns.percent_possible_obs         99.5 
_reflns.pdbx_Rmerge_I_obs            0.105 
_reflns.pdbx_Rsym_value              ? 
_reflns.pdbx_netI_over_sigmaI        11.3 
_reflns.B_iso_Wilson_estimate        26.7 
_reflns.pdbx_redundancy              12.3 
_reflns.R_free_details               ? 
_reflns.limit_h_max                  ? 
_reflns.limit_h_min                  ? 
_reflns.limit_k_max                  ? 
_reflns.limit_k_min                  ? 
_reflns.limit_l_max                  ? 
_reflns.limit_l_min                  ? 
_reflns.observed_criterion_F_max     ? 
_reflns.observed_criterion_F_min     ? 
_reflns.pdbx_chi_squared             ? 
_reflns.pdbx_scaling_rejects         ? 
_reflns.pdbx_ordinal                 1 
_reflns.pdbx_diffrn_id               1 
# 
_refine.entry_id                                 2E56 
_refine.ls_number_reflns_obs                     9641 
_refine.ls_number_reflns_all                     ? 
_refine.pdbx_ls_sigma_I                          ? 
_refine.pdbx_ls_sigma_F                          3.0 
_refine.pdbx_data_cutoff_high_absF               ? 
_refine.pdbx_data_cutoff_low_absF                ? 
_refine.pdbx_data_cutoff_high_rms_absF           ? 
_refine.ls_d_res_low                             48.39 
_refine.ls_d_res_high                            2.00 
_refine.ls_percent_reflns_obs                    88.74 
_refine.ls_R_factor_obs                          0.19648 
_refine.ls_R_factor_all                          ? 
_refine.ls_R_factor_R_work                       0.19407 
_refine.ls_R_factor_R_free                       0.24922 
_refine.ls_R_factor_R_free_error                 ? 
_refine.ls_R_factor_R_free_error_details         ? 
_refine.ls_percent_reflns_R_free                 4.7 
_refine.ls_number_reflns_R_free                  477 
_refine.ls_number_parameters                     ? 
_refine.ls_number_restraints                     ? 
_refine.occupancy_min                            ? 
_refine.occupancy_max                            ? 
_refine.correlation_coeff_Fo_to_Fc               0.953 
_refine.correlation_coeff_Fo_to_Fc_free          0.923 
_refine.B_iso_mean                               39.557 
_refine.aniso_B[1][1]                            0.81 
_refine.aniso_B[2][2]                            0.81 
_refine.aniso_B[3][3]                            -1.61 
_refine.aniso_B[1][2]                            0.00 
_refine.aniso_B[1][3]                            0.00 
_refine.aniso_B[2][3]                            0.00 
_refine.solvent_model_details                    MASK 
_refine.solvent_model_param_ksol                 ? 
_refine.solvent_model_param_bsol                 ? 
_refine.pdbx_solvent_vdw_probe_radii             1.40 
_refine.pdbx_solvent_ion_probe_radii             0.80 
_refine.pdbx_solvent_shrinkage_radii             0.80 
_refine.pdbx_ls_cross_valid_method               THROUGHOUT 
_refine.details                                  'HYDROGENS HAVE BEEN ADDED IN THE RIDING POSITIONS' 
_refine.pdbx_starting_model                      ? 
_refine.pdbx_method_to_determine_struct          MIR 
_refine.pdbx_isotropic_thermal_model             ? 
_refine.pdbx_stereochemistry_target_values       'MAXIMUM LIKELIHOOD' 
_refine.pdbx_stereochem_target_val_spec_case     ? 
_refine.pdbx_R_Free_selection_details            RANDOM 
_refine.pdbx_overall_ESU_R                       0.241 
_refine.pdbx_overall_ESU_R_Free                  0.201 
_refine.overall_SU_ML                            ? 
_refine.overall_SU_B                             ? 
_refine.ls_redundancy_reflns_obs                 ? 
_refine.B_iso_min                                ? 
_refine.B_iso_max                                ? 
_refine.overall_SU_R_Cruickshank_DPI             ? 
_refine.overall_SU_R_free                        ? 
_refine.ls_wR_factor_R_free                      ? 
_refine.ls_wR_factor_R_work                      ? 
_refine.overall_FOM_free_R_set                   ? 
_refine.overall_FOM_work_R_set                   ? 
_refine.pdbx_refine_id                           'X-RAY DIFFRACTION' 
_refine.pdbx_diffrn_id                           1 
_refine.pdbx_TLS_residual_ADP_flag               ? 
_refine.pdbx_overall_phase_error                 ? 
_refine.pdbx_overall_SU_R_free_Cruickshank_DPI   ? 
_refine.pdbx_overall_SU_R_Blow_DPI               ? 
_refine.pdbx_overall_SU_R_free_Blow_DPI          ? 
# 
_refine_hist.pdbx_refine_id                   'X-RAY DIFFRACTION' 
_refine_hist.cycle_id                         LAST 
_refine_hist.pdbx_number_atoms_protein        1162 
_refine_hist.pdbx_number_atoms_nucleic_acid   0 
_refine_hist.pdbx_number_atoms_ligand         76 
_refine_hist.number_atoms_solvent             143 
_refine_hist.number_atoms_total               1381 
_refine_hist.d_res_high                       2.00 
_refine_hist.d_res_low                        48.39 
# 
loop_
_refine_ls_restr.type 
_refine_ls_restr.dev_ideal 
_refine_ls_restr.dev_ideal_target 
_refine_ls_restr.weight 
_refine_ls_restr.number 
_refine_ls_restr.pdbx_refine_id 
_refine_ls_restr.pdbx_restraint_function 
r_bond_refined_d         0.010  0.022  ? 1284 'X-RAY DIFFRACTION' ? 
r_angle_refined_deg      1.543  2.019  ? 1722 'X-RAY DIFFRACTION' ? 
r_dihedral_angle_1_deg   6.146  5.000  ? 147  'X-RAY DIFFRACTION' ? 
r_dihedral_angle_2_deg   36.988 24.340 ? 53   'X-RAY DIFFRACTION' ? 
r_dihedral_angle_3_deg   15.402 15.000 ? 223  'X-RAY DIFFRACTION' ? 
r_dihedral_angle_4_deg   14.207 15.000 ? 5    'X-RAY DIFFRACTION' ? 
r_chiral_restr           0.117  0.200  ? 185  'X-RAY DIFFRACTION' ? 
r_gen_planes_refined     0.008  0.020  ? 923  'X-RAY DIFFRACTION' ? 
r_nbd_refined            0.279  0.300  ? 556  'X-RAY DIFFRACTION' ? 
r_nbtor_refined          0.338  0.500  ? 846  'X-RAY DIFFRACTION' ? 
r_xyhbond_nbd_refined    0.246  0.500  ? 184  'X-RAY DIFFRACTION' ? 
r_symmetry_vdw_refined   0.315  0.300  ? 54   'X-RAY DIFFRACTION' ? 
r_symmetry_hbond_refined 0.248  0.500  ? 23   'X-RAY DIFFRACTION' ? 
r_mcbond_it              4.099  2.000  ? 731  'X-RAY DIFFRACTION' ? 
r_mcangle_it             5.947  3.000  ? 1192 'X-RAY DIFFRACTION' ? 
r_scbond_it              5.345  2.000  ? 553  'X-RAY DIFFRACTION' ? 
r_scangle_it             7.736  3.000  ? 530  'X-RAY DIFFRACTION' ? 
# 
_refine_ls_shell.pdbx_total_number_of_bins_used   20 
_refine_ls_shell.d_res_high                       2.000 
_refine_ls_shell.d_res_low                        2.052 
_refine_ls_shell.number_reflns_R_work             510 
_refine_ls_shell.R_factor_R_work                  0.226 
_refine_ls_shell.percent_reflns_obs               64.74 
_refine_ls_shell.R_factor_R_free                  0.383 
_refine_ls_shell.R_factor_R_free_error            ? 
_refine_ls_shell.percent_reflns_R_free            ? 
_refine_ls_shell.number_reflns_R_free             28 
_refine_ls_shell.number_reflns_all                ? 
_refine_ls_shell.R_factor_all                     ? 
_refine_ls_shell.number_reflns_obs                ? 
_refine_ls_shell.redundancy_reflns_obs            ? 
_refine_ls_shell.pdbx_refine_id                   'X-RAY DIFFRACTION' 
# 
_struct.entry_id                  2E56 
_struct.title                     'Crystal structure of human MD-2' 
_struct.pdbx_model_details        ? 
_struct.pdbx_CASP_flag            ? 
_struct.pdbx_model_type_details   ? 
# 
_struct_keywords.entry_id        2E56 
_struct_keywords.pdbx_keywords   'LIPID BINDING PROTEIN' 
_struct_keywords.text            'INNATE IMMUNITY, LIPID-BINDING, LIPID BINDING PROTEIN' 
# 
loop_
_struct_asym.id 
_struct_asym.pdbx_blank_PDB_chainid_flag 
_struct_asym.pdbx_modified 
_struct_asym.entity_id 
_struct_asym.details 
A N N 1 ? 
B N N 2 ? 
C N N 2 ? 
D N N 3 ? 
E N N 3 ? 
F N N 3 ? 
G N N 4 ? 
# 
_struct_ref.id                         1 
_struct_ref.db_name                    UNP 
_struct_ref.db_code                    LY96_HUMAN 
_struct_ref.pdbx_db_accession          Q9Y6Y9 
_struct_ref.entity_id                  1 
_struct_ref.pdbx_seq_one_letter_code   
;EAQKQYWVCNSSDASISYTYCDKMQYPISINVNPCIELKGSKGLLHIFYIPRRDLKQLYFNLYITVNTMNLPKRKEVICR
GSDDDYSFCRALKGETVNTTISFSFKGIKFSKGKYKCVVEAISGSPEEMLFCLEFVILHQPNSN
;
_struct_ref.pdbx_align_begin           17 
_struct_ref.pdbx_db_isoform            ? 
# 
_struct_ref_seq.align_id                      1 
_struct_ref_seq.ref_id                        1 
_struct_ref_seq.pdbx_PDB_id_code              2E56 
_struct_ref_seq.pdbx_strand_id                A 
_struct_ref_seq.seq_align_beg                 1 
_struct_ref_seq.pdbx_seq_align_beg_ins_code   ? 
_struct_ref_seq.seq_align_end                 144 
_struct_ref_seq.pdbx_seq_align_end_ins_code   ? 
_struct_ref_seq.pdbx_db_accession             Q9Y6Y9 
_struct_ref_seq.db_align_beg                  17 
_struct_ref_seq.pdbx_db_align_beg_ins_code    ? 
_struct_ref_seq.db_align_end                  160 
_struct_ref_seq.pdbx_db_align_end_ins_code    ? 
_struct_ref_seq.pdbx_auth_seq_align_beg       17 
_struct_ref_seq.pdbx_auth_seq_align_end       160 
# 
_pdbx_struct_assembly.id                   1 
_pdbx_struct_assembly.details              author_defined_assembly 
_pdbx_struct_assembly.method_details       ? 
_pdbx_struct_assembly.oligomeric_details   monomeric 
_pdbx_struct_assembly.oligomeric_count     1 
# 
_pdbx_struct_assembly_gen.assembly_id       1 
_pdbx_struct_assembly_gen.oper_expression   1 
_pdbx_struct_assembly_gen.asym_id_list      A,B,C,D,E,F,G 
# 
_pdbx_struct_oper_list.id                   1 
_pdbx_struct_oper_list.type                 'identity operation' 
_pdbx_struct_oper_list.name                 1_555 
_pdbx_struct_oper_list.symmetry_operation   x,y,z 
_pdbx_struct_oper_list.matrix[1][1]         1.0000000000 
_pdbx_struct_oper_list.matrix[1][2]         0.0000000000 
_pdbx_struct_oper_list.matrix[1][3]         0.0000000000 
_pdbx_struct_oper_list.vector[1]            0.0000000000 
_pdbx_struct_oper_list.matrix[2][1]         0.0000000000 
_pdbx_struct_oper_list.matrix[2][2]         1.0000000000 
_pdbx_struct_oper_list.matrix[2][3]         0.0000000000 
_pdbx_struct_oper_list.vector[2]            0.0000000000 
_pdbx_struct_oper_list.matrix[3][1]         0.0000000000 
_pdbx_struct_oper_list.matrix[3][2]         0.0000000000 
_pdbx_struct_oper_list.matrix[3][3]         1.0000000000 
_pdbx_struct_oper_list.vector[3]            0.0000000000 
# 
_struct_biol.id   1 
# 
_struct_conf.conf_type_id            HELX_P 
_struct_conf.id                      HELX_P1 
_struct_conf.pdbx_PDB_helix_id       1 
_struct_conf.beg_label_comp_id       TYR 
_struct_conf.beg_label_asym_id       A 
_struct_conf.beg_label_seq_id        86 
_struct_conf.pdbx_beg_PDB_ins_code   ? 
_struct_conf.end_label_comp_id       ALA 
_struct_conf.end_label_asym_id       A 
_struct_conf.end_label_seq_id        91 
_struct_conf.pdbx_end_PDB_ins_code   ? 
_struct_conf.beg_auth_comp_id        TYR 
_struct_conf.beg_auth_asym_id        A 
_struct_conf.beg_auth_seq_id         102 
_struct_conf.end_auth_comp_id        ALA 
_struct_conf.end_auth_asym_id        A 
_struct_conf.end_auth_seq_id         107 
_struct_conf.pdbx_PDB_helix_class    5 
_struct_conf.details                 ? 
_struct_conf.pdbx_PDB_helix_length   6 
# 
_struct_conf_type.id          HELX_P 
_struct_conf_type.criteria    ? 
_struct_conf_type.reference   ? 
# 
loop_
_struct_conn.id 
_struct_conn.conn_type_id 
_struct_conn.pdbx_leaving_atom_flag 
_struct_conn.pdbx_PDB_id 
_struct_conn.ptnr1_label_asym_id 
_struct_conn.ptnr1_label_comp_id 
_struct_conn.ptnr1_label_seq_id 
_struct_conn.ptnr1_label_atom_id 
_struct_conn.pdbx_ptnr1_label_alt_id 
_struct_conn.pdbx_ptnr1_PDB_ins_code 
_struct_conn.pdbx_ptnr1_standard_comp_id 
_struct_conn.ptnr1_symmetry 
_struct_conn.ptnr2_label_asym_id 
_struct_conn.ptnr2_label_comp_id 
_struct_conn.ptnr2_label_seq_id 
_struct_conn.ptnr2_label_atom_id 
_struct_conn.pdbx_ptnr2_label_alt_id 
_struct_conn.pdbx_ptnr2_PDB_ins_code 
_struct_conn.ptnr1_auth_asym_id 
_struct_conn.ptnr1_auth_comp_id 
_struct_conn.ptnr1_auth_seq_id 
_struct_conn.ptnr2_auth_asym_id 
_struct_conn.ptnr2_auth_comp_id 
_struct_conn.ptnr2_auth_seq_id 
_struct_conn.ptnr2_symmetry 
_struct_conn.pdbx_ptnr3_label_atom_id 
_struct_conn.pdbx_ptnr3_label_seq_id 
_struct_conn.pdbx_ptnr3_label_comp_id 
_struct_conn.pdbx_ptnr3_label_asym_id 
_struct_conn.pdbx_ptnr3_label_alt_id 
_struct_conn.pdbx_ptnr3_PDB_ins_code 
_struct_conn.details 
_struct_conn.pdbx_dist_value 
_struct_conn.pdbx_value_order 
_struct_conn.pdbx_role 
disulf1 disulf ?   ? A CYS 9  SG  ? ? ? 1_555 A CYS 35  SG ? ? A CYS 25  A CYS 51  1_555 ? ? ? ? ? ? ? 2.030 ? ?               
disulf2 disulf ?   ? A CYS 21 SG  ? ? ? 1_555 A CYS 132 SG ? ? A CYS 37  A CYS 148 1_555 ? ? ? ? ? ? ? 2.071 ? ?               
disulf3 disulf ?   ? A CYS 79 SG  ? ? ? 1_555 A CYS 89  SG ? ? A CYS 95  A CYS 105 1_555 ? ? ? ? ? ? ? 2.025 ? ?               
covale1 covale one ? A ASN 10 ND2 ? ? ? 1_555 B NAG .   C1 ? ? A ASN 26  A NAG 801 1_555 ? ? ? ? ? ? ? 1.456 ? N-Glycosylation 
covale2 covale one ? A ASN 98 ND2 ? ? ? 1_555 C NAG .   C1 ? ? A ASN 114 A NAG 901 1_555 ? ? ? ? ? ? ? 1.441 ? N-Glycosylation 
# 
loop_
_struct_conn_type.id 
_struct_conn_type.criteria 
_struct_conn_type.reference 
disulf ? ? 
covale ? ? 
# 
loop_
_pdbx_modification_feature.ordinal 
_pdbx_modification_feature.label_comp_id 
_pdbx_modification_feature.label_asym_id 
_pdbx_modification_feature.label_seq_id 
_pdbx_modification_feature.label_alt_id 
_pdbx_modification_feature.modified_residue_label_comp_id 
_pdbx_modification_feature.modified_residue_label_asym_id 
_pdbx_modification_feature.modified_residue_label_seq_id 
_pdbx_modification_feature.modified_residue_label_alt_id 
_pdbx_modification_feature.auth_comp_id 
_pdbx_modification_feature.auth_asym_id 
_pdbx_modification_feature.auth_seq_id 
_pdbx_modification_feature.PDB_ins_code 
_pdbx_modification_feature.symmetry 
_pdbx_modification_feature.modified_residue_auth_comp_id 
_pdbx_modification_feature.modified_residue_auth_asym_id 
_pdbx_modification_feature.modified_residue_auth_seq_id 
_pdbx_modification_feature.modified_residue_PDB_ins_code 
_pdbx_modification_feature.modified_residue_symmetry 
_pdbx_modification_feature.comp_id_linking_atom 
_pdbx_modification_feature.modified_residue_id_linking_atom 
_pdbx_modification_feature.modified_residue_id 
_pdbx_modification_feature.ref_pcm_id 
_pdbx_modification_feature.ref_comp_id 
_pdbx_modification_feature.type 
_pdbx_modification_feature.category 
1 NAG B .  ? ASN A 10  ? NAG A 801 ? 1_555 ASN A 26  ? 1_555 C1 ND2 ASN 1 NAG N-Glycosylation Carbohydrate       
2 NAG C .  ? ASN A 98  ? NAG A 901 ? 1_555 ASN A 114 ? 1_555 C1 ND2 ASN 1 NAG N-Glycosylation Carbohydrate       
3 CYS A 9  ? CYS A 35  ? CYS A 25  ? 1_555 CYS A 51  ? 1_555 SG SG  .   . .   None            'Disulfide bridge' 
4 CYS A 21 ? CYS A 132 ? CYS A 37  ? 1_555 CYS A 148 ? 1_555 SG SG  .   . .   None            'Disulfide bridge' 
5 CYS A 79 ? CYS A 89  ? CYS A 95  ? 1_555 CYS A 105 ? 1_555 SG SG  .   . .   None            'Disulfide bridge' 
# 
loop_
_struct_mon_prot_cis.pdbx_id 
_struct_mon_prot_cis.label_comp_id 
_struct_mon_prot_cis.label_seq_id 
_struct_mon_prot_cis.label_asym_id 
_struct_mon_prot_cis.label_alt_id 
_struct_mon_prot_cis.pdbx_PDB_ins_code 
_struct_mon_prot_cis.auth_comp_id 
_struct_mon_prot_cis.auth_seq_id 
_struct_mon_prot_cis.auth_asym_id 
_struct_mon_prot_cis.pdbx_label_comp_id_2 
_struct_mon_prot_cis.pdbx_label_seq_id_2 
_struct_mon_prot_cis.pdbx_label_asym_id_2 
_struct_mon_prot_cis.pdbx_PDB_ins_code_2 
_struct_mon_prot_cis.pdbx_auth_comp_id_2 
_struct_mon_prot_cis.pdbx_auth_seq_id_2 
_struct_mon_prot_cis.pdbx_auth_asym_id_2 
_struct_mon_prot_cis.pdbx_PDB_model_num 
_struct_mon_prot_cis.pdbx_omega_angle 
1 ASN 33  A . ? ASN 49  A PRO 34  A ? PRO 50  A 1 -6.40 
2 SER 125 A . ? SER 141 A PRO 126 A ? PRO 142 A 1 2.41  
# 
loop_
_struct_sheet.id 
_struct_sheet.type 
_struct_sheet.number_strands 
_struct_sheet.details 
A ? 6 ? 
B ? 6 ? 
C ? 3 ? 
# 
loop_
_struct_sheet_order.sheet_id 
_struct_sheet_order.range_id_1 
_struct_sheet_order.range_id_2 
_struct_sheet_order.offset 
_struct_sheet_order.sense 
A 1 2 ? anti-parallel 
A 2 3 ? anti-parallel 
A 3 4 ? anti-parallel 
A 4 5 ? anti-parallel 
A 5 6 ? anti-parallel 
B 1 2 ? anti-parallel 
B 2 3 ? anti-parallel 
B 3 4 ? anti-parallel 
B 4 5 ? anti-parallel 
B 5 6 ? anti-parallel 
C 1 2 ? anti-parallel 
C 2 3 ? anti-parallel 
# 
loop_
_struct_sheet_range.sheet_id 
_struct_sheet_range.id 
_struct_sheet_range.beg_label_comp_id 
_struct_sheet_range.beg_label_asym_id 
_struct_sheet_range.beg_label_seq_id 
_struct_sheet_range.pdbx_beg_PDB_ins_code 
_struct_sheet_range.end_label_comp_id 
_struct_sheet_range.end_label_asym_id 
_struct_sheet_range.end_label_seq_id 
_struct_sheet_range.pdbx_end_PDB_ins_code 
_struct_sheet_range.beg_auth_comp_id 
_struct_sheet_range.beg_auth_asym_id 
_struct_sheet_range.beg_auth_seq_id 
_struct_sheet_range.end_auth_comp_id 
_struct_sheet_range.end_auth_asym_id 
_struct_sheet_range.end_auth_seq_id 
A 1 TYR A 6   ? ASN A 10  ? TYR A 22  ASN A 26  
A 2 ALA A 14  ? TYR A 20  ? ALA A 30  TYR A 36  
A 3 GLU A 128 ? HIS A 139 ? GLU A 144 HIS A 155 
A 4 LYS A 114 ? SER A 123 ? LYS A 130 SER A 139 
A 5 TYR A 59  ? VAL A 66  ? TYR A 75  VAL A 82  
A 6 MET A 69  ? ASN A 70  ? MET A 85  ASN A 86  
B 1 TYR A 6   ? ASN A 10  ? TYR A 22  ASN A 26  
B 2 ALA A 14  ? TYR A 20  ? ALA A 30  TYR A 36  
B 3 GLU A 128 ? HIS A 139 ? GLU A 144 HIS A 155 
B 4 LYS A 114 ? SER A 123 ? LYS A 130 SER A 139 
B 5 TYR A 59  ? VAL A 66  ? TYR A 75  VAL A 82  
B 6 ARG A 74  ? VAL A 77  ? ARG A 90  VAL A 93  
C 1 SER A 29  ? ASN A 33  ? SER A 45  ASN A 49  
C 2 SER A 41  ? TYR A 49  ? SER A 57  TYR A 65  
C 3 VAL A 97  ? PHE A 105 ? VAL A 113 PHE A 121 
# 
loop_
_pdbx_struct_sheet_hbond.sheet_id 
_pdbx_struct_sheet_hbond.range_id_1 
_pdbx_struct_sheet_hbond.range_id_2 
_pdbx_struct_sheet_hbond.range_1_label_atom_id 
_pdbx_struct_sheet_hbond.range_1_label_comp_id 
_pdbx_struct_sheet_hbond.range_1_label_asym_id 
_pdbx_struct_sheet_hbond.range_1_label_seq_id 
_pdbx_struct_sheet_hbond.range_1_PDB_ins_code 
_pdbx_struct_sheet_hbond.range_1_auth_atom_id 
_pdbx_struct_sheet_hbond.range_1_auth_comp_id 
_pdbx_struct_sheet_hbond.range_1_auth_asym_id 
_pdbx_struct_sheet_hbond.range_1_auth_seq_id 
_pdbx_struct_sheet_hbond.range_2_label_atom_id 
_pdbx_struct_sheet_hbond.range_2_label_comp_id 
_pdbx_struct_sheet_hbond.range_2_label_asym_id 
_pdbx_struct_sheet_hbond.range_2_label_seq_id 
_pdbx_struct_sheet_hbond.range_2_PDB_ins_code 
_pdbx_struct_sheet_hbond.range_2_auth_atom_id 
_pdbx_struct_sheet_hbond.range_2_auth_comp_id 
_pdbx_struct_sheet_hbond.range_2_auth_asym_id 
_pdbx_struct_sheet_hbond.range_2_auth_seq_id 
A 1 2 N VAL A 8   ? N VAL A 24  O ILE A 16  ? O ILE A 32  
A 2 3 N SER A 17  ? N SER A 33  O VAL A 136 ? O VAL A 152 
A 3 4 O ILE A 137 ? O ILE A 153 N TYR A 115 ? N TYR A 131 
A 4 5 O LYS A 116 ? O LYS A 132 N THR A 65  ? N THR A 81  
A 5 6 N VAL A 66  ? N VAL A 82  O MET A 69  ? O MET A 85  
B 1 2 N VAL A 8   ? N VAL A 24  O ILE A 16  ? O ILE A 32  
B 2 3 N SER A 17  ? N SER A 33  O VAL A 136 ? O VAL A 152 
B 3 4 O ILE A 137 ? O ILE A 153 N TYR A 115 ? N TYR A 131 
B 4 5 O LYS A 116 ? O LYS A 132 N THR A 65  ? N THR A 81  
B 5 6 N LEU A 62  ? N LEU A 78  O ARG A 74  ? O ARG A 90  
C 1 2 N ASN A 31  ? N ASN A 47  O HIS A 46  ? O HIS A 62  
C 2 3 N LEU A 45  ? N LEU A 61  O ILE A 101 ? O ILE A 117 
# 
_pdbx_entry_details.entry_id                   2E56 
_pdbx_entry_details.compound_details           ? 
_pdbx_entry_details.source_details             ? 
_pdbx_entry_details.nonpolymer_details         ? 
_pdbx_entry_details.sequence_details           ? 
_pdbx_entry_details.has_ligand_of_interest     ? 
_pdbx_entry_details.has_protein_modification   Y 
# 
loop_
_pdbx_validate_close_contact.id 
_pdbx_validate_close_contact.PDB_model_num 
_pdbx_validate_close_contact.auth_atom_id_1 
_pdbx_validate_close_contact.auth_asym_id_1 
_pdbx_validate_close_contact.auth_comp_id_1 
_pdbx_validate_close_contact.auth_seq_id_1 
_pdbx_validate_close_contact.PDB_ins_code_1 
_pdbx_validate_close_contact.label_alt_id_1 
_pdbx_validate_close_contact.auth_atom_id_2 
_pdbx_validate_close_contact.auth_asym_id_2 
_pdbx_validate_close_contact.auth_comp_id_2 
_pdbx_validate_close_contact.auth_seq_id_2 
_pdbx_validate_close_contact.PDB_ins_code_2 
_pdbx_validate_close_contact.label_alt_id_2 
_pdbx_validate_close_contact.dist 
1 1 OD1 A ASP 99  ? ? NH2 A ARG 106 ? ? 2.10 
2 1 O   A HOH 945 ? ? O   A HOH 999 ? ? 2.16 
3 1 ND2 A ASN 114 ? ? C2  A NAG 901 ? ? 2.18 
# 
loop_
_pdbx_validate_rmsd_angle.id 
_pdbx_validate_rmsd_angle.PDB_model_num 
_pdbx_validate_rmsd_angle.auth_atom_id_1 
_pdbx_validate_rmsd_angle.auth_asym_id_1 
_pdbx_validate_rmsd_angle.auth_comp_id_1 
_pdbx_validate_rmsd_angle.auth_seq_id_1 
_pdbx_validate_rmsd_angle.PDB_ins_code_1 
_pdbx_validate_rmsd_angle.label_alt_id_1 
_pdbx_validate_rmsd_angle.auth_atom_id_2 
_pdbx_validate_rmsd_angle.auth_asym_id_2 
_pdbx_validate_rmsd_angle.auth_comp_id_2 
_pdbx_validate_rmsd_angle.auth_seq_id_2 
_pdbx_validate_rmsd_angle.PDB_ins_code_2 
_pdbx_validate_rmsd_angle.label_alt_id_2 
_pdbx_validate_rmsd_angle.auth_atom_id_3 
_pdbx_validate_rmsd_angle.auth_asym_id_3 
_pdbx_validate_rmsd_angle.auth_comp_id_3 
_pdbx_validate_rmsd_angle.auth_seq_id_3 
_pdbx_validate_rmsd_angle.PDB_ins_code_3 
_pdbx_validate_rmsd_angle.label_alt_id_3 
_pdbx_validate_rmsd_angle.angle_value 
_pdbx_validate_rmsd_angle.angle_target_value 
_pdbx_validate_rmsd_angle.angle_deviation 
_pdbx_validate_rmsd_angle.angle_standard_deviation 
_pdbx_validate_rmsd_angle.linker_flag 
1 1 N A SER 141 ? ? CA A SER 141 ? ? C  A SER 141 ? ? 127.30 111.00 16.30 2.70 N 
2 1 N A PRO 142 ? ? CA A PRO 142 ? ? CB A PRO 142 ? ? 109.42 102.60 6.82  1.10 N 
# 
loop_
_pdbx_validate_torsion.id 
_pdbx_validate_torsion.PDB_model_num 
_pdbx_validate_torsion.auth_comp_id 
_pdbx_validate_torsion.auth_asym_id 
_pdbx_validate_torsion.auth_seq_id 
_pdbx_validate_torsion.PDB_ins_code 
_pdbx_validate_torsion.label_alt_id 
_pdbx_validate_torsion.phi 
_pdbx_validate_torsion.psi 
1  1 ASP A 38  ? ? 53.25   -142.68 
2  1 GLN A 41  ? ? -120.17 -149.28 
3  1 LEU A 74  ? ? -30.75  128.81  
4  1 THR A 84  ? ? 75.44   -6.82   
5  1 ARG A 96  ? ? -105.49 -131.19 
6  1 SER A 98  ? ? 61.06   -167.62 
7  1 ASP A 99  ? ? -70.42  -148.93 
8  1 ASP A 100 ? ? 63.63   -11.99  
9  1 SER A 141 ? ? -16.27  103.91  
10 1 PRO A 142 ? ? -19.96  117.36  
# 
loop_
_pdbx_struct_mod_residue.id 
_pdbx_struct_mod_residue.label_asym_id 
_pdbx_struct_mod_residue.label_comp_id 
_pdbx_struct_mod_residue.label_seq_id 
_pdbx_struct_mod_residue.auth_asym_id 
_pdbx_struct_mod_residue.auth_comp_id 
_pdbx_struct_mod_residue.auth_seq_id 
_pdbx_struct_mod_residue.PDB_ins_code 
_pdbx_struct_mod_residue.parent_comp_id 
_pdbx_struct_mod_residue.details 
1 A ASN 10 A ASN 26  ? ASN 'GLYCOSYLATION SITE' 
2 A ASN 98 A ASN 114 ? ASN 'GLYCOSYLATION SITE' 
# 
_pdbx_struct_special_symmetry.id              1 
_pdbx_struct_special_symmetry.PDB_model_num   1 
_pdbx_struct_special_symmetry.auth_asym_id    A 
_pdbx_struct_special_symmetry.auth_comp_id    HOH 
_pdbx_struct_special_symmetry.auth_seq_id     998 
_pdbx_struct_special_symmetry.PDB_ins_code    ? 
_pdbx_struct_special_symmetry.label_asym_id   G 
_pdbx_struct_special_symmetry.label_comp_id   HOH 
_pdbx_struct_special_symmetry.label_seq_id    . 
# 
loop_
_chem_comp_atom.comp_id 
_chem_comp_atom.atom_id 
_chem_comp_atom.type_symbol 
_chem_comp_atom.pdbx_aromatic_flag 
_chem_comp_atom.pdbx_stereo_config 
_chem_comp_atom.pdbx_ordinal 
ALA N    N N N 1   
ALA CA   C N S 2   
ALA C    C N N 3   
ALA O    O N N 4   
ALA CB   C N N 5   
ALA OXT  O N N 6   
ALA H    H N N 7   
ALA H2   H N N 8   
ALA HA   H N N 9   
ALA HB1  H N N 10  
ALA HB2  H N N 11  
ALA HB3  H N N 12  
ALA HXT  H N N 13  
ARG N    N N N 14  
ARG CA   C N S 15  
ARG C    C N N 16  
ARG O    O N N 17  
ARG CB   C N N 18  
ARG CG   C N N 19  
ARG CD   C N N 20  
ARG NE   N N N 21  
ARG CZ   C N N 22  
ARG NH1  N N N 23  
ARG NH2  N N N 24  
ARG OXT  O N N 25  
ARG H    H N N 26  
ARG H2   H N N 27  
ARG HA   H N N 28  
ARG HB2  H N N 29  
ARG HB3  H N N 30  
ARG HG2  H N N 31  
ARG HG3  H N N 32  
ARG HD2  H N N 33  
ARG HD3  H N N 34  
ARG HE   H N N 35  
ARG HH11 H N N 36  
ARG HH12 H N N 37  
ARG HH21 H N N 38  
ARG HH22 H N N 39  
ARG HXT  H N N 40  
ASN N    N N N 41  
ASN CA   C N S 42  
ASN C    C N N 43  
ASN O    O N N 44  
ASN CB   C N N 45  
ASN CG   C N N 46  
ASN OD1  O N N 47  
ASN ND2  N N N 48  
ASN OXT  O N N 49  
ASN H    H N N 50  
ASN H2   H N N 51  
ASN HA   H N N 52  
ASN HB2  H N N 53  
ASN HB3  H N N 54  
ASN HD21 H N N 55  
ASN HD22 H N N 56  
ASN HXT  H N N 57  
ASP N    N N N 58  
ASP CA   C N S 59  
ASP C    C N N 60  
ASP O    O N N 61  
ASP CB   C N N 62  
ASP CG   C N N 63  
ASP OD1  O N N 64  
ASP OD2  O N N 65  
ASP OXT  O N N 66  
ASP H    H N N 67  
ASP H2   H N N 68  
ASP HA   H N N 69  
ASP HB2  H N N 70  
ASP HB3  H N N 71  
ASP HD2  H N N 72  
ASP HXT  H N N 73  
CYS N    N N N 74  
CYS CA   C N R 75  
CYS C    C N N 76  
CYS O    O N N 77  
CYS CB   C N N 78  
CYS SG   S N N 79  
CYS OXT  O N N 80  
CYS H    H N N 81  
CYS H2   H N N 82  
CYS HA   H N N 83  
CYS HB2  H N N 84  
CYS HB3  H N N 85  
CYS HG   H N N 86  
CYS HXT  H N N 87  
GLN N    N N N 88  
GLN CA   C N S 89  
GLN C    C N N 90  
GLN O    O N N 91  
GLN CB   C N N 92  
GLN CG   C N N 93  
GLN CD   C N N 94  
GLN OE1  O N N 95  
GLN NE2  N N N 96  
GLN OXT  O N N 97  
GLN H    H N N 98  
GLN H2   H N N 99  
GLN HA   H N N 100 
GLN HB2  H N N 101 
GLN HB3  H N N 102 
GLN HG2  H N N 103 
GLN HG3  H N N 104 
GLN HE21 H N N 105 
GLN HE22 H N N 106 
GLN HXT  H N N 107 
GLU N    N N N 108 
GLU CA   C N S 109 
GLU C    C N N 110 
GLU O    O N N 111 
GLU CB   C N N 112 
GLU CG   C N N 113 
GLU CD   C N N 114 
GLU OE1  O N N 115 
GLU OE2  O N N 116 
GLU OXT  O N N 117 
GLU H    H N N 118 
GLU H2   H N N 119 
GLU HA   H N N 120 
GLU HB2  H N N 121 
GLU HB3  H N N 122 
GLU HG2  H N N 123 
GLU HG3  H N N 124 
GLU HE2  H N N 125 
GLU HXT  H N N 126 
GLY N    N N N 127 
GLY CA   C N N 128 
GLY C    C N N 129 
GLY O    O N N 130 
GLY OXT  O N N 131 
GLY H    H N N 132 
GLY H2   H N N 133 
GLY HA2  H N N 134 
GLY HA3  H N N 135 
GLY HXT  H N N 136 
HIS N    N N N 137 
HIS CA   C N S 138 
HIS C    C N N 139 
HIS O    O N N 140 
HIS CB   C N N 141 
HIS CG   C Y N 142 
HIS ND1  N Y N 143 
HIS CD2  C Y N 144 
HIS CE1  C Y N 145 
HIS NE2  N Y N 146 
HIS OXT  O N N 147 
HIS H    H N N 148 
HIS H2   H N N 149 
HIS HA   H N N 150 
HIS HB2  H N N 151 
HIS HB3  H N N 152 
HIS HD1  H N N 153 
HIS HD2  H N N 154 
HIS HE1  H N N 155 
HIS HE2  H N N 156 
HIS HXT  H N N 157 
HOH O    O N N 158 
HOH H1   H N N 159 
HOH H2   H N N 160 
ILE N    N N N 161 
ILE CA   C N S 162 
ILE C    C N N 163 
ILE O    O N N 164 
ILE CB   C N S 165 
ILE CG1  C N N 166 
ILE CG2  C N N 167 
ILE CD1  C N N 168 
ILE OXT  O N N 169 
ILE H    H N N 170 
ILE H2   H N N 171 
ILE HA   H N N 172 
ILE HB   H N N 173 
ILE HG12 H N N 174 
ILE HG13 H N N 175 
ILE HG21 H N N 176 
ILE HG22 H N N 177 
ILE HG23 H N N 178 
ILE HD11 H N N 179 
ILE HD12 H N N 180 
ILE HD13 H N N 181 
ILE HXT  H N N 182 
LEU N    N N N 183 
LEU CA   C N S 184 
LEU C    C N N 185 
LEU O    O N N 186 
LEU CB   C N N 187 
LEU CG   C N N 188 
LEU CD1  C N N 189 
LEU CD2  C N N 190 
LEU OXT  O N N 191 
LEU H    H N N 192 
LEU H2   H N N 193 
LEU HA   H N N 194 
LEU HB2  H N N 195 
LEU HB3  H N N 196 
LEU HG   H N N 197 
LEU HD11 H N N 198 
LEU HD12 H N N 199 
LEU HD13 H N N 200 
LEU HD21 H N N 201 
LEU HD22 H N N 202 
LEU HD23 H N N 203 
LEU HXT  H N N 204 
LYS N    N N N 205 
LYS CA   C N S 206 
LYS C    C N N 207 
LYS O    O N N 208 
LYS CB   C N N 209 
LYS CG   C N N 210 
LYS CD   C N N 211 
LYS CE   C N N 212 
LYS NZ   N N N 213 
LYS OXT  O N N 214 
LYS H    H N N 215 
LYS H2   H N N 216 
LYS HA   H N N 217 
LYS HB2  H N N 218 
LYS HB3  H N N 219 
LYS HG2  H N N 220 
LYS HG3  H N N 221 
LYS HD2  H N N 222 
LYS HD3  H N N 223 
LYS HE2  H N N 224 
LYS HE3  H N N 225 
LYS HZ1  H N N 226 
LYS HZ2  H N N 227 
LYS HZ3  H N N 228 
LYS HXT  H N N 229 
MET N    N N N 230 
MET CA   C N S 231 
MET C    C N N 232 
MET O    O N N 233 
MET CB   C N N 234 
MET CG   C N N 235 
MET SD   S N N 236 
MET CE   C N N 237 
MET OXT  O N N 238 
MET H    H N N 239 
MET H2   H N N 240 
MET HA   H N N 241 
MET HB2  H N N 242 
MET HB3  H N N 243 
MET HG2  H N N 244 
MET HG3  H N N 245 
MET HE1  H N N 246 
MET HE2  H N N 247 
MET HE3  H N N 248 
MET HXT  H N N 249 
MYR C1   C N N 250 
MYR O1   O N N 251 
MYR O2   O N N 252 
MYR C2   C N N 253 
MYR C3   C N N 254 
MYR C4   C N N 255 
MYR C5   C N N 256 
MYR C6   C N N 257 
MYR C7   C N N 258 
MYR C8   C N N 259 
MYR C9   C N N 260 
MYR C10  C N N 261 
MYR C11  C N N 262 
MYR C12  C N N 263 
MYR C13  C N N 264 
MYR C14  C N N 265 
MYR HO2  H N N 266 
MYR H21  H N N 267 
MYR H22  H N N 268 
MYR H31  H N N 269 
MYR H32  H N N 270 
MYR H41  H N N 271 
MYR H42  H N N 272 
MYR H51  H N N 273 
MYR H52  H N N 274 
MYR H61  H N N 275 
MYR H62  H N N 276 
MYR H71  H N N 277 
MYR H72  H N N 278 
MYR H81  H N N 279 
MYR H82  H N N 280 
MYR H91  H N N 281 
MYR H92  H N N 282 
MYR H101 H N N 283 
MYR H102 H N N 284 
MYR H111 H N N 285 
MYR H112 H N N 286 
MYR H121 H N N 287 
MYR H122 H N N 288 
MYR H131 H N N 289 
MYR H132 H N N 290 
MYR H141 H N N 291 
MYR H142 H N N 292 
MYR H143 H N N 293 
NAG C1   C N R 294 
NAG C2   C N R 295 
NAG C3   C N R 296 
NAG C4   C N S 297 
NAG C5   C N R 298 
NAG C6   C N N 299 
NAG C7   C N N 300 
NAG C8   C N N 301 
NAG N2   N N N 302 
NAG O1   O N N 303 
NAG O3   O N N 304 
NAG O4   O N N 305 
NAG O5   O N N 306 
NAG O6   O N N 307 
NAG O7   O N N 308 
NAG H1   H N N 309 
NAG H2   H N N 310 
NAG H3   H N N 311 
NAG H4   H N N 312 
NAG H5   H N N 313 
NAG H61  H N N 314 
NAG H62  H N N 315 
NAG H81  H N N 316 
NAG H82  H N N 317 
NAG H83  H N N 318 
NAG HN2  H N N 319 
NAG HO1  H N N 320 
NAG HO3  H N N 321 
NAG HO4  H N N 322 
NAG HO6  H N N 323 
PHE N    N N N 324 
PHE CA   C N S 325 
PHE C    C N N 326 
PHE O    O N N 327 
PHE CB   C N N 328 
PHE CG   C Y N 329 
PHE CD1  C Y N 330 
PHE CD2  C Y N 331 
PHE CE1  C Y N 332 
PHE CE2  C Y N 333 
PHE CZ   C Y N 334 
PHE OXT  O N N 335 
PHE H    H N N 336 
PHE H2   H N N 337 
PHE HA   H N N 338 
PHE HB2  H N N 339 
PHE HB3  H N N 340 
PHE HD1  H N N 341 
PHE HD2  H N N 342 
PHE HE1  H N N 343 
PHE HE2  H N N 344 
PHE HZ   H N N 345 
PHE HXT  H N N 346 
PRO N    N N N 347 
PRO CA   C N S 348 
PRO C    C N N 349 
PRO O    O N N 350 
PRO CB   C N N 351 
PRO CG   C N N 352 
PRO CD   C N N 353 
PRO OXT  O N N 354 
PRO H    H N N 355 
PRO HA   H N N 356 
PRO HB2  H N N 357 
PRO HB3  H N N 358 
PRO HG2  H N N 359 
PRO HG3  H N N 360 
PRO HD2  H N N 361 
PRO HD3  H N N 362 
PRO HXT  H N N 363 
SER N    N N N 364 
SER CA   C N S 365 
SER C    C N N 366 
SER O    O N N 367 
SER CB   C N N 368 
SER OG   O N N 369 
SER OXT  O N N 370 
SER H    H N N 371 
SER H2   H N N 372 
SER HA   H N N 373 
SER HB2  H N N 374 
SER HB3  H N N 375 
SER HG   H N N 376 
SER HXT  H N N 377 
THR N    N N N 378 
THR CA   C N S 379 
THR C    C N N 380 
THR O    O N N 381 
THR CB   C N R 382 
THR OG1  O N N 383 
THR CG2  C N N 384 
THR OXT  O N N 385 
THR H    H N N 386 
THR H2   H N N 387 
THR HA   H N N 388 
THR HB   H N N 389 
THR HG1  H N N 390 
THR HG21 H N N 391 
THR HG22 H N N 392 
THR HG23 H N N 393 
THR HXT  H N N 394 
TRP N    N N N 395 
TRP CA   C N S 396 
TRP C    C N N 397 
TRP O    O N N 398 
TRP CB   C N N 399 
TRP CG   C Y N 400 
TRP CD1  C Y N 401 
TRP CD2  C Y N 402 
TRP NE1  N Y N 403 
TRP CE2  C Y N 404 
TRP CE3  C Y N 405 
TRP CZ2  C Y N 406 
TRP CZ3  C Y N 407 
TRP CH2  C Y N 408 
TRP OXT  O N N 409 
TRP H    H N N 410 
TRP H2   H N N 411 
TRP HA   H N N 412 
TRP HB2  H N N 413 
TRP HB3  H N N 414 
TRP HD1  H N N 415 
TRP HE1  H N N 416 
TRP HE3  H N N 417 
TRP HZ2  H N N 418 
TRP HZ3  H N N 419 
TRP HH2  H N N 420 
TRP HXT  H N N 421 
TYR N    N N N 422 
TYR CA   C N S 423 
TYR C    C N N 424 
TYR O    O N N 425 
TYR CB   C N N 426 
TYR CG   C Y N 427 
TYR CD1  C Y N 428 
TYR CD2  C Y N 429 
TYR CE1  C Y N 430 
TYR CE2  C Y N 431 
TYR CZ   C Y N 432 
TYR OH   O N N 433 
TYR OXT  O N N 434 
TYR H    H N N 435 
TYR H2   H N N 436 
TYR HA   H N N 437 
TYR HB2  H N N 438 
TYR HB3  H N N 439 
TYR HD1  H N N 440 
TYR HD2  H N N 441 
TYR HE1  H N N 442 
TYR HE2  H N N 443 
TYR HH   H N N 444 
TYR HXT  H N N 445 
VAL N    N N N 446 
VAL CA   C N S 447 
VAL C    C N N 448 
VAL O    O N N 449 
VAL CB   C N N 450 
VAL CG1  C N N 451 
VAL CG2  C N N 452 
VAL OXT  O N N 453 
VAL H    H N N 454 
VAL H2   H N N 455 
VAL HA   H N N 456 
VAL HB   H N N 457 
VAL HG11 H N N 458 
VAL HG12 H N N 459 
VAL HG13 H N N 460 
VAL HG21 H N N 461 
VAL HG22 H N N 462 
VAL HG23 H N N 463 
VAL HXT  H N N 464 
# 
loop_
_chem_comp_bond.comp_id 
_chem_comp_bond.atom_id_1 
_chem_comp_bond.atom_id_2 
_chem_comp_bond.value_order 
_chem_comp_bond.pdbx_aromatic_flag 
_chem_comp_bond.pdbx_stereo_config 
_chem_comp_bond.pdbx_ordinal 
ALA N   CA   sing N N 1   
ALA N   H    sing N N 2   
ALA N   H2   sing N N 3   
ALA CA  C    sing N N 4   
ALA CA  CB   sing N N 5   
ALA CA  HA   sing N N 6   
ALA C   O    doub N N 7   
ALA C   OXT  sing N N 8   
ALA CB  HB1  sing N N 9   
ALA CB  HB2  sing N N 10  
ALA CB  HB3  sing N N 11  
ALA OXT HXT  sing N N 12  
ARG N   CA   sing N N 13  
ARG N   H    sing N N 14  
ARG N   H2   sing N N 15  
ARG CA  C    sing N N 16  
ARG CA  CB   sing N N 17  
ARG CA  HA   sing N N 18  
ARG C   O    doub N N 19  
ARG C   OXT  sing N N 20  
ARG CB  CG   sing N N 21  
ARG CB  HB2  sing N N 22  
ARG CB  HB3  sing N N 23  
ARG CG  CD   sing N N 24  
ARG CG  HG2  sing N N 25  
ARG CG  HG3  sing N N 26  
ARG CD  NE   sing N N 27  
ARG CD  HD2  sing N N 28  
ARG CD  HD3  sing N N 29  
ARG NE  CZ   sing N N 30  
ARG NE  HE   sing N N 31  
ARG CZ  NH1  sing N N 32  
ARG CZ  NH2  doub N N 33  
ARG NH1 HH11 sing N N 34  
ARG NH1 HH12 sing N N 35  
ARG NH2 HH21 sing N N 36  
ARG NH2 HH22 sing N N 37  
ARG OXT HXT  sing N N 38  
ASN N   CA   sing N N 39  
ASN N   H    sing N N 40  
ASN N   H2   sing N N 41  
ASN CA  C    sing N N 42  
ASN CA  CB   sing N N 43  
ASN CA  HA   sing N N 44  
ASN C   O    doub N N 45  
ASN C   OXT  sing N N 46  
ASN CB  CG   sing N N 47  
ASN CB  HB2  sing N N 48  
ASN CB  HB3  sing N N 49  
ASN CG  OD1  doub N N 50  
ASN CG  ND2  sing N N 51  
ASN ND2 HD21 sing N N 52  
ASN ND2 HD22 sing N N 53  
ASN OXT HXT  sing N N 54  
ASP N   CA   sing N N 55  
ASP N   H    sing N N 56  
ASP N   H2   sing N N 57  
ASP CA  C    sing N N 58  
ASP CA  CB   sing N N 59  
ASP CA  HA   sing N N 60  
ASP C   O    doub N N 61  
ASP C   OXT  sing N N 62  
ASP CB  CG   sing N N 63  
ASP CB  HB2  sing N N 64  
ASP CB  HB3  sing N N 65  
ASP CG  OD1  doub N N 66  
ASP CG  OD2  sing N N 67  
ASP OD2 HD2  sing N N 68  
ASP OXT HXT  sing N N 69  
CYS N   CA   sing N N 70  
CYS N   H    sing N N 71  
CYS N   H2   sing N N 72  
CYS CA  C    sing N N 73  
CYS CA  CB   sing N N 74  
CYS CA  HA   sing N N 75  
CYS C   O    doub N N 76  
CYS C   OXT  sing N N 77  
CYS CB  SG   sing N N 78  
CYS CB  HB2  sing N N 79  
CYS CB  HB3  sing N N 80  
CYS SG  HG   sing N N 81  
CYS OXT HXT  sing N N 82  
GLN N   CA   sing N N 83  
GLN N   H    sing N N 84  
GLN N   H2   sing N N 85  
GLN CA  C    sing N N 86  
GLN CA  CB   sing N N 87  
GLN CA  HA   sing N N 88  
GLN C   O    doub N N 89  
GLN C   OXT  sing N N 90  
GLN CB  CG   sing N N 91  
GLN CB  HB2  sing N N 92  
GLN CB  HB3  sing N N 93  
GLN CG  CD   sing N N 94  
GLN CG  HG2  sing N N 95  
GLN CG  HG3  sing N N 96  
GLN CD  OE1  doub N N 97  
GLN CD  NE2  sing N N 98  
GLN NE2 HE21 sing N N 99  
GLN NE2 HE22 sing N N 100 
GLN OXT HXT  sing N N 101 
GLU N   CA   sing N N 102 
GLU N   H    sing N N 103 
GLU N   H2   sing N N 104 
GLU CA  C    sing N N 105 
GLU CA  CB   sing N N 106 
GLU CA  HA   sing N N 107 
GLU C   O    doub N N 108 
GLU C   OXT  sing N N 109 
GLU CB  CG   sing N N 110 
GLU CB  HB2  sing N N 111 
GLU CB  HB3  sing N N 112 
GLU CG  CD   sing N N 113 
GLU CG  HG2  sing N N 114 
GLU CG  HG3  sing N N 115 
GLU CD  OE1  doub N N 116 
GLU CD  OE2  sing N N 117 
GLU OE2 HE2  sing N N 118 
GLU OXT HXT  sing N N 119 
GLY N   CA   sing N N 120 
GLY N   H    sing N N 121 
GLY N   H2   sing N N 122 
GLY CA  C    sing N N 123 
GLY CA  HA2  sing N N 124 
GLY CA  HA3  sing N N 125 
GLY C   O    doub N N 126 
GLY C   OXT  sing N N 127 
GLY OXT HXT  sing N N 128 
HIS N   CA   sing N N 129 
HIS N   H    sing N N 130 
HIS N   H2   sing N N 131 
HIS CA  C    sing N N 132 
HIS CA  CB   sing N N 133 
HIS CA  HA   sing N N 134 
HIS C   O    doub N N 135 
HIS C   OXT  sing N N 136 
HIS CB  CG   sing N N 137 
HIS CB  HB2  sing N N 138 
HIS CB  HB3  sing N N 139 
HIS CG  ND1  sing Y N 140 
HIS CG  CD2  doub Y N 141 
HIS ND1 CE1  doub Y N 142 
HIS ND1 HD1  sing N N 143 
HIS CD2 NE2  sing Y N 144 
HIS CD2 HD2  sing N N 145 
HIS CE1 NE2  sing Y N 146 
HIS CE1 HE1  sing N N 147 
HIS NE2 HE2  sing N N 148 
HIS OXT HXT  sing N N 149 
HOH O   H1   sing N N 150 
HOH O   H2   sing N N 151 
ILE N   CA   sing N N 152 
ILE N   H    sing N N 153 
ILE N   H2   sing N N 154 
ILE CA  C    sing N N 155 
ILE CA  CB   sing N N 156 
ILE CA  HA   sing N N 157 
ILE C   O    doub N N 158 
ILE C   OXT  sing N N 159 
ILE CB  CG1  sing N N 160 
ILE CB  CG2  sing N N 161 
ILE CB  HB   sing N N 162 
ILE CG1 CD1  sing N N 163 
ILE CG1 HG12 sing N N 164 
ILE CG1 HG13 sing N N 165 
ILE CG2 HG21 sing N N 166 
ILE CG2 HG22 sing N N 167 
ILE CG2 HG23 sing N N 168 
ILE CD1 HD11 sing N N 169 
ILE CD1 HD12 sing N N 170 
ILE CD1 HD13 sing N N 171 
ILE OXT HXT  sing N N 172 
LEU N   CA   sing N N 173 
LEU N   H    sing N N 174 
LEU N   H2   sing N N 175 
LEU CA  C    sing N N 176 
LEU CA  CB   sing N N 177 
LEU CA  HA   sing N N 178 
LEU C   O    doub N N 179 
LEU C   OXT  sing N N 180 
LEU CB  CG   sing N N 181 
LEU CB  HB2  sing N N 182 
LEU CB  HB3  sing N N 183 
LEU CG  CD1  sing N N 184 
LEU CG  CD2  sing N N 185 
LEU CG  HG   sing N N 186 
LEU CD1 HD11 sing N N 187 
LEU CD1 HD12 sing N N 188 
LEU CD1 HD13 sing N N 189 
LEU CD2 HD21 sing N N 190 
LEU CD2 HD22 sing N N 191 
LEU CD2 HD23 sing N N 192 
LEU OXT HXT  sing N N 193 
LYS N   CA   sing N N 194 
LYS N   H    sing N N 195 
LYS N   H2   sing N N 196 
LYS CA  C    sing N N 197 
LYS CA  CB   sing N N 198 
LYS CA  HA   sing N N 199 
LYS C   O    doub N N 200 
LYS C   OXT  sing N N 201 
LYS CB  CG   sing N N 202 
LYS CB  HB2  sing N N 203 
LYS CB  HB3  sing N N 204 
LYS CG  CD   sing N N 205 
LYS CG  HG2  sing N N 206 
LYS CG  HG3  sing N N 207 
LYS CD  CE   sing N N 208 
LYS CD  HD2  sing N N 209 
LYS CD  HD3  sing N N 210 
LYS CE  NZ   sing N N 211 
LYS CE  HE2  sing N N 212 
LYS CE  HE3  sing N N 213 
LYS NZ  HZ1  sing N N 214 
LYS NZ  HZ2  sing N N 215 
LYS NZ  HZ3  sing N N 216 
LYS OXT HXT  sing N N 217 
MET N   CA   sing N N 218 
MET N   H    sing N N 219 
MET N   H2   sing N N 220 
MET CA  C    sing N N 221 
MET CA  CB   sing N N 222 
MET CA  HA   sing N N 223 
MET C   O    doub N N 224 
MET C   OXT  sing N N 225 
MET CB  CG   sing N N 226 
MET CB  HB2  sing N N 227 
MET CB  HB3  sing N N 228 
MET CG  SD   sing N N 229 
MET CG  HG2  sing N N 230 
MET CG  HG3  sing N N 231 
MET SD  CE   sing N N 232 
MET CE  HE1  sing N N 233 
MET CE  HE2  sing N N 234 
MET CE  HE3  sing N N 235 
MET OXT HXT  sing N N 236 
MYR C1  O1   doub N N 237 
MYR C1  O2   sing N N 238 
MYR C1  C2   sing N N 239 
MYR O2  HO2  sing N N 240 
MYR C2  C3   sing N N 241 
MYR C2  H21  sing N N 242 
MYR C2  H22  sing N N 243 
MYR C3  C4   sing N N 244 
MYR C3  H31  sing N N 245 
MYR C3  H32  sing N N 246 
MYR C4  C5   sing N N 247 
MYR C4  H41  sing N N 248 
MYR C4  H42  sing N N 249 
MYR C5  C6   sing N N 250 
MYR C5  H51  sing N N 251 
MYR C5  H52  sing N N 252 
MYR C6  C7   sing N N 253 
MYR C6  H61  sing N N 254 
MYR C6  H62  sing N N 255 
MYR C7  C8   sing N N 256 
MYR C7  H71  sing N N 257 
MYR C7  H72  sing N N 258 
MYR C8  C9   sing N N 259 
MYR C8  H81  sing N N 260 
MYR C8  H82  sing N N 261 
MYR C9  C10  sing N N 262 
MYR C9  H91  sing N N 263 
MYR C9  H92  sing N N 264 
MYR C10 C11  sing N N 265 
MYR C10 H101 sing N N 266 
MYR C10 H102 sing N N 267 
MYR C11 C12  sing N N 268 
MYR C11 H111 sing N N 269 
MYR C11 H112 sing N N 270 
MYR C12 C13  sing N N 271 
MYR C12 H121 sing N N 272 
MYR C12 H122 sing N N 273 
MYR C13 C14  sing N N 274 
MYR C13 H131 sing N N 275 
MYR C13 H132 sing N N 276 
MYR C14 H141 sing N N 277 
MYR C14 H142 sing N N 278 
MYR C14 H143 sing N N 279 
NAG C1  C2   sing N N 280 
NAG C1  O1   sing N N 281 
NAG C1  O5   sing N N 282 
NAG C1  H1   sing N N 283 
NAG C2  C3   sing N N 284 
NAG C2  N2   sing N N 285 
NAG C2  H2   sing N N 286 
NAG C3  C4   sing N N 287 
NAG C3  O3   sing N N 288 
NAG C3  H3   sing N N 289 
NAG C4  C5   sing N N 290 
NAG C4  O4   sing N N 291 
NAG C4  H4   sing N N 292 
NAG C5  C6   sing N N 293 
NAG C5  O5   sing N N 294 
NAG C5  H5   sing N N 295 
NAG C6  O6   sing N N 296 
NAG C6  H61  sing N N 297 
NAG C6  H62  sing N N 298 
NAG C7  C8   sing N N 299 
NAG C7  N2   sing N N 300 
NAG C7  O7   doub N N 301 
NAG C8  H81  sing N N 302 
NAG C8  H82  sing N N 303 
NAG C8  H83  sing N N 304 
NAG N2  HN2  sing N N 305 
NAG O1  HO1  sing N N 306 
NAG O3  HO3  sing N N 307 
NAG O4  HO4  sing N N 308 
NAG O6  HO6  sing N N 309 
PHE N   CA   sing N N 310 
PHE N   H    sing N N 311 
PHE N   H2   sing N N 312 
PHE CA  C    sing N N 313 
PHE CA  CB   sing N N 314 
PHE CA  HA   sing N N 315 
PHE C   O    doub N N 316 
PHE C   OXT  sing N N 317 
PHE CB  CG   sing N N 318 
PHE CB  HB2  sing N N 319 
PHE CB  HB3  sing N N 320 
PHE CG  CD1  doub Y N 321 
PHE CG  CD2  sing Y N 322 
PHE CD1 CE1  sing Y N 323 
PHE CD1 HD1  sing N N 324 
PHE CD2 CE2  doub Y N 325 
PHE CD2 HD2  sing N N 326 
PHE CE1 CZ   doub Y N 327 
PHE CE1 HE1  sing N N 328 
PHE CE2 CZ   sing Y N 329 
PHE CE2 HE2  sing N N 330 
PHE CZ  HZ   sing N N 331 
PHE OXT HXT  sing N N 332 
PRO N   CA   sing N N 333 
PRO N   CD   sing N N 334 
PRO N   H    sing N N 335 
PRO CA  C    sing N N 336 
PRO CA  CB   sing N N 337 
PRO CA  HA   sing N N 338 
PRO C   O    doub N N 339 
PRO C   OXT  sing N N 340 
PRO CB  CG   sing N N 341 
PRO CB  HB2  sing N N 342 
PRO CB  HB3  sing N N 343 
PRO CG  CD   sing N N 344 
PRO CG  HG2  sing N N 345 
PRO CG  HG3  sing N N 346 
PRO CD  HD2  sing N N 347 
PRO CD  HD3  sing N N 348 
PRO OXT HXT  sing N N 349 
SER N   CA   sing N N 350 
SER N   H    sing N N 351 
SER N   H2   sing N N 352 
SER CA  C    sing N N 353 
SER CA  CB   sing N N 354 
SER CA  HA   sing N N 355 
SER C   O    doub N N 356 
SER C   OXT  sing N N 357 
SER CB  OG   sing N N 358 
SER CB  HB2  sing N N 359 
SER CB  HB3  sing N N 360 
SER OG  HG   sing N N 361 
SER OXT HXT  sing N N 362 
THR N   CA   sing N N 363 
THR N   H    sing N N 364 
THR N   H2   sing N N 365 
THR CA  C    sing N N 366 
THR CA  CB   sing N N 367 
THR CA  HA   sing N N 368 
THR C   O    doub N N 369 
THR C   OXT  sing N N 370 
THR CB  OG1  sing N N 371 
THR CB  CG2  sing N N 372 
THR CB  HB   sing N N 373 
THR OG1 HG1  sing N N 374 
THR CG2 HG21 sing N N 375 
THR CG2 HG22 sing N N 376 
THR CG2 HG23 sing N N 377 
THR OXT HXT  sing N N 378 
TRP N   CA   sing N N 379 
TRP N   H    sing N N 380 
TRP N   H2   sing N N 381 
TRP CA  C    sing N N 382 
TRP CA  CB   sing N N 383 
TRP CA  HA   sing N N 384 
TRP C   O    doub N N 385 
TRP C   OXT  sing N N 386 
TRP CB  CG   sing N N 387 
TRP CB  HB2  sing N N 388 
TRP CB  HB3  sing N N 389 
TRP CG  CD1  doub Y N 390 
TRP CG  CD2  sing Y N 391 
TRP CD1 NE1  sing Y N 392 
TRP CD1 HD1  sing N N 393 
TRP CD2 CE2  doub Y N 394 
TRP CD2 CE3  sing Y N 395 
TRP NE1 CE2  sing Y N 396 
TRP NE1 HE1  sing N N 397 
TRP CE2 CZ2  sing Y N 398 
TRP CE3 CZ3  doub Y N 399 
TRP CE3 HE3  sing N N 400 
TRP CZ2 CH2  doub Y N 401 
TRP CZ2 HZ2  sing N N 402 
TRP CZ3 CH2  sing Y N 403 
TRP CZ3 HZ3  sing N N 404 
TRP CH2 HH2  sing N N 405 
TRP OXT HXT  sing N N 406 
TYR N   CA   sing N N 407 
TYR N   H    sing N N 408 
TYR N   H2   sing N N 409 
TYR CA  C    sing N N 410 
TYR CA  CB   sing N N 411 
TYR CA  HA   sing N N 412 
TYR C   O    doub N N 413 
TYR C   OXT  sing N N 414 
TYR CB  CG   sing N N 415 
TYR CB  HB2  sing N N 416 
TYR CB  HB3  sing N N 417 
TYR CG  CD1  doub Y N 418 
TYR CG  CD2  sing Y N 419 
TYR CD1 CE1  sing Y N 420 
TYR CD1 HD1  sing N N 421 
TYR CD2 CE2  doub Y N 422 
TYR CD2 HD2  sing N N 423 
TYR CE1 CZ   doub Y N 424 
TYR CE1 HE1  sing N N 425 
TYR CE2 CZ   sing Y N 426 
TYR CE2 HE2  sing N N 427 
TYR CZ  OH   sing N N 428 
TYR OH  HH   sing N N 429 
TYR OXT HXT  sing N N 430 
VAL N   CA   sing N N 431 
VAL N   H    sing N N 432 
VAL N   H2   sing N N 433 
VAL CA  C    sing N N 434 
VAL CA  CB   sing N N 435 
VAL CA  HA   sing N N 436 
VAL C   O    doub N N 437 
VAL C   OXT  sing N N 438 
VAL CB  CG1  sing N N 439 
VAL CB  CG2  sing N N 440 
VAL CB  HB   sing N N 441 
VAL CG1 HG11 sing N N 442 
VAL CG1 HG12 sing N N 443 
VAL CG1 HG13 sing N N 444 
VAL CG2 HG21 sing N N 445 
VAL CG2 HG22 sing N N 446 
VAL CG2 HG23 sing N N 447 
VAL OXT HXT  sing N N 448 
# 
_atom_sites.entry_id                    2E56 
_atom_sites.fract_transf_matrix[1][1]   -0.01720467 
_atom_sites.fract_transf_matrix[1][2]   -0.00734481 
_atom_sites.fract_transf_matrix[1][3]   0.00213231 
_atom_sites.fract_transf_matrix[2][1]   0.00662606 
_atom_sites.fract_transf_matrix[2][2]   -0.01693609 
_atom_sites.fract_transf_matrix[2][3]   -0.00487418 
_atom_sites.fract_transf_matrix[3][1]   0.00182027 
_atom_sites.fract_transf_matrix[3][2]   -0.00176502 
_atom_sites.fract_transf_matrix[3][3]   0.00860733 
_atom_sites.fract_transf_vector[1]      0.011012 
_atom_sites.fract_transf_vector[2]      0.446978 
_atom_sites.fract_transf_vector[3]      0.119681 
# 
loop_
_atom_type.symbol 
C 
N 
O 
S 
# 
loop_
_atom_site.group_PDB 
_atom_site.id 
_atom_site.type_symbol 
_atom_site.label_atom_id 
_atom_site.label_alt_id 
_atom_site.label_comp_id 
_atom_site.label_asym_id 
_atom_site.label_entity_id 
_atom_site.label_seq_id 
_atom_site.pdbx_PDB_ins_code 
_atom_site.Cartn_x 
_atom_site.Cartn_y 
_atom_site.Cartn_z 
_atom_site.occupancy 
_atom_site.B_iso_or_equiv 
_atom_site.pdbx_formal_charge 
_atom_site.auth_seq_id 
_atom_site.auth_comp_id 
_atom_site.auth_asym_id 
_atom_site.auth_atom_id 
_atom_site.pdbx_PDB_model_num 
ATOM   1    N N   . GLU A 1 1   ? -8.159  -14.942 -19.379 1.00 54.82 ? 17   GLU A N   1 
ATOM   2    C CA  . GLU A 1 1   ? -8.666  -14.822 -17.979 1.00 53.34 ? 17   GLU A CA  1 
ATOM   3    C C   . GLU A 1 1   ? -8.821  -13.376 -17.508 1.00 49.43 ? 17   GLU A C   1 
ATOM   4    O O   . GLU A 1 1   ? -7.976  -12.527 -17.782 1.00 42.24 ? 17   GLU A O   1 
ATOM   5    C CB  . GLU A 1 1   ? -7.772  -15.596 -17.007 1.00 58.70 ? 17   GLU A CB  1 
ATOM   6    C CG  . GLU A 1 1   ? -6.347  -15.126 -16.989 1.00 63.88 ? 17   GLU A CG  1 
ATOM   7    C CD  . GLU A 1 1   ? -5.637  -15.479 -15.696 1.00 70.46 ? 17   GLU A CD  1 
ATOM   8    O OE1 . GLU A 1 1   ? -4.618  -16.204 -15.751 1.00 68.93 ? 17   GLU A OE1 1 
ATOM   9    O OE2 . GLU A 1 1   ? -6.101  -15.028 -14.623 1.00 72.95 ? 17   GLU A OE2 1 
ATOM   10   N N   . ALA A 1 2   ? -9.909  -13.117 -16.788 1.00 48.65 ? 18   ALA A N   1 
ATOM   11   C CA  . ALA A 1 2   ? -10.213 -11.792 -16.247 1.00 47.47 ? 18   ALA A CA  1 
ATOM   12   C C   . ALA A 1 2   ? -9.161  -11.352 -15.234 1.00 48.65 ? 18   ALA A C   1 
ATOM   13   O O   . ALA A 1 2   ? -8.441  -12.180 -14.672 1.00 44.25 ? 18   ALA A O   1 
ATOM   14   C CB  . ALA A 1 2   ? -11.591 -11.810 -15.583 1.00 49.75 ? 18   ALA A CB  1 
ATOM   15   N N   . GLN A 1 3   ? -9.079  -10.048 -14.983 1.00 49.05 ? 19   GLN A N   1 
ATOM   16   C CA  . GLN A 1 3   ? -8.068  -9.556  -14.059 1.00 48.08 ? 19   GLN A CA  1 
ATOM   17   C C   . GLN A 1 3   ? -8.529  -9.819  -12.637 1.00 45.48 ? 19   GLN A C   1 
ATOM   18   O O   . GLN A 1 3   ? -9.721  -9.722  -12.331 1.00 44.29 ? 19   GLN A O   1 
ATOM   19   C CB  . GLN A 1 3   ? -7.735  -8.083  -14.291 1.00 48.36 ? 19   GLN A CB  1 
ATOM   20   C CG  . GLN A 1 3   ? -8.872  -7.139  -14.018 1.00 56.43 ? 19   GLN A CG  1 
ATOM   21   C CD  . GLN A 1 3   ? -8.379  -5.776  -13.588 1.00 57.09 ? 19   GLN A CD  1 
ATOM   22   O OE1 . GLN A 1 3   ? -7.170  -5.537  -13.508 1.00 59.22 ? 19   GLN A OE1 1 
ATOM   23   N NE2 . GLN A 1 3   ? -9.313  -4.875  -13.288 1.00 54.96 ? 19   GLN A NE2 1 
ATOM   24   N N   . LYS A 1 4   ? -7.596  -10.217 -11.781 1.00 40.89 ? 20   LYS A N   1 
ATOM   25   C CA  . LYS A 1 4   ? -7.975  -10.654 -10.446 1.00 37.81 ? 20   LYS A CA  1 
ATOM   26   C C   . LYS A 1 4   ? -8.088  -9.488  -9.474  1.00 30.68 ? 20   LYS A C   1 
ATOM   27   O O   . LYS A 1 4   ? -7.208  -8.639  -9.398  1.00 31.10 ? 20   LYS A O   1 
ATOM   28   C CB  . LYS A 1 4   ? -6.991  -11.710 -9.939  1.00 44.87 ? 20   LYS A CB  1 
ATOM   29   C CG  . LYS A 1 4   ? -7.102  -13.052 -10.654 1.00 46.18 ? 20   LYS A CG  1 
ATOM   30   C CD  . LYS A 1 4   ? -5.913  -13.949 -10.329 1.00 48.05 ? 20   LYS A CD  1 
ATOM   31   C CE  . LYS A 1 4   ? -5.982  -15.238 -11.118 1.00 53.24 ? 20   LYS A CE  1 
ATOM   32   N NZ  . LYS A 1 4   ? -4.759  -16.061 -10.915 1.00 59.28 ? 20   LYS A NZ  1 
ATOM   33   N N   . GLN A 1 5   ? -9.201  -9.430  -8.754  1.00 41.06 ? 21   GLN A N   1 
ATOM   34   C CA  . GLN A 1 5   ? -9.402  -8.380  -7.760  1.00 36.61 ? 21   GLN A CA  1 
ATOM   35   C C   . GLN A 1 5   ? -9.128  -8.898  -6.363  1.00 36.49 ? 21   GLN A C   1 
ATOM   36   O O   . GLN A 1 5   ? -9.571  -9.991  -6.005  1.00 35.02 ? 21   GLN A O   1 
ATOM   37   C CB  . GLN A 1 5   ? -10.811 -7.796  -7.843  1.00 44.12 ? 21   GLN A CB  1 
ATOM   38   C CG  . GLN A 1 5   ? -11.050 -6.707  -6.810  1.00 51.80 ? 21   GLN A CG  1 
ATOM   39   C CD  . GLN A 1 5   ? -11.699 -5.471  -7.388  1.00 56.27 ? 21   GLN A CD  1 
ATOM   40   O OE1 . GLN A 1 5   ? -12.643 -4.927  -6.816  1.00 59.18 ? 21   GLN A OE1 1 
ATOM   41   N NE2 . GLN A 1 5   ? -11.186 -5.008  -8.523  1.00 62.71 ? 21   GLN A NE2 1 
ATOM   42   N N   . TYR A 1 6   ? -8.381  -8.128  -5.580  1.00 30.09 ? 22   TYR A N   1 
ATOM   43   C CA  . TYR A 1 6   ? -8.030  -8.545  -4.225  1.00 29.05 ? 22   TYR A CA  1 
ATOM   44   C C   . TYR A 1 6   ? -8.716  -7.680  -3.208  1.00 28.28 ? 22   TYR A C   1 
ATOM   45   O O   . TYR A 1 6   ? -8.675  -6.459  -3.281  1.00 36.86 ? 22   TYR A O   1 
ATOM   46   C CB  . TYR A 1 6   ? -6.510  -8.484  -4.019  1.00 23.76 ? 22   TYR A CB  1 
ATOM   47   C CG  . TYR A 1 6   ? -5.807  -9.433  -4.943  1.00 21.77 ? 22   TYR A CG  1 
ATOM   48   C CD1 . TYR A 1 6   ? -5.389  -9.024  -6.206  1.00 22.23 ? 22   TYR A CD1 1 
ATOM   49   C CD2 . TYR A 1 6   ? -5.620  -10.762 -4.578  1.00 20.39 ? 22   TYR A CD2 1 
ATOM   50   C CE1 . TYR A 1 6   ? -4.796  -9.917  -7.085  1.00 33.80 ? 22   TYR A CE1 1 
ATOM   51   C CE2 . TYR A 1 6   ? -5.029  -11.660 -5.443  1.00 28.29 ? 22   TYR A CE2 1 
ATOM   52   C CZ  . TYR A 1 6   ? -4.617  -11.237 -6.689  1.00 33.33 ? 22   TYR A CZ  1 
ATOM   53   O OH  . TYR A 1 6   ? -4.012  -12.124 -7.526  1.00 35.34 ? 22   TYR A OH  1 
ATOM   54   N N   . TRP A 1 7   ? -9.360  -8.314  -2.251  1.00 31.31 ? 23   TRP A N   1 
ATOM   55   C CA  . TRP A 1 7   ? -10.015 -7.591  -1.184  1.00 32.50 ? 23   TRP A CA  1 
ATOM   56   C C   . TRP A 1 7   ? -9.186  -7.630  0.096   1.00 31.27 ? 23   TRP A C   1 
ATOM   57   O O   . TRP A 1 7   ? -8.607  -8.661  0.435   1.00 28.97 ? 23   TRP A O   1 
ATOM   58   C CB  . TRP A 1 7   ? -11.412 -8.142  -0.975  1.00 38.17 ? 23   TRP A CB  1 
ATOM   59   C CG  . TRP A 1 7   ? -12.269 -7.907  -2.168  1.00 45.80 ? 23   TRP A CG  1 
ATOM   60   C CD1 . TRP A 1 7   ? -12.398 -8.721  -3.261  1.00 45.36 ? 23   TRP A CD1 1 
ATOM   61   C CD2 . TRP A 1 7   ? -13.097 -6.763  -2.419  1.00 46.60 ? 23   TRP A CD2 1 
ATOM   62   N NE1 . TRP A 1 7   ? -13.272 -8.164  -4.165  1.00 46.70 ? 23   TRP A NE1 1 
ATOM   63   C CE2 . TRP A 1 7   ? -13.712 -6.962  -3.675  1.00 48.60 ? 23   TRP A CE2 1 
ATOM   64   C CE3 . TRP A 1 7   ? -13.385 -5.597  -1.702  1.00 48.54 ? 23   TRP A CE3 1 
ATOM   65   C CZ2 . TRP A 1 7   ? -14.600 -6.042  -4.224  1.00 49.87 ? 23   TRP A CZ2 1 
ATOM   66   C CZ3 . TRP A 1 7   ? -14.266 -4.684  -2.249  1.00 49.94 ? 23   TRP A CZ3 1 
ATOM   67   C CH2 . TRP A 1 7   ? -14.866 -4.913  -3.498  1.00 50.80 ? 23   TRP A CH2 1 
ATOM   68   N N   . VAL A 1 8   ? -9.075  -6.485  0.757   1.00 20.86 ? 24   VAL A N   1 
ATOM   69   C CA  . VAL A 1 8   ? -8.233  -6.366  1.947   1.00 23.41 ? 24   VAL A CA  1 
ATOM   70   C C   . VAL A 1 8   ? -9.100  -6.406  3.190   1.00 24.98 ? 24   VAL A C   1 
ATOM   71   O O   . VAL A 1 8   ? -8.911  -7.254  4.055   1.00 27.00 ? 24   VAL A O   1 
ATOM   72   C CB  . VAL A 1 8   ? -7.430  -5.068  1.971   1.00 25.04 ? 24   VAL A CB  1 
ATOM   73   C CG1 . VAL A 1 8   ? -6.723  -4.925  3.313   1.00 25.58 ? 24   VAL A CG1 1 
ATOM   74   C CG2 . VAL A 1 8   ? -6.396  -5.048  0.842   1.00 31.10 ? 24   VAL A CG2 1 
ATOM   75   N N   . CYS A 1 9   ? -10.066 -5.493  3.276   1.00 19.88 ? 25   CYS A N   1 
ATOM   76   C CA  . CYS A 1 9   ? -10.967 -5.464  4.424   1.00 20.87 ? 25   CYS A CA  1 
ATOM   77   C C   . CYS A 1 9   ? -12.107 -4.488  4.169   1.00 22.31 ? 25   CYS A C   1 
ATOM   78   O O   . CYS A 1 9   ? -12.035 -3.700  3.242   1.00 20.59 ? 25   CYS A O   1 
ATOM   79   C CB  . CYS A 1 9   ? -10.205 -5.121  5.707   1.00 23.75 ? 25   CYS A CB  1 
ATOM   80   S SG  . CYS A 1 9   ? -9.373  -3.489  5.743   1.00 30.22 ? 25   CYS A SG  1 
ATOM   81   N N   . ASN A 1 10  ? -13.189 -4.602  4.942   1.00 28.56 ? 26   ASN A N   1 
ATOM   82   C CA  . ASN A 1 10  ? -14.231 -3.574  5.012   1.00 26.79 ? 26   ASN A CA  1 
ATOM   83   C C   . ASN A 1 10  ? -14.226 -2.978  6.414   1.00 31.71 ? 26   ASN A C   1 
ATOM   84   O O   . ASN A 1 10  ? -14.145 -3.712  7.405   1.00 29.02 ? 26   ASN A O   1 
ATOM   85   C CB  . ASN A 1 10  ? -15.635 -4.163  4.777   1.00 28.32 ? 26   ASN A CB  1 
ATOM   86   C CG  . ASN A 1 10  ? -15.988 -4.281  3.315   1.00 29.51 ? 26   ASN A CG  1 
ATOM   87   O OD1 . ASN A 1 10  ? -15.138 -4.066  2.447   1.00 30.08 ? 26   ASN A OD1 1 
ATOM   88   N ND2 . ASN A 1 10  ? -17.256 -4.632  3.027   1.00 36.34 ? 26   ASN A ND2 1 
ATOM   89   N N   . SER A 1 11  ? -14.341 -1.662  6.513   1.00 29.61 ? 27   SER A N   1 
ATOM   90   C CA  . SER A 1 11  ? -14.499 -1.043  7.805   1.00 24.17 ? 27   SER A CA  1 
ATOM   91   C C   . SER A 1 11  ? -15.884 -0.450  7.831   1.00 26.94 ? 27   SER A C   1 
ATOM   92   O O   . SER A 1 11  ? -16.672 -0.667  6.908   1.00 27.93 ? 27   SER A O   1 
ATOM   93   C CB  . SER A 1 11  ? -13.473 0.050   8.040   1.00 28.81 ? 27   SER A CB  1 
ATOM   94   O OG  . SER A 1 11  ? -13.683 1.150   7.182   1.00 26.84 ? 27   SER A OG  1 
ATOM   95   N N   . SER A 1 12  ? -16.191 0.319   8.865   1.00 26.22 ? 28   SER A N   1 
ATOM   96   C CA  . SER A 1 12  ? -17.544 0.847   8.972   1.00 30.22 ? 28   SER A CA  1 
ATOM   97   C C   . SER A 1 12  ? -17.803 1.857   7.856   1.00 26.61 ? 28   SER A C   1 
ATOM   98   O O   . SER A 1 12  ? -18.941 2.042   7.442   1.00 26.46 ? 28   SER A O   1 
ATOM   99   C CB  . SER A 1 12  ? -17.830 1.450   10.369  1.00 28.63 ? 28   SER A CB  1 
ATOM   100  O OG  . SER A 1 12  ? -17.002 2.578   10.648  1.00 31.52 ? 28   SER A OG  1 
ATOM   101  N N   . ASP A 1 13  ? -16.750 2.486   7.333   1.00 27.25 ? 29   ASP A N   1 
ATOM   102  C CA  . ASP A 1 13  ? -16.979 3.555   6.376   1.00 29.00 ? 29   ASP A CA  1 
ATOM   103  C C   . ASP A 1 13  ? -16.192 3.395   5.092   1.00 28.12 ? 29   ASP A C   1 
ATOM   104  O O   . ASP A 1 13  ? -16.288 4.228   4.192   1.00 24.43 ? 29   ASP A O   1 
ATOM   105  C CB  . ASP A 1 13  ? -16.766 4.933   7.019   1.00 23.57 ? 29   ASP A CB  1 
ATOM   106  C CG  . ASP A 1 13  ? -15.281 5.311   7.202   1.00 30.91 ? 29   ASP A CG  1 
ATOM   107  O OD1 . ASP A 1 13  ? -14.403 4.566   6.741   1.00 23.92 ? 29   ASP A OD1 1 
ATOM   108  O OD2 . ASP A 1 13  ? -14.994 6.404   7.770   1.00 28.80 ? 29   ASP A OD2 1 
ATOM   109  N N   . ALA A 1 14  ? -15.403 2.329   5.014   1.00 24.09 ? 30   ALA A N   1 
ATOM   110  C CA  . ALA A 1 14  ? -14.625 2.077   3.807   1.00 19.99 ? 30   ALA A CA  1 
ATOM   111  C C   . ALA A 1 14  ? -14.635 0.620   3.328   1.00 24.21 ? 30   ALA A C   1 
ATOM   112  O O   . ALA A 1 14  ? -14.888 -0.318  4.083   1.00 21.19 ? 30   ALA A O   1 
ATOM   113  C CB  . ALA A 1 14  ? -13.176 2.592   3.965   1.00 19.81 ? 30   ALA A CB  1 
ATOM   114  N N   . SER A 1 15  ? -14.318 0.453   2.050   1.00 25.83 ? 31   SER A N   1 
ATOM   115  C CA  . SER A 1 15  ? -14.122 -0.845  1.482   1.00 25.10 ? 31   SER A CA  1 
ATOM   116  C C   . SER A 1 15  ? -12.824 -0.819  0.682   1.00 24.20 ? 31   SER A C   1 
ATOM   117  O O   . SER A 1 15  ? -12.692 -0.040  -0.259  1.00 24.77 ? 31   SER A O   1 
ATOM   118  C CB  . SER A 1 15  ? -15.317 -1.190  0.590   1.00 29.01 ? 31   SER A CB  1 
ATOM   119  O OG  . SER A 1 15  ? -15.236 -2.536  0.188   1.00 33.77 ? 31   SER A OG  1 
ATOM   120  N N   . ILE A 1 16  ? -11.854 -1.651  1.062   1.00 23.85 ? 32   ILE A N   1 
ATOM   121  C CA  . ILE A 1 16  ? -10.515 -1.606  0.434   1.00 19.21 ? 32   ILE A CA  1 
ATOM   122  C C   . ILE A 1 16  ? -10.166 -2.837  -0.396  1.00 24.10 ? 32   ILE A C   1 
ATOM   123  O O   . ILE A 1 16  ? -10.272 -3.974  0.077   1.00 22.55 ? 32   ILE A O   1 
ATOM   124  C CB  . ILE A 1 16  ? -9.419  -1.408  1.507   1.00 20.23 ? 32   ILE A CB  1 
ATOM   125  C CG1 . ILE A 1 16  ? -9.807  -0.244  2.440   1.00 28.16 ? 32   ILE A CG1 1 
ATOM   126  C CG2 . ILE A 1 16  ? -8.061  -1.205  0.851   1.00 24.19 ? 32   ILE A CG2 1 
ATOM   127  C CD1 . ILE A 1 16  ? -8.877  -0.053  3.616   1.00 19.81 ? 32   ILE A CD1 1 
ATOM   128  N N   . SER A 1 17  ? -9.755  -2.612  -1.642  1.00 19.30 ? 33   SER A N   1 
ATOM   129  C CA  . SER A 1 17  ? -9.369  -3.697  -2.519  1.00 18.01 ? 33   SER A CA  1 
ATOM   130  C C   . SER A 1 17  ? -8.176  -3.189  -3.283  1.00 22.72 ? 33   SER A C   1 
ATOM   131  O O   . SER A 1 17  ? -7.939  -2.008  -3.273  1.00 22.48 ? 33   SER A O   1 
ATOM   132  C CB  . SER A 1 17  ? -10.501 -3.991  -3.521  1.00 23.27 ? 33   SER A CB  1 
ATOM   133  O OG  . SER A 1 17  ? -10.846 -2.826  -4.251  1.00 25.53 ? 33   SER A OG  1 
ATOM   134  N N   . TYR A 1 18  ? -7.481  -4.059  -4.008  1.00 23.94 ? 34   TYR A N   1 
ATOM   135  C CA  . TYR A 1 18  ? -6.462  -3.599  -4.938  1.00 22.13 ? 34   TYR A CA  1 
ATOM   136  C C   . TYR A 1 18  ? -6.365  -4.561  -6.092  1.00 18.20 ? 34   TYR A C   1 
ATOM   137  O O   . TYR A 1 18  ? -6.911  -5.667  -6.030  1.00 20.72 ? 34   TYR A O   1 
ATOM   138  C CB  . TYR A 1 18  ? -5.107  -3.469  -4.236  1.00 24.39 ? 34   TYR A CB  1 
ATOM   139  C CG  . TYR A 1 18  ? -4.526  -4.785  -3.726  1.00 27.12 ? 34   TYR A CG  1 
ATOM   140  C CD1 . TYR A 1 18  ? -4.934  -5.338  -2.508  1.00 26.74 ? 34   TYR A CD1 1 
ATOM   141  C CD2 . TYR A 1 18  ? -3.541  -5.455  -4.445  1.00 32.01 ? 34   TYR A CD2 1 
ATOM   142  C CE1 . TYR A 1 18  ? -4.383  -6.536  -2.036  1.00 21.57 ? 34   TYR A CE1 1 
ATOM   143  C CE2 . TYR A 1 18  ? -2.987  -6.645  -3.980  1.00 30.17 ? 34   TYR A CE2 1 
ATOM   144  C CZ  . TYR A 1 18  ? -3.411  -7.168  -2.772  1.00 27.48 ? 34   TYR A CZ  1 
ATOM   145  O OH  . TYR A 1 18  ? -2.855  -8.339  -2.331  1.00 30.30 ? 34   TYR A OH  1 
ATOM   146  N N   . THR A 1 19  ? -5.700  -4.127  -7.152  1.00 21.60 ? 35   THR A N   1 
ATOM   147  C CA  . THR A 1 19  ? -5.269  -5.017  -8.218  1.00 27.73 ? 35   THR A CA  1 
ATOM   148  C C   . THR A 1 19  ? -3.767  -4.811  -8.406  1.00 22.01 ? 35   THR A C   1 
ATOM   149  O O   . THR A 1 19  ? -3.188  -3.849  -7.910  1.00 28.66 ? 35   THR A O   1 
ATOM   150  C CB  . THR A 1 19  ? -6.005  -4.712  -9.577  1.00 26.59 ? 35   THR A CB  1 
ATOM   151  O OG1 . THR A 1 19  ? -5.829  -3.339  -9.910  1.00 27.06 ? 35   THR A OG1 1 
ATOM   152  C CG2 . THR A 1 19  ? -7.500  -5.006  -9.499  1.00 33.35 ? 35   THR A CG2 1 
ATOM   153  N N   . TYR A 1 20  ? -3.127  -5.702  -9.143  1.00 23.97 ? 36   TYR A N   1 
ATOM   154  C CA  . TYR A 1 20  ? -1.730  -5.498  -9.507  1.00 27.67 ? 36   TYR A CA  1 
ATOM   155  C C   . TYR A 1 20  ? -1.619  -4.627  -10.741 1.00 31.11 ? 36   TYR A C   1 
ATOM   156  O O   . TYR A 1 20  ? -2.205  -4.956  -11.767 1.00 33.61 ? 36   TYR A O   1 
ATOM   157  C CB  . TYR A 1 20  ? -1.054  -6.847  -9.764  1.00 24.96 ? 36   TYR A CB  1 
ATOM   158  C CG  . TYR A 1 20  ? -0.844  -7.611  -8.497  1.00 27.24 ? 36   TYR A CG  1 
ATOM   159  C CD1 . TYR A 1 20  ? 0.314   -7.437  -7.738  1.00 33.35 ? 36   TYR A CD1 1 
ATOM   160  C CD2 . TYR A 1 20  ? -1.807  -8.496  -8.037  1.00 29.27 ? 36   TYR A CD2 1 
ATOM   161  C CE1 . TYR A 1 20  ? 0.502   -8.141  -6.546  1.00 35.45 ? 36   TYR A CE1 1 
ATOM   162  C CE2 . TYR A 1 20  ? -1.631  -9.208  -6.860  1.00 31.55 ? 36   TYR A CE2 1 
ATOM   163  C CZ  . TYR A 1 20  ? -0.482  -9.025  -6.114  1.00 35.16 ? 36   TYR A CZ  1 
ATOM   164  O OH  . TYR A 1 20  ? -0.334  -9.712  -4.927  1.00 28.98 ? 36   TYR A OH  1 
ATOM   165  N N   . CYS A 1 21  ? -0.907  -3.503  -10.646 1.00 30.76 ? 37   CYS A N   1 
ATOM   166  C CA  . CYS A 1 21  ? -0.634  -2.718  -11.849 1.00 28.39 ? 37   CYS A CA  1 
ATOM   167  C C   . CYS A 1 21  ? 0.695   -3.082  -12.508 1.00 32.31 ? 37   CYS A C   1 
ATOM   168  O O   . CYS A 1 21  ? 1.480   -3.893  -12.002 1.00 29.17 ? 37   CYS A O   1 
ATOM   169  C CB  . CYS A 1 21  ? -0.727  -1.196  -11.634 1.00 31.17 ? 37   CYS A CB  1 
ATOM   170  S SG  . CYS A 1 21  ? -0.147  -0.509  -10.072 1.00 32.23 ? 37   CYS A SG  1 
ATOM   171  N N   . ASP A 1 22  ? 0.930   -2.474  -13.661 1.00 32.13 ? 38   ASP A N   1 
ATOM   172  C CA  . ASP A 1 22  ? 2.155   -2.677  -14.399 1.00 28.19 ? 38   ASP A CA  1 
ATOM   173  C C   . ASP A 1 22  ? 2.472   -4.164  -14.670 1.00 30.13 ? 38   ASP A C   1 
ATOM   174  O O   . ASP A 1 22  ? 1.579   -4.952  -14.973 1.00 31.45 ? 38   ASP A O   1 
ATOM   175  C CB  . ASP A 1 22  ? 3.319   -1.950  -13.727 1.00 29.45 ? 38   ASP A CB  1 
ATOM   176  C CG  . ASP A 1 22  ? 4.376   -1.538  -14.732 1.00 37.69 ? 38   ASP A CG  1 
ATOM   177  O OD1 . ASP A 1 22  ? 3.983   -1.012  -15.806 1.00 30.10 ? 38   ASP A OD1 1 
ATOM   178  O OD2 . ASP A 1 22  ? 5.576   -1.780  -14.480 1.00 41.37 ? 38   ASP A OD2 1 
ATOM   179  N N   . LYS A 1 23  ? 3.744   -4.531  -14.613 1.00 25.18 ? 39   LYS A N   1 
ATOM   180  C CA  . LYS A 1 23  ? 4.129   -5.893  -14.893 1.00 35.47 ? 39   LYS A CA  1 
ATOM   181  C C   . LYS A 1 23  ? 3.762   -6.704  -13.652 1.00 45.32 ? 39   LYS A C   1 
ATOM   182  O O   . LYS A 1 23  ? 3.973   -6.243  -12.523 1.00 43.99 ? 39   LYS A O   1 
ATOM   183  C CB  . LYS A 1 23  ? 5.624   -5.981  -15.152 1.00 35.66 ? 39   LYS A CB  1 
ATOM   184  C CG  . LYS A 1 23  ? 6.102   -5.246  -16.389 1.00 39.71 ? 39   LYS A CG  1 
ATOM   185  C CD  . LYS A 1 23  ? 6.023   -6.123  -17.610 1.00 41.91 ? 39   LYS A CD  1 
ATOM   186  C CE  . LYS A 1 23  ? 6.533   -5.391  -18.835 1.00 46.84 ? 39   LYS A CE  1 
ATOM   187  N NZ  . LYS A 1 23  ? 6.446   -6.230  -20.071 1.00 50.86 ? 39   LYS A NZ  1 
ATOM   188  N N   . MET A 1 24  ? 3.171   -7.880  -13.857 1.00 47.71 ? 40   MET A N   1 
ATOM   189  C CA  . MET A 1 24  ? 2.830   -8.740  -12.732 1.00 57.29 ? 40   MET A CA  1 
ATOM   190  C C   . MET A 1 24  ? 4.137   -9.305  -12.219 1.00 51.93 ? 40   MET A C   1 
ATOM   191  O O   . MET A 1 24  ? 4.948   -9.813  -12.997 1.00 49.79 ? 40   MET A O   1 
ATOM   192  C CB  . MET A 1 24  ? 1.887   -9.875  -13.152 1.00 64.66 ? 40   MET A CB  1 
ATOM   193  C CG  . MET A 1 24  ? 1.591   -10.904 -12.042 1.00 74.44 ? 40   MET A CG  1 
ATOM   194  S SD  . MET A 1 24  ? 0.379   -10.375 -10.792 1.00 82.24 ? 40   MET A SD  1 
ATOM   195  C CE  . MET A 1 24  ? 0.541   -11.672 -9.552  1.00 74.42 ? 40   MET A CE  1 
ATOM   196  N N   . GLN A 1 25  ? 4.366   -9.158  -10.925 1.00 49.39 ? 41   GLN A N   1 
ATOM   197  C CA  . GLN A 1 25  ? 5.544   -9.738  -10.314 1.00 49.19 ? 41   GLN A CA  1 
ATOM   198  C C   . GLN A 1 25  ? 5.111   -10.718 -9.232  1.00 46.09 ? 41   GLN A C   1 
ATOM   199  O O   . GLN A 1 25  ? 4.055   -11.333 -9.338  1.00 45.89 ? 41   GLN A O   1 
ATOM   200  C CB  . GLN A 1 25  ? 6.446   -8.641  -9.748  1.00 61.33 ? 41   GLN A CB  1 
ATOM   201  C CG  . GLN A 1 25  ? 6.695   -7.460  -10.703 1.00 67.55 ? 41   GLN A CG  1 
ATOM   202  C CD  . GLN A 1 25  ? 7.411   -7.858  -11.984 1.00 69.87 ? 41   GLN A CD  1 
ATOM   203  O OE1 . GLN A 1 25  ? 8.493   -7.354  -12.285 1.00 75.17 ? 41   GLN A OE1 1 
ATOM   204  N NE2 . GLN A 1 25  ? 6.805   -8.752  -12.748 1.00 71.01 ? 41   GLN A NE2 1 
ATOM   205  N N   . TYR A 1 26  ? 5.923   -10.864 -8.193  1.00 40.22 ? 42   TYR A N   1 
ATOM   206  C CA  . TYR A 1 26  ? 5.587   -11.773 -7.112  1.00 35.95 ? 42   TYR A CA  1 
ATOM   207  C C   . TYR A 1 26  ? 4.360   -11.250 -6.388  1.00 29.39 ? 42   TYR A C   1 
ATOM   208  O O   . TYR A 1 26  ? 4.176   -10.041 -6.265  1.00 30.41 ? 42   TYR A O   1 
ATOM   209  C CB  . TYR A 1 26  ? 6.759   -11.893 -6.138  1.00 42.71 ? 42   TYR A CB  1 
ATOM   210  C CG  . TYR A 1 26  ? 7.923   -12.730 -6.647  1.00 52.10 ? 42   TYR A CG  1 
ATOM   211  C CD1 . TYR A 1 26  ? 8.005   -13.105 -7.978  1.00 51.63 ? 42   TYR A CD1 1 
ATOM   212  C CD2 . TYR A 1 26  ? 8.964   -13.099 -5.798  1.00 56.86 ? 42   TYR A CD2 1 
ATOM   213  C CE1 . TYR A 1 26  ? 9.060   -13.856 -8.442  1.00 55.98 ? 42   TYR A CE1 1 
ATOM   214  C CE2 . TYR A 1 26  ? 10.030  -13.848 -6.257  1.00 57.72 ? 42   TYR A CE2 1 
ATOM   215  C CZ  . TYR A 1 26  ? 10.069  -14.223 -7.580  1.00 59.22 ? 42   TYR A CZ  1 
ATOM   216  O OH  . TYR A 1 26  ? 11.122  -14.969 -8.056  1.00 63.68 ? 42   TYR A OH  1 
ATOM   217  N N   . PRO A 1 27  ? 3.535   -12.164 -5.863  1.00 33.29 ? 43   PRO A N   1 
ATOM   218  C CA  . PRO A 1 27  ? 2.364   -11.711 -5.132  1.00 29.39 ? 43   PRO A CA  1 
ATOM   219  C C   . PRO A 1 27  ? 2.753   -11.113 -3.772  1.00 30.33 ? 43   PRO A C   1 
ATOM   220  O O   . PRO A 1 27  ? 3.910   -11.216 -3.358  1.00 27.92 ? 43   PRO A O   1 
ATOM   221  C CB  . PRO A 1 27  ? 1.501   -12.978 -4.999  1.00 33.56 ? 43   PRO A CB  1 
ATOM   222  C CG  . PRO A 1 27  ? 2.393   -14.144 -5.349  1.00 27.39 ? 43   PRO A CG  1 
ATOM   223  C CD  . PRO A 1 27  ? 3.692   -13.633 -5.879  1.00 27.05 ? 43   PRO A CD  1 
ATOM   224  N N   . ILE A 1 28  ? 1.834   -10.372 -3.170  1.00 25.18 ? 44   ILE A N   1 
ATOM   225  C CA  . ILE A 1 28  ? 2.034   -9.805  -1.857  1.00 22.82 ? 44   ILE A CA  1 
ATOM   226  C C   . ILE A 1 28  ? 0.755   -10.041 -1.061  1.00 31.04 ? 44   ILE A C   1 
ATOM   227  O O   . ILE A 1 28  ? -0.339  -10.102 -1.631  1.00 28.18 ? 44   ILE A O   1 
ATOM   228  C CB  . ILE A 1 28  ? 2.445   -8.292  -1.895  1.00 30.25 ? 44   ILE A CB  1 
ATOM   229  C CG1 . ILE A 1 28  ? 2.870   -7.815  -0.503  1.00 21.03 ? 44   ILE A CG1 1 
ATOM   230  C CG2 . ILE A 1 28  ? 1.295   -7.415  -2.446  1.00 30.11 ? 44   ILE A CG2 1 
ATOM   231  C CD1 . ILE A 1 28  ? 3.655   -6.456  -0.483  1.00 23.91 ? 44   ILE A CD1 1 
ATOM   232  N N   . SER A 1 29  ? 0.899   -10.261 0.243   1.00 24.56 ? 45   SER A N   1 
ATOM   233  C CA  . SER A 1 29  ? -0.252  -10.367 1.110   1.00 26.77 ? 45   SER A CA  1 
ATOM   234  C C   . SER A 1 29  ? -0.267  -9.185  2.072   1.00 28.71 ? 45   SER A C   1 
ATOM   235  O O   . SER A 1 29  ? 0.725   -8.888  2.732   1.00 29.79 ? 45   SER A O   1 
ATOM   236  C CB  . SER A 1 29  ? -0.206  -11.665 1.908   1.00 26.43 ? 45   SER A CB  1 
ATOM   237  O OG  . SER A 1 29  ? -1.325  -11.758 2.745   1.00 31.29 ? 45   SER A OG  1 
ATOM   238  N N   . ILE A 1 30  ? -1.409  -8.527  2.169   1.00 28.02 ? 46   ILE A N   1 
ATOM   239  C CA  . ILE A 1 30  ? -1.513  -7.311  2.952   1.00 34.21 ? 46   ILE A CA  1 
ATOM   240  C C   . ILE A 1 30  ? -2.710  -7.494  3.854   1.00 36.12 ? 46   ILE A C   1 
ATOM   241  O O   . ILE A 1 30  ? -3.791  -7.904  3.402   1.00 35.69 ? 46   ILE A O   1 
ATOM   242  C CB  . ILE A 1 30  ? -1.774  -6.104  2.028   1.00 36.88 ? 46   ILE A CB  1 
ATOM   243  C CG1 . ILE A 1 30  ? -0.543  -5.793  1.191   1.00 41.10 ? 46   ILE A CG1 1 
ATOM   244  C CG2 . ILE A 1 30  ? -2.169  -4.873  2.811   1.00 43.64 ? 46   ILE A CG2 1 
ATOM   245  C CD1 . ILE A 1 30  ? -0.912  -5.070  -0.083  1.00 41.26 ? 46   ILE A CD1 1 
ATOM   246  N N   . ASN A 1 31  ? -2.540  -7.183  5.127   1.00 28.56 ? 47   ASN A N   1 
ATOM   247  C CA  . ASN A 1 31  ? -3.682  -7.180  6.014   1.00 22.89 ? 47   ASN A CA  1 
ATOM   248  C C   . ASN A 1 31  ? -3.595  -6.013  6.969   1.00 23.99 ? 47   ASN A C   1 
ATOM   249  O O   . ASN A 1 31  ? -2.515  -5.625  7.363   1.00 24.23 ? 47   ASN A O   1 
ATOM   250  C CB  . ASN A 1 31  ? -3.832  -8.510  6.731   1.00 29.94 ? 47   ASN A CB  1 
ATOM   251  C CG  . ASN A 1 31  ? -4.265  -9.605  5.781   1.00 45.71 ? 47   ASN A CG  1 
ATOM   252  O OD1 . ASN A 1 31  ? -5.456  -9.717  5.438   1.00 42.50 ? 47   ASN A OD1 1 
ATOM   253  N ND2 . ASN A 1 31  ? -3.291  -10.379 5.287   1.00 47.91 ? 47   ASN A ND2 1 
ATOM   254  N N   . VAL A 1 32  ? -4.745  -5.458  7.308   1.00 23.09 ? 48   VAL A N   1 
ATOM   255  C CA  . VAL A 1 32  ? -4.818  -4.224  8.068   1.00 24.91 ? 48   VAL A CA  1 
ATOM   256  C C   . VAL A 1 32  ? -5.698  -4.481  9.292   1.00 29.03 ? 48   VAL A C   1 
ATOM   257  O O   . VAL A 1 32  ? -6.809  -4.981  9.155   1.00 27.12 ? 48   VAL A O   1 
ATOM   258  C CB  . VAL A 1 32  ? -5.449  -3.122  7.198   1.00 25.29 ? 48   VAL A CB  1 
ATOM   259  C CG1 . VAL A 1 32  ? -5.314  -1.807  7.887   1.00 28.77 ? 48   VAL A CG1 1 
ATOM   260  C CG2 . VAL A 1 32  ? -4.718  -3.082  5.859   1.00 24.06 ? 48   VAL A CG2 1 
ATOM   261  N N   . ASN A 1 33  ? -5.200  -4.157  10.481  1.00 25.47 ? 49   ASN A N   1 
ATOM   262  C CA  . ASN A 1 33  ? -5.921  -4.475  11.715  1.00 23.46 ? 49   ASN A CA  1 
ATOM   263  C C   . ASN A 1 33  ? -5.921  -3.313  12.726  1.00 24.01 ? 49   ASN A C   1 
ATOM   264  O O   . ASN A 1 33  ? -4.854  -2.872  13.202  1.00 21.17 ? 49   ASN A O   1 
ATOM   265  C CB  . ASN A 1 33  ? -5.318  -5.747  12.327  1.00 23.07 ? 49   ASN A CB  1 
ATOM   266  C CG  . ASN A 1 33  ? -5.909  -6.102  13.672  1.00 22.27 ? 49   ASN A CG  1 
ATOM   267  O OD1 . ASN A 1 33  ? -7.074  -5.812  13.955  1.00 23.08 ? 49   ASN A OD1 1 
ATOM   268  N ND2 . ASN A 1 33  ? -5.098  -6.753  14.514  1.00 23.51 ? 49   ASN A ND2 1 
ATOM   269  N N   . PRO A 1 34  ? -7.112  -2.767  13.007  1.00 28.00 ? 50   PRO A N   1 
ATOM   270  C CA  . PRO A 1 34  ? -8.371  -3.107  12.325  1.00 23.31 ? 50   PRO A CA  1 
ATOM   271  C C   . PRO A 1 34  ? -8.454  -2.413  10.971  1.00 22.37 ? 50   PRO A C   1 
ATOM   272  O O   . PRO A 1 34  ? -7.610  -1.590  10.643  1.00 26.66 ? 50   PRO A O   1 
ATOM   273  C CB  . PRO A 1 34  ? -9.440  -2.517  13.258  1.00 24.12 ? 50   PRO A CB  1 
ATOM   274  C CG  . PRO A 1 34  ? -8.747  -1.352  13.932  1.00 23.85 ? 50   PRO A CG  1 
ATOM   275  C CD  . PRO A 1 34  ? -7.299  -1.747  14.061  1.00 23.87 ? 50   PRO A CD  1 
ATOM   276  N N   . CYS A 1 35  ? -9.470  -2.737  10.185  1.00 22.46 ? 51   CYS A N   1 
ATOM   277  C CA  . CYS A 1 35  ? -9.573  -2.149  8.871   1.00 21.07 ? 51   CYS A CA  1 
ATOM   278  C C   . CYS A 1 35  ? -9.603  -0.620  8.985   1.00 24.08 ? 51   CYS A C   1 
ATOM   279  O O   . CYS A 1 35  ? -10.171 -0.063  9.922   1.00 28.02 ? 51   CYS A O   1 
ATOM   280  C CB  . CYS A 1 35  ? -10.827 -2.649  8.150   1.00 18.54 ? 51   CYS A CB  1 
ATOM   281  S SG  . CYS A 1 35  ? -10.820 -2.219  6.388   1.00 26.28 ? 51   CYS A SG  1 
ATOM   282  N N   . ILE A 1 36  ? -9.008  0.051   8.006   1.00 23.00 ? 52   ILE A N   1 
ATOM   283  C CA  . ILE A 1 36  ? -8.921  1.507   8.025   1.00 29.44 ? 52   ILE A CA  1 
ATOM   284  C C   . ILE A 1 36  ? -10.271 2.192   7.822   1.00 29.24 ? 52   ILE A C   1 
ATOM   285  O O   . ILE A 1 36  ? -11.075 1.755   7.015   1.00 31.32 ? 52   ILE A O   1 
ATOM   286  C CB  . ILE A 1 36  ? -7.998  2.000   6.939   1.00 30.13 ? 52   ILE A CB  1 
ATOM   287  C CG1 . ILE A 1 36  ? -6.554  1.648   7.296   1.00 29.78 ? 52   ILE A CG1 1 
ATOM   288  C CG2 . ILE A 1 36  ? -8.225  3.480   6.683   1.00 32.17 ? 52   ILE A CG2 1 
ATOM   289  C CD1 . ILE A 1 36  ? -5.526  2.287   6.366   1.00 45.35 ? 52   ILE A CD1 1 
ATOM   290  N N   . GLU A 1 37  ? -10.509 3.234   8.600   1.00 24.46 ? 53   GLU A N   1 
ATOM   291  C CA  . GLU A 1 37  ? -11.641 4.120   8.389   1.00 34.45 ? 53   GLU A CA  1 
ATOM   292  C C   . GLU A 1 37  ? -11.217 5.424   7.698   1.00 33.11 ? 53   GLU A C   1 
ATOM   293  O O   . GLU A 1 37  ? -10.282 6.107   8.141   1.00 34.50 ? 53   GLU A O   1 
ATOM   294  C CB  . GLU A 1 37  ? -12.299 4.426   9.725   1.00 35.67 ? 53   GLU A CB  1 
ATOM   295  C CG  . GLU A 1 37  ? -13.063 3.249   10.308  1.00 43.42 ? 53   GLU A CG  1 
ATOM   296  C CD  . GLU A 1 37  ? -13.841 3.653   11.529  1.00 54.85 ? 53   GLU A CD  1 
ATOM   297  O OE1 . GLU A 1 37  ? -13.217 4.111   12.510  1.00 60.11 ? 53   GLU A OE1 1 
ATOM   298  O OE2 . GLU A 1 37  ? -15.082 3.542   11.500  1.00 61.79 ? 53   GLU A OE2 1 
ATOM   299  N N   . LEU A 1 38  ? -11.920 5.778   6.625   1.00 30.80 ? 54   LEU A N   1 
ATOM   300  C CA  . LEU A 1 38  ? -11.602 6.993   5.877   1.00 30.04 ? 54   LEU A CA  1 
ATOM   301  C C   . LEU A 1 38  ? -11.565 8.233   6.791   1.00 24.11 ? 54   LEU A C   1 
ATOM   302  O O   . LEU A 1 38  ? -10.801 9.165   6.566   1.00 33.81 ? 54   LEU A O   1 
ATOM   303  C CB  . LEU A 1 38  ? -12.596 7.162   4.720   1.00 27.28 ? 54   LEU A CB  1 
ATOM   304  C CG  . LEU A 1 38  ? -12.167 6.326   3.514   1.00 24.84 ? 54   LEU A CG  1 
ATOM   305  C CD1 . LEU A 1 38  ? -13.352 5.975   2.600   1.00 21.98 ? 54   LEU A CD1 1 
ATOM   306  C CD2 . LEU A 1 38  ? -11.003 7.006   2.759   1.00 25.73 ? 54   LEU A CD2 1 
ATOM   307  N N   . LYS A 1 39  ? -12.438 8.219   7.791   1.00 26.86 ? 55   LYS A N   1 
ATOM   308  C CA  . LYS A 1 39  ? -12.507 9.174   8.889   1.00 27.90 ? 55   LYS A CA  1 
ATOM   309  C C   . LYS A 1 39  ? -11.236 9.292   9.746   1.00 34.04 ? 55   LYS A C   1 
ATOM   310  O O   . LYS A 1 39  ? -11.114 10.241  10.519  1.00 38.13 ? 55   LYS A O   1 
ATOM   311  C CB  . LYS A 1 39  ? -13.666 8.769   9.815   1.00 32.09 ? 55   LYS A CB  1 
ATOM   312  C CG  . LYS A 1 39  ? -14.999 9.427   9.535   1.00 41.38 ? 55   LYS A CG  1 
ATOM   313  C CD  . LYS A 1 39  ? -16.154 8.658   10.206  1.00 41.26 ? 55   LYS A CD  1 
ATOM   314  C CE  . LYS A 1 39  ? -16.829 7.732   9.196   1.00 41.09 ? 55   LYS A CE  1 
ATOM   315  N NZ  . LYS A 1 39  ? -17.854 6.876   9.801   1.00 40.25 ? 55   LYS A NZ  1 
ATOM   316  N N   . GLY A 1 40  ? -10.321 8.323   9.642   1.00 37.94 ? 56   GLY A N   1 
ATOM   317  C CA  . GLY A 1 40  ? -9.100  8.298   10.461  1.00 27.62 ? 56   GLY A CA  1 
ATOM   318  C C   . GLY A 1 40  ? -9.127  7.140   11.446  1.00 33.07 ? 56   GLY A C   1 
ATOM   319  O O   . GLY A 1 40  ? -10.158 6.884   12.066  1.00 29.97 ? 56   GLY A O   1 
ATOM   320  N N   . SER A 1 41  ? -8.012  6.415   11.567  1.00 28.14 ? 57   SER A N   1 
ATOM   321  C CA  . SER A 1 41  ? -7.942  5.286   12.494  1.00 27.76 ? 57   SER A CA  1 
ATOM   322  C C   . SER A 1 41  ? -6.506  4.851   12.593  1.00 26.57 ? 57   SER A C   1 
ATOM   323  O O   . SER A 1 41  ? -5.680  5.227   11.762  1.00 32.35 ? 57   SER A O   1 
ATOM   324  C CB  . SER A 1 41  ? -8.814  4.116   12.017  1.00 27.30 ? 57   SER A CB  1 
ATOM   325  O OG  . SER A 1 41  ? -8.275  3.556   10.824  1.00 26.48 ? 57   SER A OG  1 
ATOM   326  N N   . LYS A 1 42  ? -6.186  4.068   13.613  1.00 27.64 ? 58   LYS A N   1 
ATOM   327  C CA  . LYS A 1 42  ? -4.833  3.509   13.691  1.00 29.50 ? 58   LYS A CA  1 
ATOM   328  C C   . LYS A 1 42  ? -4.860  1.994   13.826  1.00 27.24 ? 58   LYS A C   1 
ATOM   329  O O   . LYS A 1 42  ? -5.897  1.410   14.095  1.00 24.70 ? 58   LYS A O   1 
ATOM   330  C CB  . LYS A 1 42  ? -4.040  4.137   14.825  1.00 37.38 ? 58   LYS A CB  1 
ATOM   331  C CG  . LYS A 1 42  ? -4.703  4.030   16.170  1.00 42.29 ? 58   LYS A CG  1 
ATOM   332  C CD  . LYS A 1 42  ? -3.926  4.829   17.219  1.00 49.06 ? 58   LYS A CD  1 
ATOM   333  C CE  . LYS A 1 42  ? -3.776  6.278   16.795  1.00 52.43 ? 58   LYS A CE  1 
ATOM   334  N NZ  . LYS A 1 42  ? -2.853  7.011   17.700  1.00 59.57 ? 58   LYS A NZ  1 
ATOM   335  N N   . GLY A 1 43  ? -3.713  1.357   13.632  1.00 24.00 ? 59   GLY A N   1 
ATOM   336  C CA  . GLY A 1 43  ? -3.670  -0.067  13.708  1.00 29.58 ? 59   GLY A CA  1 
ATOM   337  C C   . GLY A 1 43  ? -2.368  -0.622  13.215  1.00 28.57 ? 59   GLY A C   1 
ATOM   338  O O   . GLY A 1 43  ? -1.314  0.014   13.306  1.00 27.16 ? 59   GLY A O   1 
ATOM   339  N N   . LEU A 1 44  ? -2.480  -1.821  12.661  1.00 25.88 ? 60   LEU A N   1 
ATOM   340  C CA  . LEU A 1 44  ? -1.339  -2.626  12.344  1.00 22.99 ? 60   LEU A CA  1 
ATOM   341  C C   . LEU A 1 44  ? -1.444  -3.090  10.909  1.00 21.12 ? 60   LEU A C   1 
ATOM   342  O O   . LEU A 1 44  ? -2.469  -3.603  10.477  1.00 21.98 ? 60   LEU A O   1 
ATOM   343  C CB  . LEU A 1 44  ? -1.303  -3.831  13.285  1.00 20.73 ? 60   LEU A CB  1 
ATOM   344  C CG  . LEU A 1 44  ? -1.005  -3.542  14.766  1.00 18.89 ? 60   LEU A CG  1 
ATOM   345  C CD1 . LEU A 1 44  ? -0.909  -4.867  15.466  1.00 21.20 ? 60   LEU A CD1 1 
ATOM   346  C CD2 . LEU A 1 44  ? 0.304   -2.770  14.939  1.00 16.68 ? 60   LEU A CD2 1 
ATOM   347  N N   . LEU A 1 45  ? -0.363  -2.919  10.176  1.00 24.49 ? 61   LEU A N   1 
ATOM   348  C CA  . LEU A 1 45  ? -0.284  -3.417  8.828   1.00 26.72 ? 61   LEU A CA  1 
ATOM   349  C C   . LEU A 1 45  ? 0.592   -4.662  8.816   1.00 29.25 ? 61   LEU A C   1 
ATOM   350  O O   . LEU A 1 45  ? 1.761   -4.600  9.215   1.00 25.77 ? 61   LEU A O   1 
ATOM   351  C CB  . LEU A 1 45  ? 0.307   -2.329  7.946   1.00 26.45 ? 61   LEU A CB  1 
ATOM   352  C CG  . LEU A 1 45  ? 0.696   -2.701  6.515   1.00 26.86 ? 61   LEU A CG  1 
ATOM   353  C CD1 . LEU A 1 45  ? -0.556  -3.028  5.714   1.00 25.88 ? 61   LEU A CD1 1 
ATOM   354  C CD2 . LEU A 1 45  ? 1.481   -1.540  5.925   1.00 26.16 ? 61   LEU A CD2 1 
ATOM   355  N N   . HIS A 1 46  ? 0.023   -5.788  8.376   1.00 27.87 ? 62   HIS A N   1 
ATOM   356  C CA  . HIS A 1 46  ? 0.809   -6.995  8.176   1.00 29.68 ? 62   HIS A CA  1 
ATOM   357  C C   . HIS A 1 46  ? 1.112   -7.242  6.704   1.00 29.43 ? 62   HIS A C   1 
ATOM   358  O O   . HIS A 1 46  ? 0.209   -7.252  5.859   1.00 26.59 ? 62   HIS A O   1 
ATOM   359  C CB  . HIS A 1 46  ? 0.178   -8.251  8.814   1.00 26.95 ? 62   HIS A CB  1 
ATOM   360  C CG  . HIS A 1 46  ? 1.128   -9.412  8.847   1.00 34.29 ? 62   HIS A CG  1 
ATOM   361  N ND1 . HIS A 1 46  ? 1.135   -10.401 7.883   1.00 29.99 ? 62   HIS A ND1 1 
ATOM   362  C CD2 . HIS A 1 46  ? 2.173   -9.680  9.666   1.00 33.05 ? 62   HIS A CD2 1 
ATOM   363  C CE1 . HIS A 1 46  ? 2.130   -11.240 8.125   1.00 32.77 ? 62   HIS A CE1 1 
ATOM   364  N NE2 . HIS A 1 46  ? 2.769   -10.830 9.205   1.00 32.35 ? 62   HIS A NE2 1 
ATOM   365  N N   . ILE A 1 47  ? 2.397   -7.419  6.417   1.00 22.82 ? 63   ILE A N   1 
ATOM   366  C CA  . ILE A 1 47  ? 2.896   -7.705  5.085   1.00 28.85 ? 63   ILE A CA  1 
ATOM   367  C C   . ILE A 1 47  ? 3.535   -9.088  5.071   1.00 28.66 ? 63   ILE A C   1 
ATOM   368  O O   . ILE A 1 47  ? 4.405   -9.376  5.905   1.00 28.85 ? 63   ILE A O   1 
ATOM   369  C CB  . ILE A 1 47  ? 4.030   -6.729  4.703   1.00 30.09 ? 63   ILE A CB  1 
ATOM   370  C CG1 . ILE A 1 47  ? 3.537   -5.274  4.689   1.00 34.59 ? 63   ILE A CG1 1 
ATOM   371  C CG2 . ILE A 1 47  ? 4.589   -7.096  3.323   1.00 31.72 ? 63   ILE A CG2 1 
ATOM   372  C CD1 . ILE A 1 47  ? 2.522   -4.986  3.621   1.00 28.85 ? 63   ILE A CD1 1 
ATOM   373  N N   . PHE A 1 48  ? 3.085   -9.961  4.172   1.00 32.49 ? 64   PHE A N   1 
ATOM   374  C CA  . PHE A 1 48  ? 3.853   -11.189 3.868   1.00 26.99 ? 64   PHE A CA  1 
ATOM   375  C C   . PHE A 1 48  ? 4.289   -11.091 2.421   1.00 31.70 ? 64   PHE A C   1 
ATOM   376  O O   . PHE A 1 48  ? 3.445   -11.030 1.529   1.00 33.42 ? 64   PHE A O   1 
ATOM   377  C CB  . PHE A 1 48  ? 3.064   -12.482 4.123   1.00 31.02 ? 64   PHE A CB  1 
ATOM   378  C CG  . PHE A 1 48  ? 3.914   -13.745 4.019   1.00 34.60 ? 64   PHE A CG  1 
ATOM   379  C CD1 . PHE A 1 48  ? 4.287   -14.439 5.157   1.00 36.85 ? 64   PHE A CD1 1 
ATOM   380  C CD2 . PHE A 1 48  ? 4.362   -14.212 2.781   1.00 27.76 ? 64   PHE A CD2 1 
ATOM   381  C CE1 . PHE A 1 48  ? 5.086   -15.573 5.068   1.00 33.95 ? 64   PHE A CE1 1 
ATOM   382  C CE2 . PHE A 1 48  ? 5.149   -15.344 2.688   1.00 30.65 ? 64   PHE A CE2 1 
ATOM   383  C CZ  . PHE A 1 48  ? 5.519   -16.018 3.831   1.00 35.04 ? 64   PHE A CZ  1 
ATOM   384  N N   . TYR A 1 49  ? 5.597   -11.011 2.193   1.00 27.36 ? 65   TYR A N   1 
ATOM   385  C CA  . TYR A 1 49  ? 6.138   -10.772 0.857   1.00 30.50 ? 65   TYR A CA  1 
ATOM   386  C C   . TYR A 1 49  ? 7.489   -11.456 0.686   1.00 39.14 ? 65   TYR A C   1 
ATOM   387  O O   . TYR A 1 49  ? 8.366   -11.283 1.515   1.00 33.76 ? 65   TYR A O   1 
ATOM   388  C CB  . TYR A 1 49  ? 6.349   -9.268  0.664   1.00 36.39 ? 65   TYR A CB  1 
ATOM   389  C CG  . TYR A 1 49  ? 6.725   -8.848  -0.742  1.00 34.88 ? 65   TYR A CG  1 
ATOM   390  C CD1 . TYR A 1 49  ? 6.050   -9.369  -1.840  1.00 35.91 ? 65   TYR A CD1 1 
ATOM   391  C CD2 . TYR A 1 49  ? 7.717   -7.885  -0.968  1.00 32.46 ? 65   TYR A CD2 1 
ATOM   392  C CE1 . TYR A 1 49  ? 6.369   -8.981  -3.128  1.00 32.50 ? 65   TYR A CE1 1 
ATOM   393  C CE2 . TYR A 1 49  ? 8.049   -7.500  -2.254  1.00 34.95 ? 65   TYR A CE2 1 
ATOM   394  C CZ  . TYR A 1 49  ? 7.372   -8.048  -3.329  1.00 38.00 ? 65   TYR A CZ  1 
ATOM   395  O OH  . TYR A 1 49  ? 7.660   -7.649  -4.624  1.00 42.11 ? 65   TYR A OH  1 
ATOM   396  N N   . ILE A 1 50  ? 7.657   -12.222 -0.386  1.00 38.32 ? 66   ILE A N   1 
ATOM   397  C CA  . ILE A 1 50  ? 8.987   -12.719 -0.784  1.00 40.00 ? 66   ILE A CA  1 
ATOM   398  C C   . ILE A 1 50  ? 9.512   -11.795 -1.893  1.00 33.52 ? 66   ILE A C   1 
ATOM   399  O O   . ILE A 1 50  ? 9.020   -11.850 -3.021  1.00 40.33 ? 66   ILE A O   1 
ATOM   400  C CB  . ILE A 1 50  ? 8.884   -14.189 -1.273  1.00 37.41 ? 66   ILE A CB  1 
ATOM   401  C CG1 . ILE A 1 50  ? 8.461   -15.093 -0.107  1.00 40.16 ? 66   ILE A CG1 1 
ATOM   402  C CG2 . ILE A 1 50  ? 10.195  -14.691 -1.852  1.00 28.42 ? 66   ILE A CG2 1 
ATOM   403  C CD1 . ILE A 1 50  ? 7.511   -16.189 -0.501  1.00 40.71 ? 66   ILE A CD1 1 
ATOM   404  N N   . PRO A 1 51  ? 10.469  -10.897 -1.573  1.00 33.41 ? 67   PRO A N   1 
ATOM   405  C CA  . PRO A 1 51  ? 10.685  -9.847  -2.569  1.00 29.65 ? 67   PRO A CA  1 
ATOM   406  C C   . PRO A 1 51  ? 11.403  -10.291 -3.833  1.00 39.31 ? 67   PRO A C   1 
ATOM   407  O O   . PRO A 1 51  ? 12.161  -11.271 -3.824  1.00 40.06 ? 67   PRO A O   1 
ATOM   408  C CB  . PRO A 1 51  ? 11.466  -8.755  -1.805  1.00 25.13 ? 67   PRO A CB  1 
ATOM   409  C CG  . PRO A 1 51  ? 12.017  -9.381  -0.616  1.00 23.19 ? 67   PRO A CG  1 
ATOM   410  C CD  . PRO A 1 51  ? 11.356  -10.751 -0.407  1.00 29.38 ? 67   PRO A CD  1 
ATOM   411  N N   . ARG A 1 52  ? 11.102  -9.582  -4.918  1.00 49.51 ? 68   ARG A N   1 
ATOM   412  C CA  . ARG A 1 52  ? 11.680  -9.825  -6.240  1.00 57.81 ? 68   ARG A CA  1 
ATOM   413  C C   . ARG A 1 52  ? 13.118  -9.365  -6.230  1.00 52.41 ? 68   ARG A C   1 
ATOM   414  O O   . ARG A 1 52  ? 13.952  -9.872  -6.981  1.00 56.68 ? 68   ARG A O   1 
ATOM   415  C CB  . ARG A 1 52  ? 10.914  -9.031  -7.317  1.00 62.68 ? 68   ARG A CB  1 
ATOM   416  C CG  . ARG A 1 52  ? 9.807   -9.793  -8.014  1.00 69.22 ? 68   ARG A CG  1 
ATOM   417  C CD  . ARG A 1 52  ? 10.361  -10.842 -8.975  1.00 72.96 ? 68   ARG A CD  1 
ATOM   418  N NE  . ARG A 1 52  ? 10.658  -10.300 -10.301 1.00 77.63 ? 68   ARG A NE  1 
ATOM   419  C CZ  . ARG A 1 52  ? 11.886  -10.105 -10.779 1.00 78.89 ? 68   ARG A CZ  1 
ATOM   420  N NH1 . ARG A 1 52  ? 12.946  -10.402 -10.039 1.00 81.82 ? 68   ARG A NH1 1 
ATOM   421  N NH2 . ARG A 1 52  ? 12.056  -9.615  -12.000 1.00 78.65 ? 68   ARG A NH2 1 
ATOM   422  N N   . ARG A 1 53  ? 13.391  -8.388  -5.374  1.00 44.71 ? 69   ARG A N   1 
ATOM   423  C CA  . ARG A 1 53  ? 14.721  -7.826  -5.247  1.00 48.57 ? 69   ARG A CA  1 
ATOM   424  C C   . ARG A 1 53  ? 14.988  -7.394  -3.814  1.00 48.14 ? 69   ARG A C   1 
ATOM   425  O O   . ARG A 1 53  ? 14.087  -7.424  -2.971  1.00 46.69 ? 69   ARG A O   1 
ATOM   426  C CB  . ARG A 1 53  ? 14.847  -6.658  -6.204  1.00 50.88 ? 69   ARG A CB  1 
ATOM   427  C CG  . ARG A 1 53  ? 14.593  -7.122  -7.634  1.00 57.40 ? 69   ARG A CG  1 
ATOM   428  C CD  . ARG A 1 53  ? 14.435  -5.993  -8.625  1.00 59.82 ? 69   ARG A CD  1 
ATOM   429  N NE  . ARG A 1 53  ? 14.800  -6.450  -9.963  1.00 67.17 ? 69   ARG A NE  1 
ATOM   430  C CZ  . ARG A 1 53  ? 13.943  -6.949  -10.850 1.00 67.68 ? 69   ARG A CZ  1 
ATOM   431  N NH1 . ARG A 1 53  ? 12.648  -7.038  -10.565 1.00 67.45 ? 69   ARG A NH1 1 
ATOM   432  N NH2 . ARG A 1 53  ? 14.382  -7.338  -12.036 1.00 70.82 ? 69   ARG A NH2 1 
ATOM   433  N N   . ASP A 1 54  ? 16.231  -7.015  -3.534  1.00 50.14 ? 70   ASP A N   1 
ATOM   434  C CA  . ASP A 1 54  ? 16.595  -6.504  -2.209  1.00 46.64 ? 70   ASP A CA  1 
ATOM   435  C C   . ASP A 1 54  ? 15.763  -5.278  -1.866  1.00 39.90 ? 70   ASP A C   1 
ATOM   436  O O   . ASP A 1 54  ? 15.590  -4.419  -2.702  1.00 40.44 ? 70   ASP A O   1 
ATOM   437  C CB  . ASP A 1 54  ? 18.077  -6.128  -2.163  1.00 45.23 ? 70   ASP A CB  1 
ATOM   438  C CG  . ASP A 1 54  ? 18.979  -7.250  -2.624  1.00 42.55 ? 70   ASP A CG  1 
ATOM   439  O OD1 . ASP A 1 54  ? 18.530  -8.414  -2.665  1.00 40.19 ? 70   ASP A OD1 1 
ATOM   440  O OD2 . ASP A 1 54  ? 20.141  -6.956  -2.962  1.00 44.03 ? 70   ASP A OD2 1 
ATOM   441  N N   . LEU A 1 55  ? 15.306  -5.184  -0.617  1.00 37.73 ? 71   LEU A N   1 
ATOM   442  C CA  . LEU A 1 55  ? 14.442  -4.095  -0.172  1.00 33.25 ? 71   LEU A CA  1 
ATOM   443  C C   . LEU A 1 55  ? 15.192  -2.831  0.177   1.00 38.12 ? 71   LEU A C   1 
ATOM   444  O O   . LEU A 1 55  ? 14.584  -1.823  0.544   1.00 33.27 ? 71   LEU A O   1 
ATOM   445  C CB  . LEU A 1 55  ? 13.614  -4.521  1.040   1.00 30.65 ? 71   LEU A CB  1 
ATOM   446  C CG  . LEU A 1 55  ? 12.203  -4.981  0.703   1.00 41.49 ? 71   LEU A CG  1 
ATOM   447  C CD1 . LEU A 1 55  ? 12.091  -5.501  -0.732  1.00 40.48 ? 71   LEU A CD1 1 
ATOM   448  C CD2 . LEU A 1 55  ? 11.718  -6.007  1.708   1.00 36.36 ? 71   LEU A CD2 1 
ATOM   449  N N   . LYS A 1 56  ? 16.514  -2.861  0.050   1.00 39.27 ? 72   LYS A N   1 
ATOM   450  C CA  . LYS A 1 56  ? 17.289  -1.730  0.519   1.00 41.57 ? 72   LYS A CA  1 
ATOM   451  C C   . LYS A 1 56  ? 17.013  -0.476  -0.314  1.00 40.83 ? 72   LYS A C   1 
ATOM   452  O O   . LYS A 1 56  ? 16.916  -0.532  -1.543  1.00 46.98 ? 72   LYS A O   1 
ATOM   453  C CB  . LYS A 1 56  ? 18.780  -2.076  0.611   1.00 45.25 ? 72   LYS A CB  1 
ATOM   454  C CG  . LYS A 1 56  ? 19.437  -2.453  -0.699  1.00 50.51 ? 72   LYS A CG  1 
ATOM   455  C CD  . LYS A 1 56  ? 20.920  -2.768  -0.465  1.00 57.38 ? 72   LYS A CD  1 
ATOM   456  C CE  . LYS A 1 56  ? 21.600  -3.200  -1.753  1.00 59.00 ? 72   LYS A CE  1 
ATOM   457  N NZ  . LYS A 1 56  ? 20.825  -4.277  -2.432  1.00 59.27 ? 72   LYS A NZ  1 
ATOM   458  N N   . GLN A 1 57  ? 16.826  0.639   0.378   1.00 37.73 ? 73   GLN A N   1 
ATOM   459  C CA  . GLN A 1 57  ? 16.558  1.927   -0.268  1.00 46.14 ? 73   GLN A CA  1 
ATOM   460  C C   . GLN A 1 57  ? 15.114  2.043   -0.785  1.00 49.42 ? 73   GLN A C   1 
ATOM   461  O O   . GLN A 1 57  ? 14.744  3.062   -1.368  1.00 47.14 ? 73   GLN A O   1 
ATOM   462  C CB  . GLN A 1 57  ? 17.562  2.192   -1.391  1.00 42.41 ? 73   GLN A CB  1 
ATOM   463  C CG  . GLN A 1 57  ? 19.013  2.257   -0.926  1.00 51.65 ? 73   GLN A CG  1 
ATOM   464  C CD  . GLN A 1 57  ? 19.937  2.859   -1.976  1.00 59.92 ? 73   GLN A CD  1 
ATOM   465  O OE1 . GLN A 1 57  ? 20.149  4.080   -2.011  1.00 66.03 ? 73   GLN A OE1 1 
ATOM   466  N NE2 . GLN A 1 57  ? 20.492  2.001   -2.840  1.00 65.78 ? 73   GLN A NE2 1 
ATOM   467  N N   . LEU A 1 58  ? 14.321  0.988   -0.562  1.00 44.09 ? 74   LEU A N   1 
ATOM   468  C CA  . LEU A 1 58  ? 12.878  0.948   -0.872  1.00 42.50 ? 74   LEU A CA  1 
ATOM   469  C C   . LEU A 1 58  ? 12.177  2.307   -0.767  1.00 36.73 ? 74   LEU A C   1 
ATOM   470  O O   . LEU A 1 58  ? 12.253  2.943   0.264   1.00 33.82 ? 74   LEU A O   1 
ATOM   471  C CB  . LEU A 1 58  ? 12.182  0.010   0.127   1.00 34.83 ? 74   LEU A CB  1 
ATOM   472  C CG  . LEU A 1 58  ? 10.927  -0.792  -0.264  1.00 38.59 ? 74   LEU A CG  1 
ATOM   473  C CD1 . LEU A 1 58  ? 9.971   -0.893  0.919   1.00 27.17 ? 74   LEU A CD1 1 
ATOM   474  C CD2 . LEU A 1 58  ? 10.232  -0.253  -1.501  1.00 32.48 ? 74   LEU A CD2 1 
ATOM   475  N N   . TYR A 1 59  ? 11.438  2.707   -1.804  1.00 38.20 ? 75   TYR A N   1 
ATOM   476  C CA  . TYR A 1 59  ? 10.548  3.882   -1.693  1.00 33.22 ? 75   TYR A CA  1 
ATOM   477  C C   . TYR A 1 59  ? 9.289   3.734   -2.572  1.00 29.34 ? 75   TYR A C   1 
ATOM   478  O O   . TYR A 1 59  ? 9.234   2.850   -3.442  1.00 35.56 ? 75   TYR A O   1 
ATOM   479  C CB  . TYR A 1 59  ? 11.281  5.196   -1.989  1.00 33.63 ? 75   TYR A CB  1 
ATOM   480  C CG  . TYR A 1 59  ? 11.572  5.411   -3.457  1.00 36.42 ? 75   TYR A CG  1 
ATOM   481  C CD1 . TYR A 1 59  ? 12.808  5.080   -3.995  1.00 39.04 ? 75   TYR A CD1 1 
ATOM   482  C CD2 . TYR A 1 59  ? 10.605  5.941   -4.308  1.00 42.34 ? 75   TYR A CD2 1 
ATOM   483  C CE1 . TYR A 1 59  ? 13.081  5.259   -5.338  1.00 39.36 ? 75   TYR A CE1 1 
ATOM   484  C CE2 . TYR A 1 59  ? 10.863  6.121   -5.660  1.00 44.51 ? 75   TYR A CE2 1 
ATOM   485  C CZ  . TYR A 1 59  ? 12.099  5.776   -6.168  1.00 44.13 ? 75   TYR A CZ  1 
ATOM   486  O OH  . TYR A 1 59  ? 12.368  5.967   -7.502  1.00 46.37 ? 75   TYR A OH  1 
ATOM   487  N N   . PHE A 1 60  ? 8.274   4.543   -2.266  1.00 33.33 ? 76   PHE A N   1 
ATOM   488  C CA  . PHE A 1 60  ? 6.971   4.548   -2.954  1.00 34.15 ? 76   PHE A CA  1 
ATOM   489  C C   . PHE A 1 60  ? 6.702   5.884   -3.660  1.00 27.16 ? 76   PHE A C   1 
ATOM   490  O O   . PHE A 1 60  ? 6.726   6.931   -3.022  1.00 29.22 ? 76   PHE A O   1 
ATOM   491  C CB  . PHE A 1 60  ? 5.839   4.402   -1.932  1.00 24.24 ? 76   PHE A CB  1 
ATOM   492  C CG  . PHE A 1 60  ? 5.830   3.075   -1.192  1.00 25.02 ? 76   PHE A CG  1 
ATOM   493  C CD1 . PHE A 1 60  ? 5.170   2.955   0.018   1.00 31.30 ? 76   PHE A CD1 1 
ATOM   494  C CD2 . PHE A 1 60  ? 6.473   1.966   -1.707  1.00 20.20 ? 76   PHE A CD2 1 
ATOM   495  C CE1 . PHE A 1 60  ? 5.121   1.743   0.689   1.00 23.30 ? 76   PHE A CE1 1 
ATOM   496  C CE2 . PHE A 1 60  ? 6.447   0.755   -1.025  1.00 26.82 ? 76   PHE A CE2 1 
ATOM   497  C CZ  . PHE A 1 60  ? 5.782   0.656   0.180   1.00 26.18 ? 76   PHE A CZ  1 
ATOM   498  N N   . ASN A 1 61  ? 6.369   5.843   -4.944  1.00 32.51 ? 77   ASN A N   1 
ATOM   499  C CA  . ASN A 1 61  ? 5.618   6.964   -5.535  1.00 29.46 ? 77   ASN A CA  1 
ATOM   500  C C   . ASN A 1 61  ? 4.126   6.750   -5.304  1.00 24.16 ? 77   ASN A C   1 
ATOM   501  O O   . ASN A 1 61  ? 3.622   5.651   -5.496  1.00 27.46 ? 77   ASN A O   1 
ATOM   502  C CB  . ASN A 1 61  ? 5.888   7.073   -7.024  1.00 27.13 ? 77   ASN A CB  1 
ATOM   503  C CG  . ASN A 1 61  ? 7.328   7.370   -7.318  1.00 28.16 ? 77   ASN A CG  1 
ATOM   504  O OD1 . ASN A 1 61  ? 7.927   8.232   -6.678  1.00 31.06 ? 77   ASN A OD1 1 
ATOM   505  N ND2 . ASN A 1 61  ? 7.910   6.634   -8.272  1.00 33.30 ? 77   ASN A ND2 1 
ATOM   506  N N   . LEU A 1 62  ? 3.435   7.784   -4.848  1.00 24.80 ? 78   LEU A N   1 
ATOM   507  C CA  . LEU A 1 62  ? 2.018   7.667   -4.582  1.00 27.29 ? 78   LEU A CA  1 
ATOM   508  C C   . LEU A 1 62  ? 1.217   8.537   -5.527  1.00 22.78 ? 78   LEU A C   1 
ATOM   509  O O   . LEU A 1 62  ? 1.335   9.764   -5.533  1.00 25.55 ? 78   LEU A O   1 
ATOM   510  C CB  . LEU A 1 62  ? 1.718   8.058   -3.138  1.00 29.08 ? 78   LEU A CB  1 
ATOM   511  C CG  . LEU A 1 62  ? 2.497   7.236   -2.104  1.00 30.49 ? 78   LEU A CG  1 
ATOM   512  C CD1 . LEU A 1 62  ? 2.406   7.903   -0.745  1.00 31.62 ? 78   LEU A CD1 1 
ATOM   513  C CD2 . LEU A 1 62  ? 1.951   5.817   -2.049  1.00 20.72 ? 78   LEU A CD2 1 
ATOM   514  N N   . TYR A 1 63  ? 0.376   7.900   -6.325  1.00 27.54 ? 79   TYR A N   1 
ATOM   515  C CA  . TYR A 1 63  ? -0.523  8.665   -7.198  1.00 17.69 ? 79   TYR A CA  1 
ATOM   516  C C   . TYR A 1 63  ? -1.898  8.455   -6.678  1.00 20.44 ? 79   TYR A C   1 
ATOM   517  O O   . TYR A 1 63  ? -2.486  7.380   -6.839  1.00 19.86 ? 79   TYR A O   1 
ATOM   518  C CB  . TYR A 1 63  ? -0.451  8.142   -8.607  1.00 22.87 ? 79   TYR A CB  1 
ATOM   519  C CG  . TYR A 1 63  ? 0.858   8.397   -9.302  1.00 27.18 ? 79   TYR A CG  1 
ATOM   520  C CD1 . TYR A 1 63  ? 1.920   7.500   -9.177  1.00 29.06 ? 79   TYR A CD1 1 
ATOM   521  C CD2 . TYR A 1 63  ? 1.027   9.526   -10.106 1.00 31.19 ? 79   TYR A CD2 1 
ATOM   522  C CE1 . TYR A 1 63  ? 3.104   7.704   -9.833  1.00 31.92 ? 79   TYR A CE1 1 
ATOM   523  C CE2 . TYR A 1 63  ? 2.224   9.745   -10.774 1.00 32.97 ? 79   TYR A CE2 1 
ATOM   524  C CZ  . TYR A 1 63  ? 3.258   8.841   -10.621 1.00 33.98 ? 79   TYR A CZ  1 
ATOM   525  O OH  . TYR A 1 63  ? 4.445   9.054   -11.274 1.00 34.51 ? 79   TYR A OH  1 
ATOM   526  N N   . ILE A 1 64  ? -2.400  9.476   -6.018  1.00 23.28 ? 80   ILE A N   1 
ATOM   527  C CA  . ILE A 1 64  ? -3.656  9.389   -5.314  1.00 22.34 ? 80   ILE A CA  1 
ATOM   528  C C   . ILE A 1 64  ? -4.720  10.044  -6.183  1.00 27.57 ? 80   ILE A C   1 
ATOM   529  O O   . ILE A 1 64  ? -4.463  11.082  -6.783  1.00 22.80 ? 80   ILE A O   1 
ATOM   530  C CB  . ILE A 1 64  ? -3.558  10.134  -3.953  1.00 26.99 ? 80   ILE A CB  1 
ATOM   531  C CG1 . ILE A 1 64  ? -2.606  9.404   -2.999  1.00 27.44 ? 80   ILE A CG1 1 
ATOM   532  C CG2 . ILE A 1 64  ? -4.913  10.258  -3.306  1.00 18.79 ? 80   ILE A CG2 1 
ATOM   533  C CD1 . ILE A 1 64  ? -2.030  10.303  -1.889  1.00 26.50 ? 80   ILE A CD1 1 
ATOM   534  N N   . THR A 1 65  ? -5.887  9.408   -6.302  1.00 20.50 ? 81   THR A N   1 
ATOM   535  C CA  . THR A 1 65  ? -7.017  10.038  -6.994  1.00 22.29 ? 81   THR A CA  1 
ATOM   536  C C   . THR A 1 65  ? -8.214  10.145  -6.065  1.00 25.57 ? 81   THR A C   1 
ATOM   537  O O   . THR A 1 65  ? -8.540  9.187   -5.330  1.00 25.53 ? 81   THR A O   1 
ATOM   538  C CB  . THR A 1 65  ? -7.402  9.261   -8.286  1.00 19.66 ? 81   THR A CB  1 
ATOM   539  O OG1 . THR A 1 65  ? -6.266  9.179   -9.148  1.00 25.08 ? 81   THR A OG1 1 
ATOM   540  C CG2 . THR A 1 65  ? -8.540  9.942   -9.036  1.00 20.41 ? 81   THR A CG2 1 
ATOM   541  N N   . VAL A 1 66  ? -8.892  11.295  -6.111  1.00 23.00 ? 82   VAL A N   1 
ATOM   542  C CA  . VAL A 1 66  ? -10.013 11.594  -5.202  1.00 22.58 ? 82   VAL A CA  1 
ATOM   543  C C   . VAL A 1 66  ? -11.241 11.885  -6.047  1.00 22.13 ? 82   VAL A C   1 
ATOM   544  O O   . VAL A 1 66  ? -11.310 12.923  -6.698  1.00 22.06 ? 82   VAL A O   1 
ATOM   545  C CB  . VAL A 1 66  ? -9.694  12.821  -4.322  1.00 26.30 ? 82   VAL A CB  1 
ATOM   546  C CG1 . VAL A 1 66  ? -10.887 13.221  -3.437  1.00 25.61 ? 82   VAL A CG1 1 
ATOM   547  C CG2 . VAL A 1 66  ? -8.472  12.543  -3.473  1.00 25.44 ? 82   VAL A CG2 1 
ATOM   548  N N   . ASN A 1 67  ? -12.131 10.909  -6.166  1.00 22.32 ? 83   ASN A N   1 
ATOM   549  C CA  . ASN A 1 67  ? -13.286 11.040  -7.070  1.00 24.66 ? 83   ASN A CA  1 
ATOM   550  C C   . ASN A 1 67  ? -12.921 11.560  -8.470  1.00 27.27 ? 83   ASN A C   1 
ATOM   551  O O   . ASN A 1 67  ? -13.433 12.594  -8.925  1.00 27.41 ? 83   ASN A O   1 
ATOM   552  C CB  . ASN A 1 67  ? -14.366 11.897  -6.404  1.00 20.64 ? 83   ASN A CB  1 
ATOM   553  C CG  . ASN A 1 67  ? -14.926 11.238  -5.165  1.00 21.74 ? 83   ASN A CG  1 
ATOM   554  O OD1 . ASN A 1 67  ? -15.509 10.173  -5.248  1.00 24.10 ? 83   ASN A OD1 1 
ATOM   555  N ND2 . ASN A 1 67  ? -14.717 11.847  -4.004  1.00 26.70 ? 83   ASN A ND2 1 
ATOM   556  N N   . THR A 1 68  ? -12.012 10.827  -9.125  1.00 23.11 ? 84   THR A N   1 
ATOM   557  C CA  . THR A 1 68  ? -11.519 11.093  -10.480 1.00 21.78 ? 84   THR A CA  1 
ATOM   558  C C   . THR A 1 68  ? -10.539 12.233  -10.621 1.00 21.62 ? 84   THR A C   1 
ATOM   559  O O   . THR A 1 68  ? -10.005 12.433  -11.708 1.00 32.63 ? 84   THR A O   1 
ATOM   560  C CB  . THR A 1 68  ? -12.639 11.292  -11.538 1.00 22.73 ? 84   THR A CB  1 
ATOM   561  O OG1 . THR A 1 68  ? -13.047 12.663  -11.545 1.00 23.39 ? 84   THR A OG1 1 
ATOM   562  C CG2 . THR A 1 68  ? -13.822 10.365  -11.260 1.00 27.62 ? 84   THR A CG2 1 
ATOM   563  N N   . MET A 1 69  ? -10.306 12.985  -9.555  1.00 25.06 ? 85   MET A N   1 
ATOM   564  C CA  . MET A 1 69  ? -9.326  14.074  -9.585  1.00 28.08 ? 85   MET A CA  1 
ATOM   565  C C   . MET A 1 69  ? -7.954  13.604  -9.118  1.00 26.01 ? 85   MET A C   1 
ATOM   566  O O   . MET A 1 69  ? -7.788  13.211  -7.973  1.00 23.67 ? 85   MET A O   1 
ATOM   567  C CB  . MET A 1 69  ? -9.790  15.225  -8.721  1.00 35.15 ? 85   MET A CB  1 
ATOM   568  C CG  . MET A 1 69  ? -11.208 15.657  -9.048  1.00 51.46 ? 85   MET A CG  1 
ATOM   569  S SD  . MET A 1 69  ? -11.499 17.365  -8.561  1.00 64.00 ? 85   MET A SD  1 
ATOM   570  C CE  . MET A 1 69  ? -10.430 18.237  -9.714  1.00 63.81 ? 85   MET A CE  1 
ATOM   571  N N   . ASN A 1 70  ? -6.978  13.643  -10.019 1.00 22.65 ? 86   ASN A N   1 
ATOM   572  C CA  . ASN A 1 70  ? -5.646  13.143  -9.747  1.00 25.77 ? 86   ASN A CA  1 
ATOM   573  C C   . ASN A 1 70  ? -4.889  14.185  -8.952  1.00 30.60 ? 86   ASN A C   1 
ATOM   574  O O   . ASN A 1 70  ? -4.947  15.367  -9.269  1.00 33.34 ? 86   ASN A O   1 
ATOM   575  C CB  . ASN A 1 70  ? -4.899  12.879  -11.063 1.00 23.41 ? 86   ASN A CB  1 
ATOM   576  C CG  . ASN A 1 70  ? -5.478  11.729  -11.848 1.00 27.48 ? 86   ASN A CG  1 
ATOM   577  O OD1 . ASN A 1 70  ? -5.446  11.734  -13.075 1.00 33.71 ? 86   ASN A OD1 1 
ATOM   578  N ND2 . ASN A 1 70  ? -5.942  10.702  -11.157 1.00 25.16 ? 86   ASN A ND2 1 
ATOM   579  N N   . LEU A 1 71  ? -4.152  13.759  -7.935  1.00 28.10 ? 87   LEU A N   1 
ATOM   580  C CA  . LEU A 1 71  ? -3.319  14.700  -7.209  1.00 25.17 ? 87   LEU A CA  1 
ATOM   581  C C   . LEU A 1 71  ? -1.866  14.605  -7.678  1.00 26.95 ? 87   LEU A C   1 
ATOM   582  O O   . LEU A 1 71  ? -1.440  13.581  -8.186  1.00 23.18 ? 87   LEU A O   1 
ATOM   583  C CB  . LEU A 1 71  ? -3.394  14.444  -5.716  1.00 27.43 ? 87   LEU A CB  1 
ATOM   584  C CG  . LEU A 1 71  ? -4.731  14.329  -4.997  1.00 24.59 ? 87   LEU A CG  1 
ATOM   585  C CD1 . LEU A 1 71  ? -4.438  14.060  -3.517  1.00 28.94 ? 87   LEU A CD1 1 
ATOM   586  C CD2 . LEU A 1 71  ? -5.563  15.575  -5.171  1.00 32.59 ? 87   LEU A CD2 1 
ATOM   587  N N   . PRO A 1 72  ? -1.083  15.678  -7.491  1.00 29.29 ? 88   PRO A N   1 
ATOM   588  C CA  . PRO A 1 72  ? 0.330   15.566  -7.892  1.00 31.01 ? 88   PRO A CA  1 
ATOM   589  C C   . PRO A 1 72  ? 1.027   14.399  -7.183  1.00 26.12 ? 88   PRO A C   1 
ATOM   590  O O   . PRO A 1 72  ? 0.705   14.094  -6.039  1.00 31.60 ? 88   PRO A O   1 
ATOM   591  C CB  . PRO A 1 72  ? 0.940   16.909  -7.450  1.00 33.32 ? 88   PRO A CB  1 
ATOM   592  C CG  . PRO A 1 72  ? -0.210  17.830  -7.268  1.00 35.45 ? 88   PRO A CG  1 
ATOM   593  C CD  . PRO A 1 72  ? -1.407  16.981  -6.899  1.00 35.11 ? 88   PRO A CD  1 
ATOM   594  N N   . LYS A 1 73  ? 1.941   13.726  -7.882  1.00 26.24 ? 89   LYS A N   1 
ATOM   595  C CA  . LYS A 1 73  ? 2.710   12.627  -7.320  1.00 34.66 ? 89   LYS A CA  1 
ATOM   596  C C   . LYS A 1 73  ? 3.196   12.940  -5.890  1.00 42.26 ? 89   LYS A C   1 
ATOM   597  O O   . LYS A 1 73  ? 3.400   14.110  -5.538  1.00 37.77 ? 89   LYS A O   1 
ATOM   598  C CB  . LYS A 1 73  ? 3.892   12.317  -8.235  1.00 35.49 ? 89   LYS A CB  1 
ATOM   599  C CG  . LYS A 1 73  ? 4.375   10.888  -8.157  1.00 37.98 ? 89   LYS A CG  1 
ATOM   600  C CD  . LYS A 1 73  ? 5.779   10.749  -8.724  1.00 41.99 ? 89   LYS A CD  1 
ATOM   601  C CE  . LYS A 1 73  ? 6.744   11.740  -8.080  1.00 43.05 ? 89   LYS A CE  1 
ATOM   602  N NZ  . LYS A 1 73  ? 8.147   11.580  -8.607  1.00 42.03 ? 89   LYS A NZ  1 
ATOM   603  N N   . ARG A 1 74  ? 3.281   11.903  -5.046  1.00 41.03 ? 90   ARG A N   1 
ATOM   604  C CA  . ARG A 1 74  ? 3.963   11.997  -3.747  1.00 35.34 ? 90   ARG A CA  1 
ATOM   605  C C   . ARG A 1 74  ? 5.044   10.924  -3.729  1.00 37.04 ? 90   ARG A C   1 
ATOM   606  O O   . ARG A 1 74  ? 4.929   9.913   -4.417  1.00 36.56 ? 90   ARG A O   1 
ATOM   607  C CB  . ARG A 1 74  ? 2.988   11.842  -2.570  1.00 35.12 ? 90   ARG A CB  1 
ATOM   608  C CG  . ARG A 1 74  ? 1.906   12.947  -2.497  1.00 41.76 ? 90   ARG A CG  1 
ATOM   609  C CD  . ARG A 1 74  ? 0.851   12.662  -1.403  1.00 44.08 ? 90   ARG A CD  1 
ATOM   610  N NE  . ARG A 1 74  ? -0.275  13.612  -1.385  1.00 39.16 ? 90   ARG A NE  1 
ATOM   611  C CZ  . ARG A 1 74  ? -1.188  13.665  -0.410  1.00 44.40 ? 90   ARG A CZ  1 
ATOM   612  N NH1 . ARG A 1 74  ? -1.099  12.817  0.606   1.00 46.28 ? 90   ARG A NH1 1 
ATOM   613  N NH2 . ARG A 1 74  ? -2.193  14.551  -0.438  1.00 32.10 ? 90   ARG A NH2 1 
ATOM   614  N N   . LYS A 1 75  ? 6.142   11.170  -3.020  1.00 42.76 ? 91   LYS A N   1 
ATOM   615  C CA  . LYS A 1 75  ? 7.181   10.148  -2.887  1.00 35.80 ? 91   LYS A CA  1 
ATOM   616  C C   . LYS A 1 75  ? 7.460   9.917   -1.414  1.00 39.49 ? 91   LYS A C   1 
ATOM   617  O O   . LYS A 1 75  ? 7.659   10.868  -0.665  1.00 37.39 ? 91   LYS A O   1 
ATOM   618  C CB  . LYS A 1 75  ? 8.462   10.544  -3.607  1.00 39.89 ? 91   LYS A CB  1 
ATOM   619  C CG  . LYS A 1 75  ? 9.638   9.683   -3.202  1.00 46.46 ? 91   LYS A CG  1 
ATOM   620  C CD  . LYS A 1 75  ? 10.881  9.959   -4.015  1.00 51.52 ? 91   LYS A CD  1 
ATOM   621  C CE  . LYS A 1 75  ? 12.006  9.038   -3.583  1.00 54.21 ? 91   LYS A CE  1 
ATOM   622  N NZ  . LYS A 1 75  ? 13.154  9.067   -4.536  1.00 54.90 ? 91   LYS A NZ  1 
ATOM   623  N N   . GLU A 1 76  ? 7.458   8.658   -0.989  1.00 34.56 ? 92   GLU A N   1 
ATOM   624  C CA  . GLU A 1 76  ? 7.657   8.358   0.413   1.00 35.82 ? 92   GLU A CA  1 
ATOM   625  C C   . GLU A 1 76  ? 8.811   7.397   0.591   1.00 36.21 ? 92   GLU A C   1 
ATOM   626  O O   . GLU A 1 76  ? 8.728   6.237   0.165   1.00 38.44 ? 92   GLU A O   1 
ATOM   627  C CB  . GLU A 1 76  ? 6.384   7.779   1.040   1.00 45.36 ? 92   GLU A CB  1 
ATOM   628  C CG  . GLU A 1 76  ? 5.239   8.761   1.120   1.00 50.12 ? 92   GLU A CG  1 
ATOM   629  C CD  . GLU A 1 76  ? 5.620   10.018  1.857   1.00 58.34 ? 92   GLU A CD  1 
ATOM   630  O OE1 . GLU A 1 76  ? 6.731   10.052  2.425   1.00 62.31 ? 92   GLU A OE1 1 
ATOM   631  O OE2 . GLU A 1 76  ? 4.809   10.968  1.879   1.00 62.62 ? 92   GLU A OE2 1 
ATOM   632  N N   . VAL A 1 77  ? 9.903   7.875   1.194   1.00 38.72 ? 93   VAL A N   1 
ATOM   633  C CA  . VAL A 1 77  ? 11.017  6.973   1.524   1.00 35.79 ? 93   VAL A CA  1 
ATOM   634  C C   . VAL A 1 77  ? 10.661  6.089   2.725   1.00 33.59 ? 93   VAL A C   1 
ATOM   635  O O   . VAL A 1 77  ? 10.136  6.566   3.738   1.00 34.27 ? 93   VAL A O   1 
ATOM   636  C CB  . VAL A 1 77  ? 12.366  7.697   1.711   1.00 42.73 ? 93   VAL A CB  1 
ATOM   637  C CG1 . VAL A 1 77  ? 13.470  6.686   2.042   1.00 44.69 ? 93   VAL A CG1 1 
ATOM   638  C CG2 . VAL A 1 77  ? 12.731  8.465   0.440   1.00 39.51 ? 93   VAL A CG2 1 
ATOM   639  N N   . ILE A 1 78  ? 10.875  4.789   2.554   1.00 34.74 ? 94   ILE A N   1 
ATOM   640  C CA  . ILE A 1 78  ? 10.505  3.769   3.541   1.00 33.70 ? 94   ILE A CA  1 
ATOM   641  C C   . ILE A 1 78  ? 11.772  3.234   4.247   1.00 36.77 ? 94   ILE A C   1 
ATOM   642  O O   . ILE A 1 78  ? 11.810  3.106   5.471   1.00 35.26 ? 94   ILE A O   1 
ATOM   643  C CB  . ILE A 1 78  ? 9.770   2.592   2.844   1.00 31.68 ? 94   ILE A CB  1 
ATOM   644  C CG1 . ILE A 1 78  ? 8.580   3.113   2.043   1.00 31.67 ? 94   ILE A CG1 1 
ATOM   645  C CG2 . ILE A 1 78  ? 9.252   1.574   3.852   1.00 28.34 ? 94   ILE A CG2 1 
ATOM   646  C CD1 . ILE A 1 78  ? 7.557   3.859   2.911   1.00 32.86 ? 94   ILE A CD1 1 
ATOM   647  N N   . CYS A 1 79  ? 12.798  2.931   3.455   1.00 43.09 ? 95   CYS A N   1 
ATOM   648  C CA  . CYS A 1 79  ? 14.047  2.357   3.944   1.00 42.19 ? 95   CYS A CA  1 
ATOM   649  C C   . CYS A 1 79  ? 15.161  3.372   3.704   1.00 51.23 ? 95   CYS A C   1 
ATOM   650  O O   . CYS A 1 79  ? 15.546  3.605   2.555   1.00 49.38 ? 95   CYS A O   1 
ATOM   651  C CB  . CYS A 1 79  ? 14.359  1.084   3.165   1.00 35.41 ? 95   CYS A CB  1 
ATOM   652  S SG  . CYS A 1 79  ? 13.362  -0.374  3.595   1.00 38.11 ? 95   CYS A SG  1 
ATOM   653  N N   . ARG A 1 80  ? 15.685  3.960   4.783   1.00 62.98 ? 96   ARG A N   1 
ATOM   654  C CA  . ARG A 1 80  ? 16.659  5.057   4.688   1.00 73.39 ? 96   ARG A CA  1 
ATOM   655  C C   . ARG A 1 80  ? 18.106  4.680   5.013   1.00 77.10 ? 96   ARG A C   1 
ATOM   656  O O   . ARG A 1 80  ? 18.647  3.711   4.485   1.00 76.51 ? 96   ARG A O   1 
ATOM   657  C CB  . ARG A 1 80  ? 16.239  6.234   5.579   1.00 75.50 ? 96   ARG A CB  1 
ATOM   658  C CG  . ARG A 1 80  ? 15.045  7.005   5.059   1.00 79.96 ? 96   ARG A CG  1 
ATOM   659  C CD  . ARG A 1 80  ? 15.155  8.481   5.388   1.00 84.25 ? 96   ARG A CD  1 
ATOM   660  N NE  . ARG A 1 80  ? 14.214  9.275   4.602   1.00 88.44 ? 96   ARG A NE  1 
ATOM   661  C CZ  . ARG A 1 80  ? 14.478  9.774   3.395   1.00 89.44 ? 96   ARG A CZ  1 
ATOM   662  N NH1 . ARG A 1 80  ? 15.662  9.571   2.831   1.00 89.74 ? 96   ARG A NH1 1 
ATOM   663  N NH2 . ARG A 1 80  ? 13.560  10.484  2.754   1.00 89.89 ? 96   ARG A NH2 1 
ATOM   664  N N   . GLY A 1 81  ? 18.733  5.482   5.866   1.00 84.10 ? 97   GLY A N   1 
ATOM   665  C CA  . GLY A 1 81  ? 20.126  5.271   6.252   1.00 90.00 ? 97   GLY A CA  1 
ATOM   666  C C   . GLY A 1 81  ? 20.276  4.933   7.724   1.00 90.00 ? 97   GLY A C   1 
ATOM   667  O O   . GLY A 1 81  ? 19.516  5.435   8.573   1.00 90.00 ? 97   GLY A O   1 
ATOM   668  N N   . SER A 1 82  ? 21.266  4.087   8.027   1.00 90.00 ? 98   SER A N   1 
ATOM   669  C CA  . SER A 1 82  ? 21.493  3.606   9.394   1.00 90.00 ? 98   SER A CA  1 
ATOM   670  C C   . SER A 1 82  ? 20.276  2.838   9.897   1.00 90.00 ? 98   SER A C   1 
ATOM   671  O O   . SER A 1 82  ? 19.381  2.496   9.121   1.00 90.00 ? 98   SER A O   1 
ATOM   672  C CB  . SER A 1 82  ? 21.826  4.768   10.350  1.00 90.00 ? 98   SER A CB  1 
ATOM   673  O OG  . SER A 1 82  ? 23.214  5.108   10.306  1.00 90.00 ? 98   SER A OG  1 
ATOM   674  N N   . ASP A 1 83  ? 20.244  2.569   11.198  1.00 90.00 ? 99   ASP A N   1 
ATOM   675  C CA  . ASP A 1 83  ? 19.115  1.857   11.772  1.00 90.00 ? 99   ASP A CA  1 
ATOM   676  C C   . ASP A 1 83  ? 17.783  2.602   11.856  1.00 90.00 ? 99   ASP A C   1 
ATOM   677  O O   . ASP A 1 83  ? 17.481  3.467   11.026  1.00 90.00 ? 99   ASP A O   1 
ATOM   678  C CB  . ASP A 1 83  ? 19.520  1.043   13.004  1.00 90.00 ? 99   ASP A CB  1 
ATOM   679  C CG  . ASP A 1 83  ? 18.510  -0.049  13.335  1.00 90.00 ? 99   ASP A CG  1 
ATOM   680  O OD1 . ASP A 1 83  ? 18.026  -0.719  12.394  1.00 90.00 ? 99   ASP A OD1 1 
ATOM   681  O OD2 . ASP A 1 83  ? 18.196  -0.236  14.529  1.00 90.00 ? 99   ASP A OD2 1 
ATOM   682  N N   . ASP A 1 84  ? 17.006  2.261   12.879  1.00 90.00 ? 100  ASP A N   1 
ATOM   683  C CA  . ASP A 1 84  ? 15.690  2.862   13.041  1.00 87.65 ? 100  ASP A CA  1 
ATOM   684  C C   . ASP A 1 84  ? 14.828  2.455   11.843  1.00 81.21 ? 100  ASP A C   1 
ATOM   685  O O   . ASP A 1 84  ? 13.603  2.662   11.842  1.00 85.60 ? 100  ASP A O   1 
ATOM   686  C CB  . ASP A 1 84  ? 15.783  4.389   13.161  1.00 90.00 ? 100  ASP A CB  1 
ATOM   687  C CG  . ASP A 1 84  ? 14.619  4.988   13.950  1.00 90.00 ? 100  ASP A CG  1 
ATOM   688  O OD1 . ASP A 1 84  ? 13.772  4.220   14.464  1.00 90.00 ? 100  ASP A OD1 1 
ATOM   689  O OD2 . ASP A 1 84  ? 14.556  6.235   14.067  1.00 90.00 ? 100  ASP A OD2 1 
ATOM   690  N N   . ASP A 1 85  ? 15.484  1.887   10.822  1.00 71.17 ? 101  ASP A N   1 
ATOM   691  C CA  . ASP A 1 85  ? 14.786  1.353   9.654   1.00 60.65 ? 101  ASP A CA  1 
ATOM   692  C C   . ASP A 1 85  ? 14.068  0.089   10.076  1.00 55.50 ? 101  ASP A C   1 
ATOM   693  O O   . ASP A 1 85  ? 14.415  -0.525  11.080  1.00 55.97 ? 101  ASP A O   1 
ATOM   694  C CB  . ASP A 1 85  ? 15.766  1.008   8.524   1.00 57.79 ? 101  ASP A CB  1 
ATOM   695  C CG  . ASP A 1 85  ? 16.029  2.172   7.584   1.00 52.87 ? 101  ASP A CG  1 
ATOM   696  O OD1 . ASP A 1 85  ? 16.873  2.006   6.681   1.00 55.48 ? 101  ASP A OD1 1 
ATOM   697  O OD2 . ASP A 1 85  ? 15.408  3.245   7.731   1.00 57.73 ? 101  ASP A OD2 1 
ATOM   698  N N   . TYR A 1 86  ? 13.047  -0.289  9.322   1.00 47.80 ? 102  TYR A N   1 
ATOM   699  C CA  . TYR A 1 86  ? 12.337  -1.503  9.623   1.00 41.39 ? 102  TYR A CA  1 
ATOM   700  C C   . TYR A 1 86  ? 13.274  -2.663  9.353   1.00 42.75 ? 102  TYR A C   1 
ATOM   701  O O   . TYR A 1 86  ? 14.154  -2.573  8.506   1.00 39.18 ? 102  TYR A O   1 
ATOM   702  C CB  . TYR A 1 86  ? 11.095  -1.628  8.745   1.00 46.08 ? 102  TYR A CB  1 
ATOM   703  C CG  . TYR A 1 86  ? 10.060  -0.548  8.965   1.00 39.73 ? 102  TYR A CG  1 
ATOM   704  C CD1 . TYR A 1 86  ? 9.932   0.506   8.068   1.00 42.68 ? 102  TYR A CD1 1 
ATOM   705  C CD2 . TYR A 1 86  ? 9.214   -0.584  10.065  1.00 34.70 ? 102  TYR A CD2 1 
ATOM   706  C CE1 . TYR A 1 86  ? 8.981   1.481   8.253   1.00 41.37 ? 102  TYR A CE1 1 
ATOM   707  C CE2 . TYR A 1 86  ? 8.258   0.390   10.254  1.00 33.41 ? 102  TYR A CE2 1 
ATOM   708  C CZ  . TYR A 1 86  ? 8.149   1.417   9.351   1.00 35.78 ? 102  TYR A CZ  1 
ATOM   709  O OH  . TYR A 1 86  ? 7.209   2.394   9.539   1.00 35.22 ? 102  TYR A OH  1 
ATOM   710  N N   . SER A 1 87  ? 13.098  -3.760  10.071  1.00 44.51 ? 103  SER A N   1 
ATOM   711  C CA  . SER A 1 87  ? 13.982  -4.894  9.861   1.00 49.96 ? 103  SER A CA  1 
ATOM   712  C C   . SER A 1 87  ? 13.865  -5.448  8.441   1.00 49.25 ? 103  SER A C   1 
ATOM   713  O O   . SER A 1 87  ? 14.754  -6.184  7.988   1.00 46.01 ? 103  SER A O   1 
ATOM   714  C CB  . SER A 1 87  ? 13.729  -5.987  10.894  1.00 49.28 ? 103  SER A CB  1 
ATOM   715  O OG  . SER A 1 87  ? 14.042  -5.518  12.197  1.00 63.84 ? 103  SER A OG  1 
ATOM   716  N N   . PHE A 1 88  ? 12.776  -5.109  7.740   1.00 40.56 ? 104  PHE A N   1 
ATOM   717  C CA  . PHE A 1 88  ? 12.570  -5.633  6.382   1.00 38.02 ? 104  PHE A CA  1 
ATOM   718  C C   . PHE A 1 88  ? 13.467  -4.952  5.369   1.00 30.20 ? 104  PHE A C   1 
ATOM   719  O O   . PHE A 1 88  ? 13.704  -5.475  4.278   1.00 33.10 ? 104  PHE A O   1 
ATOM   720  C CB  . PHE A 1 88  ? 11.083  -5.633  5.931   1.00 31.10 ? 104  PHE A CB  1 
ATOM   721  C CG  . PHE A 1 88  ? 10.436  -4.277  5.870   1.00 30.10 ? 104  PHE A CG  1 
ATOM   722  C CD1 . PHE A 1 88  ? 9.471   -3.919  6.806   1.00 27.59 ? 104  PHE A CD1 1 
ATOM   723  C CD2 . PHE A 1 88  ? 10.707  -3.403  4.821   1.00 29.22 ? 104  PHE A CD2 1 
ATOM   724  C CE1 . PHE A 1 88  ? 8.851   -2.694  6.749   1.00 32.30 ? 104  PHE A CE1 1 
ATOM   725  C CE2 . PHE A 1 88  ? 10.089  -2.161  4.753   1.00 30.53 ? 104  PHE A CE2 1 
ATOM   726  C CZ  . PHE A 1 88  ? 9.162   -1.803  5.732   1.00 35.37 ? 104  PHE A CZ  1 
ATOM   727  N N   . CYS A 1 89  ? 13.970  -3.779  5.724   1.00 29.68 ? 105  CYS A N   1 
ATOM   728  C CA  . CYS A 1 89  ? 14.890  -3.075  4.843   1.00 32.41 ? 105  CYS A CA  1 
ATOM   729  C C   . CYS A 1 89  ? 16.183  -3.866  4.519   1.00 39.05 ? 105  CYS A C   1 
ATOM   730  O O   . CYS A 1 89  ? 16.756  -3.725  3.439   1.00 38.32 ? 105  CYS A O   1 
ATOM   731  C CB  . CYS A 1 89  ? 15.221  -1.727  5.464   1.00 36.31 ? 105  CYS A CB  1 
ATOM   732  S SG  . CYS A 1 89  ? 13.778  -0.658  5.557   1.00 43.89 ? 105  CYS A SG  1 
ATOM   733  N N   . ARG A 1 90  ? 16.616  -4.716  5.443   1.00 41.21 ? 106  ARG A N   1 
ATOM   734  C CA  . ARG A 1 90  ? 17.800  -5.560  5.244   1.00 40.38 ? 106  ARG A CA  1 
ATOM   735  C C   . ARG A 1 90  ? 17.470  -6.880  4.523   1.00 38.09 ? 106  ARG A C   1 
ATOM   736  O O   . ARG A 1 90  ? 18.344  -7.737  4.371   1.00 32.38 ? 106  ARG A O   1 
ATOM   737  C CB  . ARG A 1 90  ? 18.476  -5.835  6.602   1.00 36.57 ? 106  ARG A CB  1 
ATOM   738  C CG  . ARG A 1 90  ? 18.612  -4.577  7.468   1.00 45.81 ? 106  ARG A CG  1 
ATOM   739  C CD  . ARG A 1 90  ? 19.022  -4.866  8.917   1.00 53.94 ? 106  ARG A CD  1 
ATOM   740  N NE  . ARG A 1 90  ? 18.239  -4.081  9.887   1.00 63.81 ? 106  ARG A NE  1 
ATOM   741  C CZ  . ARG A 1 90  ? 18.288  -2.752  10.015  1.00 66.20 ? 106  ARG A CZ  1 
ATOM   742  N NH1 . ARG A 1 90  ? 19.079  -2.028  9.226   1.00 67.63 ? 106  ARG A NH1 1 
ATOM   743  N NH2 . ARG A 1 90  ? 17.541  -2.140  10.929  1.00 64.41 ? 106  ARG A NH2 1 
ATOM   744  N N   . ALA A 1 91  ? 16.222  -7.046  4.072   1.00 31.61 ? 107  ALA A N   1 
ATOM   745  C CA  . ALA A 1 91  ? 15.846  -8.253  3.311   1.00 32.89 ? 107  ALA A CA  1 
ATOM   746  C C   . ALA A 1 91  ? 16.484  -8.274  1.917   1.00 33.11 ? 107  ALA A C   1 
ATOM   747  O O   . ALA A 1 91  ? 16.609  -7.241  1.259   1.00 38.03 ? 107  ALA A O   1 
ATOM   748  C CB  . ALA A 1 91  ? 14.311  -8.414  3.217   1.00 29.57 ? 107  ALA A CB  1 
ATOM   749  N N   . LEU A 1 92  ? 16.937  -9.445  1.495   1.00 31.10 ? 108  LEU A N   1 
ATOM   750  C CA  . LEU A 1 92  ? 17.492  -9.592  0.159   1.00 33.55 ? 108  LEU A CA  1 
ATOM   751  C C   . LEU A 1 92  ? 16.502  -10.351 -0.678  1.00 31.30 ? 108  LEU A C   1 
ATOM   752  O O   . LEU A 1 92  ? 15.627  -11.062 -0.154  1.00 33.01 ? 108  LEU A O   1 
ATOM   753  C CB  . LEU A 1 92  ? 18.796  -10.417 0.178   1.00 32.01 ? 108  LEU A CB  1 
ATOM   754  C CG  . LEU A 1 92  ? 20.025  -9.954  0.981   1.00 32.94 ? 108  LEU A CG  1 
ATOM   755  C CD1 . LEU A 1 92  ? 21.139  -10.972 0.753   1.00 38.80 ? 108  LEU A CD1 1 
ATOM   756  C CD2 . LEU A 1 92  ? 20.486  -8.522  0.597   1.00 27.77 ? 108  LEU A CD2 1 
ATOM   757  N N   . LYS A 1 93  ? 16.705  -10.275 -1.985  1.00 34.20 ? 109  LYS A N   1 
ATOM   758  C CA  . LYS A 1 93  ? 15.888  -11.014 -2.922  1.00 35.72 ? 109  LYS A CA  1 
ATOM   759  C C   . LYS A 1 93  ? 15.748  -12.448 -2.449  1.00 37.07 ? 109  LYS A C   1 
ATOM   760  O O   . LYS A 1 93  ? 16.728  -13.074 -2.067  1.00 43.08 ? 109  LYS A O   1 
ATOM   761  C CB  . LYS A 1 93  ? 16.531  -10.978 -4.311  1.00 45.05 ? 109  LYS A CB  1 
ATOM   762  C CG  . LYS A 1 93  ? 17.969  -11.490 -4.363  1.00 44.42 ? 109  LYS A CG  1 
ATOM   763  C CD  . LYS A 1 93  ? 18.569  -11.351 -5.776  1.00 51.01 ? 109  LYS A CD  1 
ATOM   764  C CE  . LYS A 1 93  ? 18.851  -9.897  -6.140  1.00 50.52 ? 109  LYS A CE  1 
ATOM   765  N NZ  . LYS A 1 93  ? 20.077  -9.381  -5.468  1.00 53.78 ? 109  LYS A NZ  1 
ATOM   766  N N   . GLY A 1 94  ? 14.522  -12.958 -2.452  1.00 38.90 ? 110  GLY A N   1 
ATOM   767  C CA  . GLY A 1 94  ? 14.275  -14.352 -2.106  1.00 37.37 ? 110  GLY A CA  1 
ATOM   768  C C   . GLY A 1 94  ? 14.062  -14.602 -0.631  1.00 36.44 ? 110  GLY A C   1 
ATOM   769  O O   . GLY A 1 94  ? 13.590  -15.667 -0.247  1.00 39.43 ? 110  GLY A O   1 
ATOM   770  N N   . GLU A 1 95  ? 14.374  -13.605 0.193   1.00 35.99 ? 111  GLU A N   1 
ATOM   771  C CA  . GLU A 1 95  ? 14.210  -13.722 1.637   1.00 37.87 ? 111  GLU A CA  1 
ATOM   772  C C   . GLU A 1 95  ? 12.861  -13.246 2.189   1.00 39.21 ? 111  GLU A C   1 
ATOM   773  O O   . GLU A 1 95  ? 12.580  -12.057 2.220   1.00 47.15 ? 111  GLU A O   1 
ATOM   774  C CB  . GLU A 1 95  ? 15.349  -12.997 2.351   1.00 39.67 ? 111  GLU A CB  1 
ATOM   775  C CG  . GLU A 1 95  ? 16.663  -13.751 2.296   1.00 42.22 ? 111  GLU A CG  1 
ATOM   776  C CD  . GLU A 1 95  ? 17.764  -12.994 3.006   1.00 47.54 ? 111  GLU A CD  1 
ATOM   777  O OE1 . GLU A 1 95  ? 17.636  -11.754 3.146   1.00 39.89 ? 111  GLU A OE1 1 
ATOM   778  O OE2 . GLU A 1 95  ? 18.751  -13.639 3.417   1.00 51.70 ? 111  GLU A OE2 1 
ATOM   779  N N   . THR A 1 96  ? 12.077  -14.185 2.703   1.00 30.38 ? 112  THR A N   1 
ATOM   780  C CA  . THR A 1 96  ? 10.750  -13.916 3.229   1.00 31.41 ? 112  THR A CA  1 
ATOM   781  C C   . THR A 1 96  ? 10.654  -12.691 4.112   1.00 35.75 ? 112  THR A C   1 
ATOM   782  O O   . THR A 1 96  ? 11.411  -12.550 5.074   1.00 37.49 ? 112  THR A O   1 
ATOM   783  C CB  . THR A 1 96  ? 10.225  -15.143 4.004   1.00 38.88 ? 112  THR A CB  1 
ATOM   784  O OG1 . THR A 1 96  ? 10.205  -16.280 3.129   1.00 38.81 ? 112  THR A OG1 1 
ATOM   785  C CG2 . THR A 1 96  ? 8.819   -14.895 4.531   1.00 42.08 ? 112  THR A CG2 1 
ATOM   786  N N   . VAL A 1 97  ? 9.730   -11.791 3.781   1.00 33.16 ? 113  VAL A N   1 
ATOM   787  C CA  . VAL A 1 97  ? 9.367   -10.688 4.690   1.00 30.93 ? 113  VAL A CA  1 
ATOM   788  C C   . VAL A 1 97  ? 8.051   -11.049 5.332   1.00 30.58 ? 113  VAL A C   1 
ATOM   789  O O   . VAL A 1 97  ? 7.078   -11.298 4.656   1.00 31.63 ? 113  VAL A O   1 
ATOM   790  C CB  . VAL A 1 97  ? 9.210   -9.321  3.971   1.00 33.33 ? 113  VAL A CB  1 
ATOM   791  C CG1 . VAL A 1 97  ? 8.683   -8.234  4.954   1.00 22.48 ? 113  VAL A CG1 1 
ATOM   792  C CG2 . VAL A 1 97  ? 10.527  -8.890  3.322   1.00 33.89 ? 113  VAL A CG2 1 
ATOM   793  N N   . ASN A 1 98  ? 8.029   -11.109 6.648   1.00 30.52 ? 114  ASN A N   1 
ATOM   794  C CA  . ASN A 1 98  ? 6.833   -11.507 7.344   1.00 29.04 ? 114  ASN A CA  1 
ATOM   795  C C   . ASN A 1 98  ? 6.699   -10.631 8.573   1.00 37.36 ? 114  ASN A C   1 
ATOM   796  O O   . ASN A 1 98  ? 7.002   -11.064 9.676   1.00 40.14 ? 114  ASN A O   1 
ATOM   797  C CB  . ASN A 1 98  ? 6.911   -12.981 7.727   1.00 28.85 ? 114  ASN A CB  1 
ATOM   798  C CG  . ASN A 1 98  ? 5.667   -13.471 8.402   1.00 32.47 ? 114  ASN A CG  1 
ATOM   799  O OD1 . ASN A 1 98  ? 4.686   -12.745 8.484   1.00 32.21 ? 114  ASN A OD1 1 
ATOM   800  N ND2 . ASN A 1 98  ? 5.675   -14.740 8.839   1.00 33.71 ? 114  ASN A ND2 1 
ATOM   801  N N   . THR A 1 99  ? 6.264   -9.388  8.386   1.00 32.69 ? 115  THR A N   1 
ATOM   802  C CA  . THR A 1 99  ? 6.271   -8.450  9.503   1.00 39.14 ? 115  THR A CA  1 
ATOM   803  C C   . THR A 1 99  ? 5.018   -7.575  9.680   1.00 33.23 ? 115  THR A C   1 
ATOM   804  O O   . THR A 1 99  ? 4.098   -7.607  8.872   1.00 31.22 ? 115  THR A O   1 
ATOM   805  C CB  . THR A 1 99  ? 7.570   -7.605  9.533   1.00 39.97 ? 115  THR A CB  1 
ATOM   806  O OG1 . THR A 1 99  ? 7.773   -7.087  10.863  1.00 47.97 ? 115  THR A OG1 1 
ATOM   807  C CG2 . THR A 1 99  ? 7.517   -6.470  8.521   1.00 38.66 ? 115  THR A CG2 1 
ATOM   808  N N   . THR A 1 100 ? 5.003   -6.829  10.777  1.00 23.89 ? 116  THR A N   1 
ATOM   809  C CA  . THR A 1 100 ? 3.877   -6.047  11.204  1.00 24.90 ? 116  THR A CA  1 
ATOM   810  C C   . THR A 1 100 ? 4.376   -4.637  11.478  1.00 27.09 ? 116  THR A C   1 
ATOM   811  O O   . THR A 1 100 ? 5.484   -4.453  12.005  1.00 30.42 ? 116  THR A O   1 
ATOM   812  C CB  . THR A 1 100 ? 3.278   -6.680  12.443  1.00 20.22 ? 116  THR A CB  1 
ATOM   813  O OG1 . THR A 1 100 ? 2.740   -7.961  12.083  1.00 32.45 ? 116  THR A OG1 1 
ATOM   814  C CG2 . THR A 1 100 ? 2.210   -5.819  13.012  1.00 26.83 ? 116  THR A CG2 1 
ATOM   815  N N   . ILE A 1 101 ? 3.609   -3.646  11.040  1.00 23.19 ? 117  ILE A N   1 
ATOM   816  C CA  . ILE A 1 101 ? 4.034   -2.231  11.093  1.00 29.02 ? 117  ILE A CA  1 
ATOM   817  C C   . ILE A 1 101 ? 2.923   -1.400  11.728  1.00 32.10 ? 117  ILE A C   1 
ATOM   818  O O   . ILE A 1 101 ? 1.757   -1.601  11.413  1.00 31.17 ? 117  ILE A O   1 
ATOM   819  C CB  . ILE A 1 101 ? 4.318   -1.694  9.653   1.00 35.28 ? 117  ILE A CB  1 
ATOM   820  C CG1 . ILE A 1 101 ? 5.480   -2.459  9.014   1.00 40.15 ? 117  ILE A CG1 1 
ATOM   821  C CG2 . ILE A 1 101 ? 4.614   -0.206  9.655   1.00 37.56 ? 117  ILE A CG2 1 
ATOM   822  C CD1 . ILE A 1 101 ? 5.270   -2.737  7.558   1.00 41.59 ? 117  ILE A CD1 1 
ATOM   823  N N   . SER A 1 102 ? 3.257   -0.459  12.613  1.00 30.81 ? 118  SER A N   1 
ATOM   824  C CA  . SER A 1 102 ? 2.209   0.388   13.169  1.00 26.52 ? 118  SER A CA  1 
ATOM   825  C C   . SER A 1 102 ? 1.886   1.488   12.181  1.00 31.91 ? 118  SER A C   1 
ATOM   826  O O   . SER A 1 102 ? 2.760   1.988   11.482  1.00 36.94 ? 118  SER A O   1 
ATOM   827  C CB  . SER A 1 102 ? 2.589   1.008   14.525  1.00 30.55 ? 118  SER A CB  1 
ATOM   828  O OG  . SER A 1 102 ? 2.811   0.012   15.510  1.00 40.56 ? 118  SER A OG  1 
ATOM   829  N N   . PHE A 1 103 ? 0.629   1.888   12.148  1.00 36.35 ? 119  PHE A N   1 
ATOM   830  C CA  . PHE A 1 103 ? 0.229   2.985   11.293  1.00 34.39 ? 119  PHE A CA  1 
ATOM   831  C C   . PHE A 1 103 ? -0.807  3.826   12.010  1.00 30.11 ? 119  PHE A C   1 
ATOM   832  O O   . PHE A 1 103 ? -1.515  3.351   12.904  1.00 28.75 ? 119  PHE A O   1 
ATOM   833  C CB  . PHE A 1 103 ? -0.294  2.475   9.936   1.00 29.07 ? 119  PHE A CB  1 
ATOM   834  C CG  . PHE A 1 103 ? -1.660  1.881   9.995   1.00 29.84 ? 119  PHE A CG  1 
ATOM   835  C CD1 . PHE A 1 103 ? -2.781  2.695   10.037  1.00 31.41 ? 119  PHE A CD1 1 
ATOM   836  C CD2 . PHE A 1 103 ? -1.836  0.506   9.987   1.00 28.61 ? 119  PHE A CD2 1 
ATOM   837  C CE1 . PHE A 1 103 ? -4.031  2.156   10.095  1.00 23.24 ? 119  PHE A CE1 1 
ATOM   838  C CE2 . PHE A 1 103 ? -3.099  -0.047  10.043  1.00 29.67 ? 119  PHE A CE2 1 
ATOM   839  C CZ  . PHE A 1 103 ? -4.203  0.782   10.099  1.00 30.89 ? 119  PHE A CZ  1 
ATOM   840  N N   . SER A 1 104 ? -0.866  5.096   11.626  1.00 32.71 ? 120  SER A N   1 
ATOM   841  C CA  . SER A 1 104 ? -1.868  6.022   12.107  1.00 32.05 ? 120  SER A CA  1 
ATOM   842  C C   . SER A 1 104 ? -2.315  6.840   10.897  1.00 34.44 ? 120  SER A C   1 
ATOM   843  O O   . SER A 1 104 ? -1.525  7.573   10.324  1.00 35.48 ? 120  SER A O   1 
ATOM   844  C CB  . SER A 1 104 ? -1.266  6.952   13.174  1.00 38.15 ? 120  SER A CB  1 
ATOM   845  O OG  . SER A 1 104 ? -2.275  7.701   13.823  1.00 42.40 ? 120  SER A OG  1 
ATOM   846  N N   . PHE A 1 105 ? -3.557  6.656   10.464  1.00 34.45 ? 121  PHE A N   1 
ATOM   847  C CA  . PHE A 1 105 ? -4.079  7.433   9.338   1.00 37.14 ? 121  PHE A CA  1 
ATOM   848  C C   . PHE A 1 105 ? -4.905  8.597   9.884   1.00 31.52 ? 121  PHE A C   1 
ATOM   849  O O   . PHE A 1 105 ? -5.821  8.376   10.657  1.00 28.50 ? 121  PHE A O   1 
ATOM   850  C CB  . PHE A 1 105 ? -4.928  6.554   8.419   1.00 33.80 ? 121  PHE A CB  1 
ATOM   851  C CG  . PHE A 1 105 ? -5.672  7.334   7.381   1.00 39.14 ? 121  PHE A CG  1 
ATOM   852  C CD1 . PHE A 1 105 ? -7.056  7.286   7.313   1.00 34.76 ? 121  PHE A CD1 1 
ATOM   853  C CD2 . PHE A 1 105 ? -4.991  8.177   6.513   1.00 37.89 ? 121  PHE A CD2 1 
ATOM   854  C CE1 . PHE A 1 105 ? -7.748  8.033   6.366   1.00 33.55 ? 121  PHE A CE1 1 
ATOM   855  C CE2 . PHE A 1 105 ? -5.678  8.923   5.559   1.00 43.98 ? 121  PHE A CE2 1 
ATOM   856  C CZ  . PHE A 1 105 ? -7.060  8.855   5.491   1.00 37.18 ? 121  PHE A CZ  1 
ATOM   857  N N   . LYS A 1 106 ? -4.583  9.835   9.508   1.00 41.94 ? 122  LYS A N   1 
ATOM   858  C CA  . LYS A 1 106 ? -5.279  10.989  10.101  1.00 40.47 ? 122  LYS A CA  1 
ATOM   859  C C   . LYS A 1 106 ? -6.765  11.128  9.739   1.00 39.95 ? 122  LYS A C   1 
ATOM   860  O O   . LYS A 1 106 ? -7.553  11.644  10.526  1.00 40.88 ? 122  LYS A O   1 
ATOM   861  C CB  . LYS A 1 106 ? -4.542  12.303  9.822   1.00 45.57 ? 122  LYS A CB  1 
ATOM   862  C CG  . LYS A 1 106 ? -4.655  12.820  8.400   1.00 47.58 ? 122  LYS A CG  1 
ATOM   863  C CD  . LYS A 1 106 ? -3.948  14.157  8.293   1.00 56.89 ? 122  LYS A CD  1 
ATOM   864  C CE  . LYS A 1 106 ? -3.908  14.680  6.872   1.00 60.03 ? 122  LYS A CE  1 
ATOM   865  N NZ  . LYS A 1 106 ? -3.400  16.086  6.869   1.00 63.21 ? 122  LYS A NZ  1 
ATOM   866  N N   . GLY A 1 107 ? -7.149  10.680  8.552   1.00 37.53 ? 123  GLY A N   1 
ATOM   867  C CA  . GLY A 1 107 ? -8.550  10.769  8.150   1.00 37.71 ? 123  GLY A CA  1 
ATOM   868  C C   . GLY A 1 107 ? -8.800  11.845  7.101   1.00 41.24 ? 123  GLY A C   1 
ATOM   869  O O   . GLY A 1 107 ? -8.008  12.782  6.945   1.00 42.53 ? 123  GLY A O   1 
ATOM   870  N N   . ILE A 1 108 ? -9.891  11.683  6.360   1.00 40.48 ? 124  ILE A N   1 
ATOM   871  C CA  . ILE A 1 108 ? -10.382 12.673  5.407   1.00 36.89 ? 124  ILE A CA  1 
ATOM   872  C C   . ILE A 1 108 ? -11.762 13.062  5.894   1.00 40.11 ? 124  ILE A C   1 
ATOM   873  O O   . ILE A 1 108 ? -12.647 12.208  5.998   1.00 39.80 ? 124  ILE A O   1 
ATOM   874  C CB  . ILE A 1 108 ? -10.519 12.055  4.013   1.00 35.22 ? 124  ILE A CB  1 
ATOM   875  C CG1 . ILE A 1 108 ? -9.154  11.584  3.510   1.00 37.97 ? 124  ILE A CG1 1 
ATOM   876  C CG2 . ILE A 1 108 ? -11.168 13.033  3.041   1.00 34.21 ? 124  ILE A CG2 1 
ATOM   877  C CD1 . ILE A 1 108 ? -9.226  10.737  2.257   1.00 34.96 ? 124  ILE A CD1 1 
ATOM   878  N N   . LYS A 1 109 ? -11.952 14.335  6.237   1.00 44.55 ? 125  LYS A N   1 
ATOM   879  C CA  . LYS A 1 109 ? -13.256 14.785  6.733   1.00 44.02 ? 125  LYS A CA  1 
ATOM   880  C C   . LYS A 1 109 ? -14.239 14.929  5.584   1.00 33.39 ? 125  LYS A C   1 
ATOM   881  O O   . LYS A 1 109 ? -13.845 15.265  4.465   1.00 35.46 ? 125  LYS A O   1 
ATOM   882  C CB  . LYS A 1 109 ? -13.157 16.114  7.505   1.00 53.39 ? 125  LYS A CB  1 
ATOM   883  C CG  . LYS A 1 109 ? -12.901 15.957  9.003   1.00 59.04 ? 125  LYS A CG  1 
ATOM   884  C CD  . LYS A 1 109 ? -13.350 17.194  9.791   1.00 62.87 ? 125  LYS A CD  1 
ATOM   885  C CE  . LYS A 1 109 ? -14.843 17.462  9.599   1.00 65.23 ? 125  LYS A CE  1 
ATOM   886  N NZ  . LYS A 1 109 ? -15.389 18.443  10.587  1.00 65.51 ? 125  LYS A NZ  1 
ATOM   887  N N   . PHE A 1 110 ? -15.512 14.681  5.877   1.00 31.73 ? 126  PHE A N   1 
ATOM   888  C CA  . PHE A 1 110 ? -16.594 14.747  4.878   1.00 32.80 ? 126  PHE A CA  1 
ATOM   889  C C   . PHE A 1 110 ? -16.314 13.836  3.683   1.00 31.69 ? 126  PHE A C   1 
ATOM   890  O O   . PHE A 1 110 ? -16.747 14.101  2.569   1.00 36.47 ? 126  PHE A O   1 
ATOM   891  C CB  . PHE A 1 110 ? -16.840 16.194  4.401   1.00 31.23 ? 126  PHE A CB  1 
ATOM   892  C CG  . PHE A 1 110 ? -17.085 17.191  5.525   1.00 31.98 ? 126  PHE A CG  1 
ATOM   893  C CD1 . PHE A 1 110 ? -16.346 18.361  5.604   1.00 33.53 ? 126  PHE A CD1 1 
ATOM   894  C CD2 . PHE A 1 110 ? -18.043 16.953  6.485   1.00 30.97 ? 126  PHE A CD2 1 
ATOM   895  C CE1 . PHE A 1 110 ? -16.583 19.289  6.614   1.00 36.41 ? 126  PHE A CE1 1 
ATOM   896  C CE2 . PHE A 1 110 ? -18.281 17.874  7.508   1.00 37.68 ? 126  PHE A CE2 1 
ATOM   897  C CZ  . PHE A 1 110 ? -17.567 19.049  7.560   1.00 32.26 ? 126  PHE A CZ  1 
ATOM   898  N N   . SER A 1 111 ? -15.604 12.751  3.945   1.00 37.38 ? 127  SER A N   1 
ATOM   899  C CA  . SER A 1 111 ? -15.310 11.715  2.966   1.00 36.57 ? 127  SER A CA  1 
ATOM   900  C C   . SER A 1 111 ? -16.570 11.185  2.289   1.00 31.57 ? 127  SER A C   1 
ATOM   901  O O   . SER A 1 111 ? -17.583 10.961  2.933   1.00 39.71 ? 127  SER A O   1 
ATOM   902  C CB  . SER A 1 111 ? -14.593 10.554  3.675   1.00 30.76 ? 127  SER A CB  1 
ATOM   903  O OG  . SER A 1 111 ? -13.867 9.769   2.754   1.00 31.65 ? 127  SER A OG  1 
ATOM   904  N N   . LYS A 1 112 ? -16.485 10.951  0.986   1.00 32.55 ? 128  LYS A N   1 
ATOM   905  C CA  . LYS A 1 112 ? -17.542 10.303  0.235   1.00 24.53 ? 128  LYS A CA  1 
ATOM   906  C C   . LYS A 1 112 ? -17.006 9.919   -1.138  1.00 26.21 ? 128  LYS A C   1 
ATOM   907  O O   . LYS A 1 112 ? -16.020 10.489  -1.609  1.00 29.02 ? 128  LYS A O   1 
ATOM   908  C CB  . LYS A 1 112 ? -18.723 11.242  0.044   1.00 35.58 ? 128  LYS A CB  1 
ATOM   909  C CG  . LYS A 1 112 ? -18.325 12.603  -0.519  1.00 38.12 ? 128  LYS A CG  1 
ATOM   910  C CD  . LYS A 1 112 ? -19.540 13.543  -0.642  1.00 47.96 ? 128  LYS A CD  1 
ATOM   911  C CE  . LYS A 1 112 ? -20.030 14.017  0.726   1.00 53.55 ? 128  LYS A CE  1 
ATOM   912  N NZ  . LYS A 1 112 ? -21.317 14.758  0.617   1.00 55.94 ? 128  LYS A NZ  1 
ATOM   913  N N   . GLY A 1 113 ? -17.687 8.987   -1.796  1.00 26.44 ? 129  GLY A N   1 
ATOM   914  C CA  . GLY A 1 113 ? -17.310 8.595   -3.139  1.00 24.93 ? 129  GLY A CA  1 
ATOM   915  C C   . GLY A 1 113 ? -16.187 7.585   -3.135  1.00 25.95 ? 129  GLY A C   1 
ATOM   916  O O   . GLY A 1 113 ? -16.192 6.633   -2.370  1.00 26.38 ? 129  GLY A O   1 
ATOM   917  N N   . LYS A 1 114 ? -15.219 7.780   -4.011  1.00 24.40 ? 130  LYS A N   1 
ATOM   918  C CA  . LYS A 1 114 ? -14.242 6.718   -4.254  1.00 26.61 ? 130  LYS A CA  1 
ATOM   919  C C   . LYS A 1 114 ? -12.872 7.316   -4.370  1.00 25.51 ? 130  LYS A C   1 
ATOM   920  O O   . LYS A 1 114 ? -12.696 8.349   -5.037  1.00 23.81 ? 130  LYS A O   1 
ATOM   921  C CB  . LYS A 1 114 ? -14.581 5.985   -5.547  1.00 26.20 ? 130  LYS A CB  1 
ATOM   922  C CG  . LYS A 1 114 ? -13.439 5.178   -6.142  1.00 35.69 ? 130  LYS A CG  1 
ATOM   923  C CD  . LYS A 1 114 ? -13.929 4.344   -7.329  1.00 42.94 ? 130  LYS A CD  1 
ATOM   924  C CE  . LYS A 1 114 ? -12.751 3.792   -8.128  1.00 51.61 ? 130  LYS A CE  1 
ATOM   925  N NZ  . LYS A 1 114 ? -13.145 2.826   -9.216  1.00 50.15 ? 130  LYS A NZ  1 
ATOM   926  N N   . TYR A 1 115 ? -11.904 6.668   -3.727  1.00 21.84 ? 131  TYR A N   1 
ATOM   927  C CA  . TYR A 1 115 ? -10.498 7.087   -3.778  1.00 25.66 ? 131  TYR A CA  1 
ATOM   928  C C   . TYR A 1 115 ? -9.613  5.986   -4.361  1.00 23.83 ? 131  TYR A C   1 
ATOM   929  O O   . TYR A 1 115 ? -9.885  4.802   -4.176  1.00 28.73 ? 131  TYR A O   1 
ATOM   930  C CB  . TYR A 1 115 ? -10.005 7.400   -2.364  1.00 23.22 ? 131  TYR A CB  1 
ATOM   931  C CG  . TYR A 1 115 ? -10.866 8.391   -1.647  1.00 29.26 ? 131  TYR A CG  1 
ATOM   932  C CD1 . TYR A 1 115 ? -12.090 8.010   -1.092  1.00 31.41 ? 131  TYR A CD1 1 
ATOM   933  C CD2 . TYR A 1 115 ? -10.471 9.719   -1.527  1.00 28.40 ? 131  TYR A CD2 1 
ATOM   934  C CE1 . TYR A 1 115 ? -12.897 8.937   -0.445  1.00 34.54 ? 131  TYR A CE1 1 
ATOM   935  C CE2 . TYR A 1 115 ? -11.275 10.652  -0.877  1.00 31.74 ? 131  TYR A CE2 1 
ATOM   936  C CZ  . TYR A 1 115 ? -12.471 10.252  -0.334  1.00 32.19 ? 131  TYR A CZ  1 
ATOM   937  O OH  . TYR A 1 115 ? -13.253 11.174  0.307   1.00 38.09 ? 131  TYR A OH  1 
ATOM   938  N N   . LYS A 1 116 ? -8.558  6.375   -5.057  1.00 22.81 ? 132  LYS A N   1 
ATOM   939  C CA  . LYS A 1 116 ? -7.569  5.428   -5.549  1.00 22.18 ? 132  LYS A CA  1 
ATOM   940  C C   . LYS A 1 116 ? -6.195  5.878   -5.120  1.00 22.14 ? 132  LYS A C   1 
ATOM   941  O O   . LYS A 1 116 ? -5.931  7.073   -4.990  1.00 25.57 ? 132  LYS A O   1 
ATOM   942  C CB  . LYS A 1 116 ? -7.618  5.304   -7.082  1.00 24.47 ? 132  LYS A CB  1 
ATOM   943  C CG  . LYS A 1 116 ? -8.934  4.740   -7.591  1.00 36.93 ? 132  LYS A CG  1 
ATOM   944  C CD  . LYS A 1 116 ? -9.050  4.755   -9.119  1.00 45.48 ? 132  LYS A CD  1 
ATOM   945  C CE  . LYS A 1 116 ? -10.322 3.992   -9.533  1.00 51.91 ? 132  LYS A CE  1 
ATOM   946  N NZ  . LYS A 1 116 ? -10.879 4.313   -10.894 1.00 51.94 ? 132  LYS A NZ  1 
ATOM   947  N N   . CYS A 1 117 ? -5.329  4.909   -4.871  1.00 21.32 ? 133  CYS A N   1 
ATOM   948  C CA  . CYS A 1 117 ? -3.919  5.184   -4.666  1.00 22.05 ? 133  CYS A CA  1 
ATOM   949  C C   . CYS A 1 117 ? -3.128  4.101   -5.359  1.00 22.37 ? 133  CYS A C   1 
ATOM   950  O O   . CYS A 1 117 ? -3.260  2.893   -5.052  1.00 20.48 ? 133  CYS A O   1 
ATOM   951  C CB  . CYS A 1 117 ? -3.540  5.218   -3.188  1.00 29.37 ? 133  CYS A CB  1 
ATOM   952  S SG  . CYS A 1 117 ? -1.795  5.652   -2.936  1.00 32.39 ? 133  CYS A SG  1 
ATOM   953  N N   . VAL A 1 118 ? -2.359  4.528   -6.344  1.00 18.04 ? 134  VAL A N   1 
ATOM   954  C CA  . VAL A 1 118 ? -1.361  3.665   -6.937  1.00 18.58 ? 134  VAL A CA  1 
ATOM   955  C C   . VAL A 1 118 ? -0.031  3.761   -6.171  1.00 17.38 ? 134  VAL A C   1 
ATOM   956  O O   . VAL A 1 118 ? 0.502   4.828   -5.978  1.00 23.42 ? 134  VAL A O   1 
ATOM   957  C CB  . VAL A 1 118 ? -1.171  3.989   -8.390  1.00 20.27 ? 134  VAL A CB  1 
ATOM   958  C CG1 . VAL A 1 118 ? -0.083  3.134   -8.972  1.00 20.09 ? 134  VAL A CG1 1 
ATOM   959  C CG2 . VAL A 1 118 ? -2.500  3.795   -9.146  1.00 23.71 ? 134  VAL A CG2 1 
ATOM   960  N N   . VAL A 1 119 ? 0.460   2.611   -5.721  1.00 23.44 ? 135  VAL A N   1 
ATOM   961  C CA  . VAL A 1 119 ? 1.726   2.503   -5.020  1.00 26.30 ? 135  VAL A CA  1 
ATOM   962  C C   . VAL A 1 119 ? 2.770   1.866   -5.939  1.00 25.70 ? 135  VAL A C   1 
ATOM   963  O O   . VAL A 1 119 ? 2.723   0.676   -6.237  1.00 26.83 ? 135  VAL A O   1 
ATOM   964  C CB  . VAL A 1 119 ? 1.577   1.652   -3.758  1.00 25.32 ? 135  VAL A CB  1 
ATOM   965  C CG1 . VAL A 1 119 ? 2.901   1.537   -3.036  1.00 23.53 ? 135  VAL A CG1 1 
ATOM   966  C CG2 . VAL A 1 119 ? 0.508   2.269   -2.827  1.00 20.65 ? 135  VAL A CG2 1 
ATOM   967  N N   . GLU A 1 120 ? 3.681   2.688   -6.427  1.00 23.50 ? 136  GLU A N   1 
ATOM   968  C CA  . GLU A 1 120 ? 4.788   2.228   -7.251  1.00 27.30 ? 136  GLU A CA  1 
ATOM   969  C C   . GLU A 1 120 ? 5.976   1.972   -6.298  1.00 24.59 ? 136  GLU A C   1 
ATOM   970  O O   . GLU A 1 120 ? 6.592   2.915   -5.803  1.00 27.26 ? 136  GLU A O   1 
ATOM   971  C CB  . GLU A 1 120 ? 5.162   3.362   -8.215  1.00 30.60 ? 136  GLU A CB  1 
ATOM   972  C CG  . GLU A 1 120 ? 5.614   2.959   -9.602  1.00 36.93 ? 136  GLU A CG  1 
ATOM   973  C CD  . GLU A 1 120 ? 5.599   4.145   -10.573 1.00 37.36 ? 136  GLU A CD  1 
ATOM   974  O OE1 . GLU A 1 120 ? 6.203   5.193   -10.257 1.00 29.94 ? 136  GLU A OE1 1 
ATOM   975  O OE2 . GLU A 1 120 ? 4.976   4.026   -11.654 1.00 42.35 ? 136  GLU A OE2 1 
ATOM   976  N N   . ALA A 1 121 ? 6.295   0.714   -6.032  1.00 27.97 ? 137  ALA A N   1 
ATOM   977  C CA  . ALA A 1 121 ? 7.383   0.441   -5.090  1.00 33.33 ? 137  ALA A CA  1 
ATOM   978  C C   . ALA A 1 121 ? 8.674   0.202   -5.865  1.00 30.59 ? 137  ALA A C   1 
ATOM   979  O O   . ALA A 1 121 ? 8.738   -0.684  -6.720  1.00 30.50 ? 137  ALA A O   1 
ATOM   980  C CB  . ALA A 1 121 ? 7.061   -0.755  -4.188  1.00 34.51 ? 137  ALA A CB  1 
ATOM   981  N N   . ILE A 1 122 ? 9.684   1.009   -5.555  1.00 36.07 ? 138  ILE A N   1 
ATOM   982  C CA  . ILE A 1 122 ? 10.996  0.918   -6.183  1.00 41.71 ? 138  ILE A CA  1 
ATOM   983  C C   . ILE A 1 122 ? 12.107  0.649   -5.148  1.00 37.48 ? 138  ILE A C   1 
ATOM   984  O O   . ILE A 1 122 ? 12.086  1.208   -4.065  1.00 34.27 ? 138  ILE A O   1 
ATOM   985  C CB  . ILE A 1 122 ? 11.306  2.238   -6.927  1.00 46.50 ? 138  ILE A CB  1 
ATOM   986  C CG1 . ILE A 1 122 ? 10.202  2.522   -7.962  1.00 44.65 ? 138  ILE A CG1 1 
ATOM   987  C CG2 . ILE A 1 122 ? 12.697  2.172   -7.582  1.00 51.35 ? 138  ILE A CG2 1 
ATOM   988  C CD1 . ILE A 1 122 ? 9.962   3.976   -8.202  1.00 45.48 ? 138  ILE A CD1 1 
ATOM   989  N N   . SER A 1 123 ? 13.079  -0.196  -5.485  1.00 41.72 ? 139  SER A N   1 
ATOM   990  C CA  . SER A 1 123 ? 14.149  -0.521  -4.526  1.00 46.66 ? 139  SER A CA  1 
ATOM   991  C C   . SER A 1 123 ? 15.415  -1.073  -5.183  1.00 50.80 ? 139  SER A C   1 
ATOM   992  O O   . SER A 1 123 ? 15.557  -1.053  -6.405  1.00 44.28 ? 139  SER A O   1 
ATOM   993  C CB  . SER A 1 123 ? 13.654  -1.531  -3.485  1.00 42.15 ? 139  SER A CB  1 
ATOM   994  O OG  . SER A 1 123 ? 13.670  -2.856  -4.014  1.00 47.13 ? 139  SER A OG  1 
ATOM   995  N N   . GLY A 1 124 ? 16.332  -1.557  -4.342  1.00 62.21 ? 140  GLY A N   1 
ATOM   996  C CA  . GLY A 1 124 ? 17.529  -2.270  -4.791  1.00 68.10 ? 140  GLY A CA  1 
ATOM   997  C C   . GLY A 1 124 ? 18.648  -1.402  -5.347  1.00 74.74 ? 140  GLY A C   1 
ATOM   998  O O   . GLY A 1 124 ? 19.742  -1.905  -5.636  1.00 73.46 ? 140  GLY A O   1 
ATOM   999  N N   . SER A 1 125 ? 18.368  -0.106  -5.491  1.00 76.82 ? 141  SER A N   1 
ATOM   1000 C CA  . SER A 1 125 ? 19.279  0.864   -6.117  1.00 80.69 ? 141  SER A CA  1 
ATOM   1001 C C   . SER A 1 125 ? 20.789  0.688   -6.392  1.00 83.04 ? 141  SER A C   1 
ATOM   1002 O O   . SER A 1 125 ? 21.612  0.815   -5.471  1.00 84.01 ? 141  SER A O   1 
ATOM   1003 C CB  . SER A 1 125 ? 19.279  2.171   -5.312  1.00 79.57 ? 141  SER A CB  1 
ATOM   1004 O OG  . SER A 1 125 ? 20.347  3.016   -5.711  1.00 81.24 ? 141  SER A OG  1 
ATOM   1005 N N   . PRO A 1 126 ? 21.167  0.433   -7.666  1.00 81.74 ? 142  PRO A N   1 
ATOM   1006 C CA  . PRO A 1 126 ? 20.341  0.341   -8.873  1.00 79.33 ? 142  PRO A CA  1 
ATOM   1007 C C   . PRO A 1 126 ? 18.841  0.088   -8.727  1.00 77.79 ? 142  PRO A C   1 
ATOM   1008 O O   . PRO A 1 126 ? 18.428  -0.970  -8.248  1.00 78.57 ? 142  PRO A O   1 
ATOM   1009 C CB  . PRO A 1 126 ? 20.962  -0.682  -9.840  1.00 78.76 ? 142  PRO A CB  1 
ATOM   1010 C CG  . PRO A 1 126 ? 22.203  -1.227  -9.145  1.00 79.86 ? 142  PRO A CG  1 
ATOM   1011 C CD  . PRO A 1 126 ? 22.444  -0.381  -7.929  1.00 81.06 ? 142  PRO A CD  1 
ATOM   1012 N N   . GLU A 1 127 ? 18.045  1.055   -9.183  1.00 76.02 ? 143  GLU A N   1 
ATOM   1013 C CA  . GLU A 1 127 ? 16.586  1.040   -9.052  1.00 67.42 ? 143  GLU A CA  1 
ATOM   1014 C C   . GLU A 1 127 ? 15.876  0.187   -10.099 1.00 64.00 ? 143  GLU A C   1 
ATOM   1015 O O   . GLU A 1 127 ? 16.076  0.351   -11.301 1.00 64.63 ? 143  GLU A O   1 
ATOM   1016 C CB  . GLU A 1 127 ? 16.045  2.467   -9.132  1.00 64.77 ? 143  GLU A CB  1 
ATOM   1017 C CG  . GLU A 1 127 ? 16.670  3.421   -8.139  1.00 62.46 ? 143  GLU A CG  1 
ATOM   1018 C CD  . GLU A 1 127 ? 15.935  4.735   -8.073  1.00 62.62 ? 143  GLU A CD  1 
ATOM   1019 O OE1 . GLU A 1 127 ? 15.076  4.968   -8.951  1.00 60.02 ? 143  GLU A OE1 1 
ATOM   1020 O OE2 . GLU A 1 127 ? 16.201  5.530   -7.142  1.00 67.73 ? 143  GLU A OE2 1 
ATOM   1021 N N   . GLU A 1 128 ? 14.974  -0.733  -9.600  1.00 60.03 ? 144  GLU A N   1 
ATOM   1022 C CA  . GLU A 1 128 ? 14.052  -1.492  -10.435 1.00 59.02 ? 144  GLU A CA  1 
ATOM   1023 C C   . GLU A 1 128 ? 12.700  -1.467  -9.734  1.00 53.01 ? 144  GLU A C   1 
ATOM   1024 O O   . GLU A 1 128 ? 12.623  -1.276  -8.523  1.00 48.13 ? 144  GLU A O   1 
ATOM   1025 C CB  . GLU A 1 128 ? 14.511  -2.951  -10.572 1.00 65.70 ? 144  GLU A CB  1 
ATOM   1026 C CG  . GLU A 1 128 ? 15.285  -3.270  -11.836 1.00 71.03 ? 144  GLU A CG  1 
ATOM   1027 C CD  . GLU A 1 128 ? 16.602  -2.536  -11.911 1.00 73.28 ? 144  GLU A CD  1 
ATOM   1028 O OE1 . GLU A 1 128 ? 17.346  -2.546  -10.909 1.00 75.14 ? 144  GLU A OE1 1 
ATOM   1029 O OE2 . GLU A 1 128 ? 16.896  -1.957  -12.978 1.00 76.23 ? 144  GLU A OE2 1 
ATOM   1030 N N   A MET A 1 129 ? 11.708  -1.643  -10.526 0.50 50.17 ? 145  MET A N   1 
ATOM   1031 N N   B MET A 1 129 ? 11.691  -1.649  -10.502 0.50 51.93 ? 145  MET A N   1 
ATOM   1032 C CA  A MET A 1 129 ? 10.393  -1.799  -9.954  0.50 46.07 ? 145  MET A CA  1 
ATOM   1033 C CA  B MET A 1 129 ? 10.382  -1.663  -9.871  0.50 49.22 ? 145  MET A CA  1 
ATOM   1034 C C   A MET A 1 129 ? 10.477  -2.967  -8.986  0.50 44.16 ? 145  MET A C   1 
ATOM   1035 C C   B MET A 1 129 ? 10.198  -2.982  -9.127  0.50 47.14 ? 145  MET A C   1 
ATOM   1036 O O   A MET A 1 129 ? 11.215  -3.922  -9.213  0.50 48.43 ? 145  MET A O   1 
ATOM   1037 O O   B MET A 1 129 ? 10.475  -4.060  -9.653  0.50 50.30 ? 145  MET A O   1 
ATOM   1038 C CB  A MET A 1 129 ? 9.368   -2.109  -11.049 0.50 39.87 ? 145  MET A CB  1 
ATOM   1039 C CB  B MET A 1 129 ? 9.250   -1.414  -10.878 0.50 46.57 ? 145  MET A CB  1 
ATOM   1040 C CG  A MET A 1 129 ? 8.000   -2.556  -10.534 0.50 40.01 ? 145  MET A CG  1 
ATOM   1041 C CG  B MET A 1 129 ? 7.982   -0.801  -10.247 0.50 46.96 ? 145  MET A CG  1 
ATOM   1042 S SD  A MET A 1 129 ? 7.314   -3.929  -11.487 0.50 44.58 ? 145  MET A SD  1 
ATOM   1043 S SD  B MET A 1 129 ? 6.885   -0.021  -11.458 0.50 51.74 ? 145  MET A SD  1 
ATOM   1044 C CE  A MET A 1 129 ? 5.565   -3.736  -11.148 0.50 36.41 ? 145  MET A CE  1 
ATOM   1045 C CE  B MET A 1 129 ? 8.098   0.895   -12.415 0.50 42.84 ? 145  MET A CE  1 
ATOM   1046 N N   . LEU A 1 130 ? 9.745   -2.874  -7.888  1.00 44.57 ? 146  LEU A N   1 
ATOM   1047 C CA  . LEU A 1 130 ? 9.587   -4.010  -7.017  1.00 37.52 ? 146  LEU A CA  1 
ATOM   1048 C C   . LEU A 1 130 ? 8.192   -4.548  -7.282  1.00 34.67 ? 146  LEU A C   1 
ATOM   1049 O O   . LEU A 1 130 ? 8.012   -5.709  -7.644  1.00 30.25 ? 146  LEU A O   1 
ATOM   1050 C CB  . LEU A 1 130 ? 9.753   -3.535  -5.572  1.00 36.26 ? 146  LEU A CB  1 
ATOM   1051 C CG  . LEU A 1 130 ? 9.646   -4.504  -4.407  1.00 37.81 ? 146  LEU A CG  1 
ATOM   1052 C CD1 . LEU A 1 130 ? 10.705  -5.587  -4.528  1.00 38.38 ? 146  LEU A CD1 1 
ATOM   1053 C CD2 . LEU A 1 130 ? 9.796   -3.706  -3.124  1.00 26.36 ? 146  LEU A CD2 1 
ATOM   1054 N N   . PHE A 1 131 ? 7.209   -3.659  -7.171  1.00 38.83 ? 147  PHE A N   1 
ATOM   1055 C CA  . PHE A 1 131 ? 5.818   -4.003  -7.401  1.00 34.75 ? 147  PHE A CA  1 
ATOM   1056 C C   . PHE A 1 131 ? 5.032   -2.737  -7.705  1.00 34.02 ? 147  PHE A C   1 
ATOM   1057 O O   . PHE A 1 131 ? 5.554   -1.623  -7.588  1.00 27.32 ? 147  PHE A O   1 
ATOM   1058 C CB  . PHE A 1 131 ? 5.217   -4.807  -6.217  1.00 37.54 ? 147  PHE A CB  1 
ATOM   1059 C CG  . PHE A 1 131 ? 5.114   -4.041  -4.909  1.00 39.63 ? 147  PHE A CG  1 
ATOM   1060 C CD1 . PHE A 1 131 ? 5.884   -4.406  -3.814  1.00 38.88 ? 147  PHE A CD1 1 
ATOM   1061 C CD2 . PHE A 1 131 ? 4.189   -3.021  -4.746  1.00 35.58 ? 147  PHE A CD2 1 
ATOM   1062 C CE1 . PHE A 1 131 ? 5.763   -3.725  -2.601  1.00 43.85 ? 147  PHE A CE1 1 
ATOM   1063 C CE2 . PHE A 1 131 ? 4.060   -2.336  -3.540  1.00 34.72 ? 147  PHE A CE2 1 
ATOM   1064 C CZ  . PHE A 1 131 ? 4.851   -2.682  -2.464  1.00 39.41 ? 147  PHE A CZ  1 
ATOM   1065 N N   . CYS A 1 132 ? 3.809   -2.908  -8.190  1.00 28.00 ? 148  CYS A N   1 
ATOM   1066 C CA  . CYS A 1 132 ? 2.918   -1.772  -8.431  1.00 26.13 ? 148  CYS A CA  1 
ATOM   1067 C C   . CYS A 1 132 ? 1.567   -2.237  -7.980  1.00 24.31 ? 148  CYS A C   1 
ATOM   1068 O O   . CYS A 1 132 ? 1.114   -3.293  -8.403  1.00 26.66 ? 148  CYS A O   1 
ATOM   1069 C CB  . CYS A 1 132 ? 2.838   -1.464  -9.922  1.00 34.52 ? 148  CYS A CB  1 
ATOM   1070 S SG  . CYS A 1 132 ? 1.845   -0.012  -10.344 1.00 32.27 ? 148  CYS A SG  1 
ATOM   1071 N N   . LEU A 1 133 ? 0.942   -1.502  -7.081  1.00 24.56 ? 149  LEU A N   1 
ATOM   1072 C CA  . LEU A 1 133 ? -0.364  -1.907  -6.625  1.00 25.11 ? 149  LEU A CA  1 
ATOM   1073 C C   . LEU A 1 133 ? -1.292  -0.737  -6.821  1.00 21.01 ? 149  LEU A C   1 
ATOM   1074 O O   . LEU A 1 133 ? -0.925  0.422   -6.577  1.00 18.72 ? 149  LEU A O   1 
ATOM   1075 C CB  . LEU A 1 133 ? -0.344  -2.331  -5.141  1.00 25.33 ? 149  LEU A CB  1 
ATOM   1076 C CG  . LEU A 1 133 ? 0.587   -3.507  -4.773  1.00 23.42 ? 149  LEU A CG  1 
ATOM   1077 C CD1 . LEU A 1 133 ? 0.721   -3.638  -3.266  1.00 25.48 ? 149  LEU A CD1 1 
ATOM   1078 C CD2 . LEU A 1 133 ? 0.133   -4.836  -5.372  1.00 23.44 ? 149  LEU A CD2 1 
ATOM   1079 N N   . GLU A 1 134 ? -2.504  -1.046  -7.231  1.00 21.48 ? 150  GLU A N   1 
ATOM   1080 C CA  . GLU A 1 134 ? -3.519  -0.017  -7.367  1.00 20.83 ? 150  GLU A CA  1 
ATOM   1081 C C   . GLU A 1 134 ? -4.636  -0.278  -6.378  1.00 17.20 ? 150  GLU A C   1 
ATOM   1082 O O   . GLU A 1 134 ? -5.428  -1.194  -6.561  1.00 19.64 ? 150  GLU A O   1 
ATOM   1083 C CB  . GLU A 1 134 ? -4.076  0.055   -8.807  1.00 19.27 ? 150  GLU A CB  1 
ATOM   1084 C CG  . GLU A 1 134 ? -5.218  1.061   -8.938  1.00 24.98 ? 150  GLU A CG  1 
ATOM   1085 C CD  . GLU A 1 134 ? -5.468  1.461   -10.381 1.00 38.23 ? 150  GLU A CD  1 
ATOM   1086 O OE1 . GLU A 1 134 ? -5.194  0.648   -11.293 1.00 36.83 ? 150  GLU A OE1 1 
ATOM   1087 O OE2 . GLU A 1 134 ? -5.892  2.610   -10.602 1.00 38.38 ? 150  GLU A OE2 1 
ATOM   1088 N N   . PHE A 1 135 ? -4.682  0.519   -5.317  1.00 15.43 ? 151  PHE A N   1 
ATOM   1089 C CA  . PHE A 1 135 ? -5.714  0.367   -4.268  1.00 16.82 ? 151  PHE A CA  1 
ATOM   1090 C C   . PHE A 1 135 ? -6.945  1.179   -4.613  1.00 21.73 ? 151  PHE A C   1 
ATOM   1091 O O   . PHE A 1 135 ? -6.867  2.331   -5.061  1.00 18.88 ? 151  PHE A O   1 
ATOM   1092 C CB  . PHE A 1 135 ? -5.199  0.823   -2.884  1.00 18.72 ? 151  PHE A CB  1 
ATOM   1093 C CG  . PHE A 1 135 ? -4.132  -0.081  -2.295  1.00 22.19 ? 151  PHE A CG  1 
ATOM   1094 C CD1 . PHE A 1 135 ? -2.781  0.211   -2.457  1.00 18.33 ? 151  PHE A CD1 1 
ATOM   1095 C CD2 . PHE A 1 135 ? -4.486  -1.179  -1.519  1.00 26.70 ? 151  PHE A CD2 1 
ATOM   1096 C CE1 . PHE A 1 135 ? -1.801  -0.611  -1.915  1.00 28.40 ? 151  PHE A CE1 1 
ATOM   1097 C CE2 . PHE A 1 135 ? -3.499  -2.021  -0.971  1.00 29.24 ? 151  PHE A CE2 1 
ATOM   1098 C CZ  . PHE A 1 135 ? -2.169  -1.748  -1.180  1.00 24.41 ? 151  PHE A CZ  1 
ATOM   1099 N N   . VAL A 1 136 ? -8.100  0.582   -4.408  1.00 22.57 ? 152  VAL A N   1 
ATOM   1100 C CA  . VAL A 1 136 ? -9.324  1.332   -4.532  1.00 24.77 ? 152  VAL A CA  1 
ATOM   1101 C C   . VAL A 1 136 ? -9.983  1.390   -3.164  1.00 25.37 ? 152  VAL A C   1 
ATOM   1102 O O   . VAL A 1 136 ? -10.175 0.370   -2.503  1.00 27.90 ? 152  VAL A O   1 
ATOM   1103 C CB  . VAL A 1 136 ? -10.265 0.689   -5.509  1.00 20.80 ? 152  VAL A CB  1 
ATOM   1104 C CG1 . VAL A 1 136 ? -11.671 1.322   -5.370  1.00 23.22 ? 152  VAL A CG1 1 
ATOM   1105 C CG2 . VAL A 1 136 ? -9.720  0.821   -6.910  1.00 25.42 ? 152  VAL A CG2 1 
ATOM   1106 N N   . ILE A 1 137 ? -10.289 2.584   -2.705  1.00 19.51 ? 153  ILE A N   1 
ATOM   1107 C CA  . ILE A 1 137 ? -10.937 2.692   -1.416  1.00 23.87 ? 153  ILE A CA  1 
ATOM   1108 C C   . ILE A 1 137 ? -12.305 3.300   -1.617  1.00 27.96 ? 153  ILE A C   1 
ATOM   1109 O O   . ILE A 1 137 ? -12.433 4.489   -1.869  1.00 30.03 ? 153  ILE A O   1 
ATOM   1110 C CB  . ILE A 1 137 ? -10.123 3.554   -0.421  1.00 28.31 ? 153  ILE A CB  1 
ATOM   1111 C CG1 . ILE A 1 137 ? -8.696  2.991   -0.268  1.00 23.59 ? 153  ILE A CG1 1 
ATOM   1112 C CG2 . ILE A 1 137 ? -10.868 3.683   0.934   1.00 25.35 ? 153  ILE A CG2 1 
ATOM   1113 C CD1 . ILE A 1 137 ? -7.694  3.618   -1.248  1.00 21.56 ? 153  ILE A CD1 1 
ATOM   1114 N N   A LEU A 1 138 ? -13.333 2.468   -1.525  0.50 24.68 ? 154  LEU A N   1 
ATOM   1115 N N   B LEU A 1 138 ? -13.345 2.484   -1.475  0.50 25.69 ? 154  LEU A N   1 
ATOM   1116 C CA  A LEU A 1 138 ? -14.691 2.959   -1.655  0.50 18.69 ? 154  LEU A CA  1 
ATOM   1117 C CA  B LEU A 1 138 ? -14.712 2.944   -1.709  0.50 20.88 ? 154  LEU A CA  1 
ATOM   1118 C C   A LEU A 1 138 ? -15.183 3.432   -0.302  0.50 19.57 ? 154  LEU A C   1 
ATOM   1119 C C   B LEU A 1 138 ? -15.416 3.310   -0.405  0.50 22.29 ? 154  LEU A C   1 
ATOM   1120 O O   A LEU A 1 138 ? -14.927 2.802   0.721   0.50 20.45 ? 154  LEU A O   1 
ATOM   1121 O O   B LEU A 1 138 ? -15.548 2.473   0.487   0.50 22.22 ? 154  LEU A O   1 
ATOM   1122 C CB  A LEU A 1 138 ? -15.615 1.848   -2.154  0.50 21.22 ? 154  LEU A CB  1 
ATOM   1123 C CB  B LEU A 1 138 ? -15.511 1.850   -2.424  0.50 24.10 ? 154  LEU A CB  1 
ATOM   1124 C CG  A LEU A 1 138 ? -15.319 1.265   -3.530  0.50 26.62 ? 154  LEU A CG  1 
ATOM   1125 C CG  B LEU A 1 138 ? -17.015 2.087   -2.564  0.50 29.80 ? 154  LEU A CG  1 
ATOM   1126 C CD1 A LEU A 1 138 ? -16.468 0.370   -3.944  0.50 27.51 ? 154  LEU A CD1 1 
ATOM   1127 C CD1 B LEU A 1 138 ? -17.273 3.455   -3.175  0.50 26.79 ? 154  LEU A CD1 1 
ATOM   1128 C CD2 A LEU A 1 138 ? -15.084 2.360   -4.571  0.50 23.29 ? 154  LEU A CD2 1 
ATOM   1129 C CD2 B LEU A 1 138 ? -17.654 1.012   -3.411  0.50 30.97 ? 154  LEU A CD2 1 
ATOM   1130 N N   . HIS A 1 139 ? -15.896 4.545   -0.297  1.00 23.02 ? 155  HIS A N   1 
ATOM   1131 C CA  . HIS A 1 139 ? -16.646 4.927   0.887   1.00 26.09 ? 155  HIS A CA  1 
ATOM   1132 C C   . HIS A 1 139 ? -17.919 4.085   1.016   1.00 22.13 ? 155  HIS A C   1 
ATOM   1133 O O   . HIS A 1 139 ? -18.651 3.910   0.038   1.00 28.51 ? 155  HIS A O   1 
ATOM   1134 C CB  . HIS A 1 139 ? -16.998 6.392   0.865   1.00 26.35 ? 155  HIS A CB  1 
ATOM   1135 C CG  . HIS A 1 139 ? -17.399 6.894   2.208   1.00 29.55 ? 155  HIS A CG  1 
ATOM   1136 N ND1 . HIS A 1 139 ? -18.634 6.622   2.755   1.00 32.08 ? 155  HIS A ND1 1 
ATOM   1137 C CD2 . HIS A 1 139 ? -16.697 7.548   3.161   1.00 25.05 ? 155  HIS A CD2 1 
ATOM   1138 C CE1 . HIS A 1 139 ? -18.696 7.140   3.969   1.00 33.57 ? 155  HIS A CE1 1 
ATOM   1139 N NE2 . HIS A 1 139 ? -17.535 7.710   4.236   1.00 29.16 ? 155  HIS A NE2 1 
ATOM   1140 N N   . GLN A 1 140 ? -18.181 3.502   2.182   1.00 22.74 ? 156  GLN A N   1 
ATOM   1141 C CA  . GLN A 1 140 ? -19.415 2.716   2.304   1.00 22.67 ? 156  GLN A CA  1 
ATOM   1142 C C   . GLN A 1 140 ? -20.580 3.658   1.963   1.00 28.70 ? 156  GLN A C   1 
ATOM   1143 O O   . GLN A 1 140 ? -20.621 4.808   2.425   1.00 25.21 ? 156  GLN A O   1 
ATOM   1144 C CB  . GLN A 1 140 ? -19.608 2.109   3.717   1.00 24.50 ? 156  GLN A CB  1 
ATOM   1145 C CG  . GLN A 1 140 ? -18.635 1.019   4.118   1.00 23.73 ? 156  GLN A CG  1 
ATOM   1146 C CD  . GLN A 1 140 ? -18.779 -0.246  3.287   1.00 41.05 ? 156  GLN A CD  1 
ATOM   1147 O OE1 . GLN A 1 140 ? -17.996 -1.197  3.426   1.00 35.71 ? 156  GLN A OE1 1 
ATOM   1148 N NE2 . GLN A 1 140 ? -19.791 -0.272  2.437   1.00 39.70 ? 156  GLN A NE2 1 
ATOM   1149 N N   . PRO A 1 141 ? -21.533 3.177   1.146   1.00 31.11 ? 157  PRO A N   1 
ATOM   1150 C CA  . PRO A 1 141 ? -22.565 4.103   0.722   1.00 26.18 ? 157  PRO A CA  1 
ATOM   1151 C C   . PRO A 1 141 ? -23.588 4.364   1.830   1.00 27.21 ? 157  PRO A C   1 
ATOM   1152 O O   . PRO A 1 141 ? -24.283 5.367   1.769   1.00 25.66 ? 157  PRO A O   1 
ATOM   1153 C CB  . PRO A 1 141 ? -23.221 3.394   -0.480  1.00 28.79 ? 157  PRO A CB  1 
ATOM   1154 C CG  . PRO A 1 141 ? -22.967 1.930   -0.263  1.00 24.62 ? 157  PRO A CG  1 
ATOM   1155 C CD  . PRO A 1 141 ? -21.713 1.820   0.593   1.00 31.96 ? 157  PRO A CD  1 
ATOM   1156 N N   . ASN A 1 142 ? -23.681 3.482   2.830   1.00 18.73 ? 158  ASN A N   1 
ATOM   1157 C CA  . ASN A 1 142 ? -24.634 3.690   3.933   1.00 22.83 ? 158  ASN A CA  1 
ATOM   1158 C C   . ASN A 1 142 ? -24.015 4.262   5.220   1.00 27.33 ? 158  ASN A C   1 
ATOM   1159 O O   . ASN A 1 142 ? -24.541 4.072   6.322   1.00 28.60 ? 158  ASN A O   1 
ATOM   1160 C CB  . ASN A 1 142 ? -25.414 2.403   4.243   1.00 22.08 ? 158  ASN A CB  1 
ATOM   1161 C CG  . ASN A 1 142 ? -24.502 1.248   4.596   1.00 29.51 ? 158  ASN A CG  1 
ATOM   1162 O OD1 . ASN A 1 142 ? -23.298 1.346   4.427   1.00 27.85 ? 158  ASN A OD1 1 
ATOM   1163 N ND2 . ASN A 1 142 ? -25.079 0.135   5.091   1.00 31.21 ? 158  ASN A ND2 1 
ATOM   1164 N N   . SER A 1 143 ? -22.926 4.995   5.083   1.00 26.90 ? 159  SER A N   1 
ATOM   1165 C CA  . SER A 1 143 ? -22.311 5.600   6.238   1.00 28.28 ? 159  SER A CA  1 
ATOM   1166 C C   . SER A 1 143 ? -21.745 6.973   5.902   1.00 24.27 ? 159  SER A C   1 
ATOM   1167 O O   . SER A 1 143 ? -21.314 7.216   4.782   1.00 30.18 ? 159  SER A O   1 
ATOM   1168 C CB  . SER A 1 143 ? -21.212 4.671   6.788   1.00 34.74 ? 159  SER A CB  1 
ATOM   1169 O OG  . SER A 1 143 ? -20.560 5.249   7.915   1.00 40.62 ? 159  SER A OG  1 
ATOM   1170 N N   . ASN A 1 144 ? -21.760 7.888   6.867   1.00 29.03 ? 160  ASN A N   1 
ATOM   1171 C CA  . ASN A 1 144 ? -20.979 9.126   6.741   1.00 23.81 ? 160  ASN A CA  1 
ATOM   1172 C C   . ASN A 1 144 ? -19.555 8.865   7.238   1.00 27.33 ? 160  ASN A C   1 
ATOM   1173 O O   . ASN A 1 144 ? -18.775 9.776   7.462   1.00 34.03 ? 160  ASN A O   1 
ATOM   1174 C CB  . ASN A 1 144 ? -21.626 10.299  7.517   1.00 24.23 ? 160  ASN A CB  1 
ATOM   1175 C CG  . ASN A 1 144 ? -22.913 10.810  6.863   1.00 26.98 ? 160  ASN A CG  1 
ATOM   1176 O OD1 . ASN A 1 144 ? -23.997 10.301  7.113   1.00 27.12 ? 160  ASN A OD1 1 
ATOM   1177 N ND2 . ASN A 1 144 ? -22.790 11.832  6.043   1.00 29.84 ? 160  ASN A ND2 1 
ATOM   1178 O OXT . ASN A 1 144 ? -19.166 7.726   7.487   1.00 31.21 ? 160  ASN A OXT 1 
HETATM 1179 C C1  . NAG B 2 .   ? -17.594 -4.693  1.612   1.00 44.70 ? 801  NAG A C1  1 
HETATM 1180 C C2  . NAG B 2 .   ? -18.675 -5.783  1.551   1.00 48.08 ? 801  NAG A C2  1 
HETATM 1181 C C3  . NAG B 2 .   ? -19.524 -5.813  0.279   1.00 49.48 ? 801  NAG A C3  1 
HETATM 1182 C C4  . NAG B 2 .   ? -19.654 -4.498  -0.474  1.00 47.42 ? 801  NAG A C4  1 
HETATM 1183 C C5  . NAG B 2 .   ? -18.454 -3.571  -0.276  1.00 42.11 ? 801  NAG A C5  1 
HETATM 1184 C C6  . NAG B 2 .   ? -18.778 -2.180  -0.807  1.00 39.30 ? 801  NAG A C6  1 
HETATM 1185 C C7  . NAG B 2 .   ? -18.446 -7.909  2.598   1.00 53.61 ? 801  NAG A C7  1 
HETATM 1186 C C8  . NAG B 2 .   ? -17.960 -9.331  2.519   1.00 56.62 ? 801  NAG A C8  1 
HETATM 1187 N N2  . NAG B 2 .   ? -18.044 -7.077  1.657   1.00 51.32 ? 801  NAG A N2  1 
HETATM 1188 O O3  . NAG B 2 .   ? -20.833 -6.246  0.588   1.00 56.89 ? 801  NAG A O3  1 
HETATM 1189 O O4  . NAG B 2 .   ? -19.842 -4.794  -1.844  1.00 43.88 ? 801  NAG A O4  1 
HETATM 1190 O O5  . NAG B 2 .   ? -18.172 -3.496  1.112   1.00 46.72 ? 801  NAG A O5  1 
HETATM 1191 O O6  . NAG B 2 .   ? -19.799 -1.583  -0.014  1.00 35.64 ? 801  NAG A O6  1 
HETATM 1192 O O7  . NAG B 2 .   ? -19.181 -7.523  3.500   1.00 55.73 ? 801  NAG A O7  1 
HETATM 1193 C C1  . NAG C 2 .   ? 4.456   -15.102 9.515   1.00 90.00 ? 901  NAG A C1  1 
HETATM 1194 C C2  . NAG C 2 .   ? 4.702   -16.614 9.389   1.00 90.00 ? 901  NAG A C2  1 
HETATM 1195 C C3  . NAG C 2 .   ? 4.059   -17.433 10.501  1.00 90.00 ? 901  NAG A C3  1 
HETATM 1196 C C4  . NAG C 2 .   ? 4.384   -16.806 11.845  1.00 90.00 ? 901  NAG A C4  1 
HETATM 1197 C C5  . NAG C 2 .   ? 3.820   -15.396 11.807  1.00 90.00 ? 901  NAG A C5  1 
HETATM 1198 C C6  . NAG C 2 .   ? 3.950   -14.675 13.140  1.00 90.00 ? 901  NAG A C6  1 
HETATM 1199 C C7  . NAG C 2 .   ? 4.890   -18.100 7.508   1.00 90.00 ? 901  NAG A C7  1 
HETATM 1200 C C8  . NAG C 2 .   ? 4.126   -19.022 6.593   1.00 90.00 ? 901  NAG A C8  1 
HETATM 1201 N N2  . NAG C 2 .   ? 4.209   -17.141 8.131   1.00 90.00 ? 901  NAG A N2  1 
HETATM 1202 O O3  . NAG C 2 .   ? 4.506   -18.772 10.439  1.00 90.00 ? 901  NAG A O3  1 
HETATM 1203 O O4  . NAG C 2 .   ? 3.770   -17.558 12.858  1.00 90.00 ? 901  NAG A O4  1 
HETATM 1204 O O5  . NAG C 2 .   ? 4.552   -14.660 10.854  1.00 90.00 ? 901  NAG A O5  1 
HETATM 1205 O O6  . NAG C 2 .   ? 4.046   -13.286 12.905  1.00 90.00 ? 901  NAG A O6  1 
HETATM 1206 O O7  . NAG C 2 .   ? 6.111   -18.271 7.646   1.00 90.00 ? 901  NAG A O7  1 
HETATM 1207 C C1  . MYR D 3 .   ? 2.259   7.058   9.920   1.00 72.28 ? 501  MYR A C1  1 
HETATM 1208 O O1  . MYR D 3 .   ? 2.529   8.074   10.611  1.00 72.84 ? 501  MYR A O1  1 
HETATM 1209 O O2  . MYR D 3 .   ? 1.363   6.270   10.308  1.00 68.50 ? 501  MYR A O2  1 
HETATM 1210 C C2  . MYR D 3 .   ? 2.996   6.789   8.624   1.00 71.13 ? 501  MYR A C2  1 
HETATM 1211 C C3  . MYR D 3 .   ? 4.191   5.869   8.860   1.00 63.40 ? 501  MYR A C3  1 
HETATM 1212 C C4  . MYR D 3 .   ? 3.726   4.445   9.110   1.00 55.15 ? 501  MYR A C4  1 
HETATM 1213 C C5  . MYR D 3 .   ? 3.105   3.846   7.854   1.00 48.90 ? 501  MYR A C5  1 
HETATM 1214 C C6  . MYR D 3 .   ? 4.183   3.295   6.929   1.00 46.10 ? 501  MYR A C6  1 
HETATM 1215 C C7  . MYR D 3 .   ? 3.757   2.011   6.216   1.00 36.99 ? 501  MYR A C7  1 
HETATM 1216 C C8  . MYR D 3 .   ? 4.957   1.407   5.477   1.00 24.86 ? 501  MYR A C8  1 
HETATM 1217 C C9  . MYR D 3 .   ? 4.546   0.201   4.637   1.00 30.98 ? 501  MYR A C9  1 
HETATM 1218 C C10 . MYR D 3 .   ? 5.798   -0.470  4.071   1.00 28.79 ? 501  MYR A C10 1 
HETATM 1219 C C11 . MYR D 3 .   ? 5.502   -1.838  3.470   1.00 28.94 ? 501  MYR A C11 1 
HETATM 1220 C C12 . MYR D 3 .   ? 6.759   -2.449  2.863   1.00 32.82 ? 501  MYR A C12 1 
HETATM 1221 C C13 . MYR D 3 .   ? 6.412   -3.598  1.914   1.00 38.58 ? 501  MYR A C13 1 
HETATM 1222 C C14 . MYR D 3 .   ? 7.536   -4.623  1.782   1.00 33.39 ? 501  MYR A C14 1 
HETATM 1223 C C1  . MYR E 3 .   ? 6.597   8.163   7.894   1.00 77.25 ? 601  MYR A C1  1 
HETATM 1224 O O1  . MYR E 3 .   ? 7.603   8.905   7.806   1.00 76.90 ? 601  MYR A O1  1 
HETATM 1225 O O2  . MYR E 3 .   ? 5.760   8.407   8.797   1.00 79.32 ? 601  MYR A O2  1 
HETATM 1226 C C2  . MYR E 3 .   ? 6.406   6.989   6.949   1.00 72.37 ? 601  MYR A C2  1 
HETATM 1227 C C3  . MYR E 3 .   ? 6.052   7.474   5.543   1.00 65.97 ? 601  MYR A C3  1 
HETATM 1228 C C4  . MYR E 3 .   ? 4.938   6.641   4.912   1.00 58.77 ? 601  MYR A C4  1 
HETATM 1229 C C5  . MYR E 3 .   ? 3.745   7.510   4.533   1.00 46.40 ? 601  MYR A C5  1 
HETATM 1230 C C6  . MYR E 3 .   ? 2.543   6.658   4.131   1.00 49.59 ? 601  MYR A C6  1 
HETATM 1231 C C7  . MYR E 3 .   ? 2.920   5.550   3.157   1.00 47.28 ? 601  MYR A C7  1 
HETATM 1232 C C8  . MYR E 3 .   ? 1.722   5.038   2.350   1.00 46.34 ? 601  MYR A C8  1 
HETATM 1233 C C9  . MYR E 3 .   ? 1.296   3.643   2.811   1.00 48.07 ? 601  MYR A C9  1 
HETATM 1234 C C10 . MYR E 3 .   ? 0.768   2.752   1.682   1.00 45.19 ? 601  MYR A C10 1 
HETATM 1235 C C11 . MYR E 3 .   ? 0.767   1.274   2.084   1.00 38.05 ? 601  MYR A C11 1 
HETATM 1236 C C12 . MYR E 3 .   ? 1.295   0.380   0.966   1.00 35.52 ? 601  MYR A C12 1 
HETATM 1237 C C13 . MYR E 3 .   ? 0.924   -1.085  1.192   1.00 36.02 ? 601  MYR A C13 1 
HETATM 1238 C C14 . MYR E 3 .   ? 2.050   -1.993  0.687   1.00 40.20 ? 601  MYR A C14 1 
HETATM 1239 C C1  . MYR F 3 .   ? -0.006  8.028   6.922   1.00 62.63 ? 701  MYR A C1  1 
HETATM 1240 O O1  . MYR F 3 .   ? 0.117   8.764   7.926   1.00 62.32 ? 701  MYR A O1  1 
HETATM 1241 O O2  . MYR F 3 .   ? 0.751   8.222   5.948   1.00 66.34 ? 701  MYR A O2  1 
HETATM 1242 C C2  . MYR F 3 .   ? -1.038  6.922   6.887   1.00 59.61 ? 701  MYR A C2  1 
HETATM 1243 C C3  . MYR F 3 .   ? -0.556  5.744   6.041   1.00 51.33 ? 701  MYR A C3  1 
HETATM 1244 C C4  . MYR F 3 .   ? -1.126  4.441   6.591   1.00 49.16 ? 701  MYR A C4  1 
HETATM 1245 C C5  . MYR F 3 .   ? -1.280  3.360   5.528   1.00 44.93 ? 701  MYR A C5  1 
HETATM 1246 C C6  . MYR F 3 .   ? -2.179  2.245   6.046   1.00 48.83 ? 701  MYR A C6  1 
HETATM 1247 C C7  . MYR F 3 .   ? -2.092  0.982   5.194   1.00 48.55 ? 701  MYR A C7  1 
HETATM 1248 C C8  . MYR F 3 .   ? -3.474  0.639   4.632   1.00 54.05 ? 701  MYR A C8  1 
HETATM 1249 C C9  . MYR F 3 .   ? -3.468  -0.556  3.670   1.00 50.73 ? 701  MYR A C9  1 
HETATM 1250 C C10 . MYR F 3 .   ? -4.203  -0.187  2.388   1.00 43.90 ? 701  MYR A C10 1 
HETATM 1251 C C11 . MYR F 3 .   ? -3.451  0.931   1.682   1.00 39.93 ? 701  MYR A C11 1 
HETATM 1252 C C12 . MYR F 3 .   ? -4.374  2.003   1.121   1.00 35.51 ? 701  MYR A C12 1 
HETATM 1253 C C13 . MYR F 3 .   ? -3.635  3.334   1.030   1.00 42.58 ? 701  MYR A C13 1 
HETATM 1254 C C14 . MYR F 3 .   ? -2.529  3.309   -0.015  1.00 44.79 ? 701  MYR A C14 1 
HETATM 1255 O O   . HOH G 4 .   ? -0.083  15.513  -3.510  1.00 50.13 ? 902  HOH A O   1 
HETATM 1256 O O   . HOH G 4 .   ? 6.289   7.536   -11.587 1.00 35.39 ? 903  HOH A O   1 
HETATM 1257 O O   . HOH G 4 .   ? -18.803 11.642  5.193   1.00 33.10 ? 904  HOH A O   1 
HETATM 1258 O O   . HOH G 4 .   ? -14.927 11.180  6.624   1.00 28.88 ? 905  HOH A O   1 
HETATM 1259 O O   . HOH G 4 .   ? -0.579  -10.180 5.522   1.00 25.67 ? 906  HOH A O   1 
HETATM 1260 O O   . HOH G 4 .   ? -11.138 6.860   -9.896  1.00 39.05 ? 907  HOH A O   1 
HETATM 1261 O O   . HOH G 4 .   ? 18.047  0.569   3.004   1.00 40.77 ? 908  HOH A O   1 
HETATM 1262 O O   . HOH G 4 .   ? -3.351  11.947  5.399   1.00 60.77 ? 909  HOH A O   1 
HETATM 1263 O O   . HOH G 4 .   ? 14.205  -15.767 4.572   1.00 46.87 ? 910  HOH A O   1 
HETATM 1264 O O   . HOH G 4 .   ? -10.998 0.857   12.245  1.00 47.54 ? 911  HOH A O   1 
HETATM 1265 O O   . HOH G 4 .   ? -8.840  17.132  -6.931  1.00 53.22 ? 912  HOH A O   1 
HETATM 1266 O O   . HOH G 4 .   ? -2.417  -14.716 -10.445 1.00 48.87 ? 913  HOH A O   1 
HETATM 1267 O O   . HOH G 4 .   ? 16.868  -5.119  11.964  1.00 60.16 ? 914  HOH A O   1 
HETATM 1268 O O   . HOH G 4 .   ? 16.610  5.467   0.987   1.00 53.26 ? 915  HOH A O   1 
HETATM 1269 O O   . HOH G 4 .   ? -20.831 2.696   -2.218  1.00 59.19 ? 916  HOH A O   1 
HETATM 1270 O O   . HOH G 4 .   ? 17.455  -7.487  -9.208  1.00 51.92 ? 917  HOH A O   1 
HETATM 1271 O O   . HOH G 4 .   ? 19.258  -3.502  -9.188  1.00 61.82 ? 918  HOH A O   1 
HETATM 1272 O O   . HOH G 4 .   ? 9.142   10.532  3.657   1.00 59.71 ? 919  HOH A O   1 
HETATM 1273 O O   . HOH G 4 .   ? -21.103 -0.359  -2.298  1.00 62.01 ? 920  HOH A O   1 
HETATM 1274 O O   . HOH G 4 .   ? 20.029  1.953   2.449   1.00 57.26 ? 921  HOH A O   1 
HETATM 1275 O O   . HOH G 4 .   ? -10.024 1.647   15.142  1.00 45.76 ? 922  HOH A O   1 
HETATM 1276 O O   . HOH G 4 .   ? -2.822  -11.390 -9.891  1.00 53.82 ? 923  HOH A O   1 
HETATM 1277 O O   . HOH G 4 .   ? -21.425 0.441   6.603   1.00 62.37 ? 924  HOH A O   1 
HETATM 1278 O O   . HOH G 4 .   ? -9.895  -13.857 -12.989 1.00 45.02 ? 925  HOH A O   1 
HETATM 1279 O O   . HOH G 4 .   ? -18.057 -5.598  -3.207  1.00 47.85 ? 926  HOH A O   1 
HETATM 1280 O O   . HOH G 4 .   ? 10.859  -5.549  9.552   1.00 47.47 ? 927  HOH A O   1 
HETATM 1281 O O   . HOH G 4 .   ? -9.307  10.438  -13.200 1.00 35.83 ? 928  HOH A O   1 
HETATM 1282 O O   . HOH G 4 .   ? -21.690 7.738   2.126   1.00 36.99 ? 929  HOH A O   1 
HETATM 1283 O O   . HOH G 4 .   ? 10.374  6.341   -9.895  1.00 39.92 ? 930  HOH A O   1 
HETATM 1284 O O   . HOH G 4 .   ? -14.034 7.314   -9.313  1.00 59.94 ? 931  HOH A O   1 
HETATM 1285 O O   . HOH G 4 .   ? -12.379 6.322   13.565  1.00 56.21 ? 932  HOH A O   1 
HETATM 1286 O O   . HOH G 4 .   ? 17.994  -1.762  4.543   1.00 62.61 ? 933  HOH A O   1 
HETATM 1287 O O   . HOH G 4 .   ? 11.530  -4.665  12.720  1.00 48.70 ? 934  HOH A O   1 
HETATM 1288 O O   . HOH G 4 .   ? 22.269  -8.175  -2.825  1.00 36.77 ? 935  HOH A O   1 
HETATM 1289 O O   . HOH G 4 .   ? 22.804  -2.148  -5.370  1.00 65.40 ? 936  HOH A O   1 
HETATM 1290 O O   . HOH G 4 .   ? -10.369 -8.673  6.005   1.00 58.18 ? 937  HOH A O   1 
HETATM 1291 O O   . HOH G 4 .   ? -0.623  11.464  -5.105  1.00 20.73 ? 938  HOH A O   1 
HETATM 1292 O O   . HOH G 4 .   ? -2.411  -10.572 -3.637  1.00 26.69 ? 939  HOH A O   1 
HETATM 1293 O O   . HOH G 4 .   ? -7.083  -7.037  6.136   1.00 24.61 ? 940  HOH A O   1 
HETATM 1294 O O   . HOH G 4 .   ? -7.230  0.946   11.343  1.00 30.38 ? 941  HOH A O   1 
HETATM 1295 O O   . HOH G 4 .   ? -4.475  6.925   -8.850  1.00 24.37 ? 942  HOH A O   1 
HETATM 1296 O O   . HOH G 4 .   ? -8.365  -4.924  16.209  1.00 34.13 ? 943  HOH A O   1 
HETATM 1297 O O   . HOH G 4 .   ? -11.430 8.332   -7.982  1.00 25.25 ? 944  HOH A O   1 
HETATM 1298 O O   . HOH G 4 .   ? -12.744 -1.320  -3.229  1.00 33.58 ? 945  HOH A O   1 
HETATM 1299 O O   . HOH G 4 .   ? 5.953   -12.803 -2.840  1.00 30.69 ? 946  HOH A O   1 
HETATM 1300 O O   . HOH G 4 .   ? -4.412  -1.733  -11.998 1.00 35.95 ? 947  HOH A O   1 
HETATM 1301 O O   . HOH G 4 .   ? -2.542  11.036  -8.823  1.00 31.36 ? 948  HOH A O   1 
HETATM 1302 O O   . HOH G 4 .   ? -2.672  -7.882  13.695  1.00 36.43 ? 949  HOH A O   1 
HETATM 1303 O O   . HOH G 4 .   ? -4.887  -7.978  -10.140 1.00 34.32 ? 950  HOH A O   1 
HETATM 1304 O O   . HOH G 4 .   ? -7.448  14.826  -12.863 1.00 34.26 ? 951  HOH A O   1 
HETATM 1305 O O   . HOH G 4 .   ? -27.144 -2.923  6.345   1.00 49.28 ? 952  HOH A O   1 
HETATM 1306 O O   . HOH G 4 .   ? -11.467 -4.379  10.895  1.00 32.87 ? 953  HOH A O   1 
HETATM 1307 O O   . HOH G 4 .   ? 4.789   11.559  -12.278 1.00 37.71 ? 954  HOH A O   1 
HETATM 1308 O O   . HOH G 4 .   ? -6.484  8.374   -12.515 1.00 28.53 ? 955  HOH A O   1 
HETATM 1309 O O   . HOH G 4 .   ? -16.266 9.004   -7.276  1.00 36.98 ? 956  HOH A O   1 
HETATM 1310 O O   . HOH G 4 .   ? 2.664   16.189  -3.399  1.00 71.75 ? 957  HOH A O   1 
HETATM 1311 O O   . HOH G 4 .   ? -15.837 13.068  8.400   1.00 39.09 ? 958  HOH A O   1 
HETATM 1312 O O   . HOH G 4 .   ? -16.283 8.717   6.846   1.00 35.77 ? 959  HOH A O   1 
HETATM 1313 O O   . HOH G 4 .   ? -20.345 7.457   -0.613  1.00 34.62 ? 960  HOH A O   1 
HETATM 1314 O O   . HOH G 4 .   ? -19.457 4.590   -2.164  1.00 35.44 ? 961  HOH A O   1 
HETATM 1315 O O   . HOH G 4 .   ? -6.433  4.770   -10.134 1.00 55.82 ? 962  HOH A O   1 
HETATM 1316 O O   . HOH G 4 .   ? -13.176 -6.966  6.779   1.00 38.59 ? 963  HOH A O   1 
HETATM 1317 O O   . HOH G 4 .   ? -9.636  -2.928  -6.946  1.00 35.35 ? 964  HOH A O   1 
HETATM 1318 O O   . HOH G 4 .   ? -7.639  -1.575  -8.255  1.00 28.06 ? 965  HOH A O   1 
HETATM 1319 O O   . HOH G 4 .   ? -2.207  -6.882  10.886  1.00 40.19 ? 966  HOH A O   1 
HETATM 1320 O O   . HOH G 4 .   ? -13.452 12.411  11.426  1.00 41.63 ? 967  HOH A O   1 
HETATM 1321 O O   . HOH G 4 .   ? -25.541 6.878   -2.393  1.00 58.56 ? 968  HOH A O   1 
HETATM 1322 O O   . HOH G 4 .   ? 18.257  -6.214  -5.743  1.00 44.20 ? 969  HOH A O   1 
HETATM 1323 O O   . HOH G 4 .   ? -0.547  -7.831  12.670  1.00 42.42 ? 970  HOH A O   1 
HETATM 1324 O O   . HOH G 4 .   ? -12.489 14.813  -13.023 1.00 39.52 ? 971  HOH A O   1 
HETATM 1325 O O   . HOH G 4 .   ? 18.103  -5.451  1.345   1.00 30.20 ? 972  HOH A O   1 
HETATM 1326 O O   . HOH G 4 .   ? 9.173   -4.831  11.168  1.00 48.26 ? 973  HOH A O   1 
HETATM 1327 O O   . HOH G 4 .   ? 5.766   2.686   11.577  1.00 37.25 ? 974  HOH A O   1 
HETATM 1328 O O   . HOH G 4 .   ? -9.963  16.241  5.470   1.00 50.73 ? 975  HOH A O   1 
HETATM 1329 O O   . HOH G 4 .   ? -12.766 13.718  -0.028  1.00 39.72 ? 976  HOH A O   1 
HETATM 1330 O O   . HOH G 4 .   ? -20.396 7.847   -6.349  1.00 49.70 ? 977  HOH A O   1 
HETATM 1331 O O   . HOH G 4 .   ? -24.093 6.931   -0.280  1.00 42.69 ? 978  HOH A O   1 
HETATM 1332 O O   . HOH G 4 .   ? -9.336  -11.094 -1.965  1.00 40.16 ? 979  HOH A O   1 
HETATM 1333 O O   . HOH G 4 .   ? -4.921  -8.378  9.348   1.00 54.35 ? 980  HOH A O   1 
HETATM 1334 O O   . HOH G 4 .   ? -8.460  3.529   15.571  1.00 40.03 ? 981  HOH A O   1 
HETATM 1335 O O   . HOH G 4 .   ? 5.176   -10.878 11.565  1.00 45.16 ? 982  HOH A O   1 
HETATM 1336 O O   . HOH G 4 .   ? -5.823  8.212   13.827  1.00 44.25 ? 983  HOH A O   1 
HETATM 1337 O O   . HOH G 4 .   ? -12.017 -6.096  8.945   1.00 36.04 ? 984  HOH A O   1 
HETATM 1338 O O   . HOH G 4 .   ? -12.784 -1.310  11.341  1.00 39.16 ? 985  HOH A O   1 
HETATM 1339 O O   . HOH G 4 .   ? -14.651 0.046   11.183  1.00 50.79 ? 986  HOH A O   1 
HETATM 1340 O O   . HOH G 4 .   ? -1.818  -13.289 -6.807  1.00 54.31 ? 987  HOH A O   1 
HETATM 1341 O O   . HOH G 4 .   ? -8.412  -18.016 -19.643 1.00 41.11 ? 988  HOH A O   1 
HETATM 1342 O O   . HOH G 4 .   ? -6.718  -6.016  -16.625 1.00 52.94 ? 989  HOH A O   1 
HETATM 1343 O O   . HOH G 4 .   ? -2.089  10.356  7.415   1.00 41.03 ? 990  HOH A O   1 
HETATM 1344 O O   . HOH G 4 .   ? -4.686  -6.110  -13.035 1.00 39.86 ? 991  HOH A O   1 
HETATM 1345 O O   . HOH G 4 .   ? -19.853 -5.432  4.685   1.00 50.59 ? 992  HOH A O   1 
HETATM 1346 O O   . HOH G 4 .   ? 15.753  1.997   -4.590  1.00 52.96 ? 993  HOH A O   1 
HETATM 1347 O O   . HOH G 4 .   ? -10.417 -6.223  13.070  1.00 46.28 ? 994  HOH A O   1 
HETATM 1348 O O   . HOH G 4 .   ? -20.582 13.487  4.978   1.00 43.90 ? 995  HOH A O   1 
HETATM 1349 O O   . HOH G 4 .   ? -8.865  -6.167  9.365   1.00 44.98 ? 996  HOH A O   1 
HETATM 1350 O O   . HOH G 4 .   ? -17.288 -2.856  -4.180  1.00 48.77 ? 997  HOH A O   1 
HETATM 1351 O O   . HOH G 4 .   ? -14.261 15.475  -7.741  0.50 62.85 ? 998  HOH A O   1 
HETATM 1352 O O   . HOH G 4 .   ? -14.550 -2.255  -2.504  1.00 52.76 ? 999  HOH A O   1 
HETATM 1353 O O   . HOH G 4 .   ? -7.812  -8.078  8.340   1.00 51.91 ? 1000 HOH A O   1 
HETATM 1354 O O   . HOH G 4 .   ? -10.445 15.926  -12.563 1.00 39.98 ? 1001 HOH A O   1 
HETATM 1355 O O   . HOH G 4 .   ? -11.922 -5.993  -14.478 1.00 49.83 ? 1002 HOH A O   1 
HETATM 1356 O O   . HOH G 4 .   ? -10.377 8.132   -12.090 1.00 44.49 ? 1003 HOH A O   1 
HETATM 1357 O O   . HOH G 4 .   ? 7.547   8.974   11.808  1.00 57.53 ? 1004 HOH A O   1 
HETATM 1358 O O   . HOH G 4 .   ? -6.954  14.817  2.804   1.00 47.89 ? 1005 HOH A O   1 
HETATM 1359 O O   . HOH G 4 .   ? -6.066  12.964  0.550   1.00 70.84 ? 1006 HOH A O   1 
HETATM 1360 O O   . HOH G 4 .   ? 8.701   9.062   -11.185 1.00 57.37 ? 1007 HOH A O   1 
HETATM 1361 O O   . HOH G 4 .   ? -11.220 -11.300 -3.555  1.00 71.25 ? 1008 HOH A O   1 
HETATM 1362 O O   . HOH G 4 .   ? 10.799  10.185  1.588   1.00 62.34 ? 1009 HOH A O   1 
HETATM 1363 O O   . HOH G 4 .   ? 8.078   -16.666 7.922   1.00 53.23 ? 1010 HOH A O   1 
HETATM 1364 O O   . HOH G 4 .   ? 4.902   10.571  7.460   1.00 53.82 ? 1011 HOH A O   1 
HETATM 1365 O O   . HOH G 4 .   ? -14.220 -1.052  -5.780  1.00 44.75 ? 1012 HOH A O   1 
HETATM 1366 O O   . HOH G 4 .   ? -4.827  -12.566 -14.740 1.00 60.40 ? 1013 HOH A O   1 
HETATM 1367 O O   . HOH G 4 .   ? 2.589   10.302  6.478   1.00 50.71 ? 1014 HOH A O   1 
HETATM 1368 O O   . HOH G 4 .   ? 12.887  -10.194 6.309   1.00 56.01 ? 1015 HOH A O   1 
HETATM 1369 O O   . HOH G 4 .   ? -11.472 13.638  9.887   1.00 61.80 ? 1016 HOH A O   1 
HETATM 1370 O O   . HOH G 4 .   ? 2.389   14.968  -0.042  1.00 54.86 ? 1017 HOH A O   1 
HETATM 1371 O O   . HOH G 4 .   ? 5.905   5.380   -13.855 1.00 39.19 ? 1018 HOH A O   1 
HETATM 1372 O O   . HOH G 4 .   ? -18.690 -1.846  6.466   1.00 50.87 ? 1019 HOH A O   1 
HETATM 1373 O O   . HOH G 4 .   ? -14.203 14.263  -3.393  1.00 48.84 ? 1020 HOH A O   1 
HETATM 1374 O O   . HOH G 4 .   ? 21.101  -7.262  4.172   1.00 42.54 ? 1021 HOH A O   1 
HETATM 1375 O O   . HOH G 4 .   ? 13.260  13.656  2.301   1.00 55.50 ? 1022 HOH A O   1 
HETATM 1376 O O   . HOH G 4 .   ? -16.703 5.173   11.107  1.00 43.42 ? 1023 HOH A O   1 
HETATM 1377 O O   . HOH G 4 .   ? -7.930  12.243  12.915  1.00 48.69 ? 1024 HOH A O   1 
HETATM 1378 O O   . HOH G 4 .   ? -24.270 -2.439  6.435   1.00 54.34 ? 1025 HOH A O   1 
HETATM 1379 O O   . HOH G 4 .   ? 20.729  -5.476  2.093   1.00 50.50 ? 1026 HOH A O   1 
HETATM 1380 O O   . HOH G 4 .   ? 21.063  -3.086  10.930  1.00 51.47 ? 1027 HOH A O   1 
HETATM 1381 O O   . HOH G 4 .   ? 12.963  -15.215 -4.982  1.00 60.48 ? 1028 HOH A O   1 
HETATM 1382 O O   . HOH G 4 .   ? -16.016 -4.197  9.461   1.00 52.02 ? 1029 HOH A O   1 
HETATM 1383 O O   . HOH G 4 .   ? 2.040   14.472  -10.622 1.00 40.42 ? 1030 HOH A O   1 
HETATM 1384 O O   . HOH G 4 .   ? -8.247  2.815   -11.820 1.00 47.86 ? 1031 HOH A O   1 
HETATM 1385 O O   . HOH G 4 .   ? 16.978  -7.185  -13.362 1.00 51.63 ? 1032 HOH A O   1 
HETATM 1386 O O   . HOH G 4 .   ? -10.941 -15.892 -15.300 1.00 49.16 ? 1033 HOH A O   1 
HETATM 1387 O O   . HOH G 4 .   ? -10.916 -6.826  -11.764 1.00 67.43 ? 1034 HOH A O   1 
HETATM 1388 O O   . HOH G 4 .   ? -20.436 10.519  3.180   1.00 62.30 ? 1035 HOH A O   1 
HETATM 1389 O O   . HOH G 4 .   ? 16.873  -4.422  -8.499  1.00 65.60 ? 1036 HOH A O   1 
HETATM 1390 O O   . HOH G 4 .   ? -5.002  -10.363 -13.031 1.00 56.30 ? 1037 HOH A O   1 
HETATM 1391 O O   . HOH G 4 .   ? 2.800   -5.527  -10.184 1.00 39.90 ? 1038 HOH A O   1 
HETATM 1392 O O   . HOH G 4 .   ? 5.037   -7.873  -6.396  1.00 49.50 ? 1039 HOH A O   1 
HETATM 1393 O O   . HOH G 4 .   ? 13.654  -8.465  9.823   1.00 62.35 ? 1040 HOH A O   1 
HETATM 1394 O O   . HOH G 4 .   ? -17.975 6.589   -6.715  1.00 48.55 ? 1041 HOH A O   1 
HETATM 1395 O O   . HOH G 4 .   ? 14.193  -4.026  -7.295  1.00 56.29 ? 1042 HOH A O   1 
HETATM 1396 O O   . HOH G 4 .   ? 21.638  -12.429 4.114   1.00 55.93 ? 1043 HOH A O   1 
HETATM 1397 O O   . HOH G 4 .   ? 22.222  -6.276  7.078   1.00 54.22 ? 1044 HOH A O   1 
# 
